data_2JST
#
_entry.id   2JST
#
_cell.length_a   1.000
_cell.length_b   1.000
_cell.length_c   1.000
_cell.angle_alpha   90.00
_cell.angle_beta   90.00
_cell.angle_gamma   90.00
#
_symmetry.space_group_name_H-M   'P 1'
#
loop_
_entity.id
_entity.type
_entity.pdbx_description
1 polymer 'Four-Alpha-Helix Bundle'
2 non-polymer 2-BROMO-2-CHLORO-1,1,1-TRIFLUOROETHANE
#
_entity_poly.entity_id   1
_entity_poly.type   'polypeptide(L)'
_entity_poly.pdbx_seq_one_letter_code
;MKKLREEAAKLFEEWKKLAEEAAKLLEGGGGGGGGELMKLCEEAAKKAEELFKLAEERLKKL
;
_entity_poly.pdbx_strand_id   A,B
#
loop_
_chem_comp.id
_chem_comp.type
_chem_comp.name
_chem_comp.formula
HLT non-polymer 2-BROMO-2-CHLORO-1,1,1-TRIFLUOROETHANE 'C2 H Br Cl F3'
#
# COMPACT_ATOMS: atom_id res chain seq x y z
N MET A 1 16.33 -4.52 14.51
CA MET A 1 17.68 -4.91 14.09
C MET A 1 18.13 -6.17 14.82
N LYS A 2 17.17 -6.98 15.25
CA LYS A 2 17.47 -8.21 15.95
C LYS A 2 18.02 -9.26 15.00
N LYS A 3 17.15 -9.84 14.18
CA LYS A 3 17.56 -10.85 13.21
C LYS A 3 16.36 -11.34 12.40
N LEU A 4 15.21 -11.45 13.05
CA LEU A 4 13.99 -11.89 12.37
C LEU A 4 12.92 -10.80 12.40
N ARG A 5 13.00 -9.93 13.40
CA ARG A 5 12.04 -8.84 13.52
C ARG A 5 12.29 -7.77 12.45
N GLU A 6 13.56 -7.41 12.28
CA GLU A 6 13.92 -6.40 11.29
C GLU A 6 13.37 -6.76 9.92
N GLU A 7 13.20 -8.05 9.66
CA GLU A 7 12.69 -8.53 8.39
C GLU A 7 11.35 -7.87 8.06
N ALA A 8 10.60 -7.52 9.11
CA ALA A 8 9.31 -6.89 8.93
C ALA A 8 9.46 -5.43 8.52
N ALA A 9 10.58 -4.83 8.90
CA ALA A 9 10.85 -3.44 8.56
C ALA A 9 10.98 -3.25 7.05
N LYS A 10 11.65 -4.20 6.39
CA LYS A 10 11.83 -4.14 4.95
C LYS A 10 10.51 -4.27 4.22
N LEU A 11 9.61 -5.08 4.78
CA LEU A 11 8.30 -5.29 4.18
C LEU A 11 7.61 -3.96 3.89
N PHE A 12 7.67 -3.05 4.85
CA PHE A 12 7.06 -1.72 4.70
C PHE A 12 7.87 -0.86 3.74
N GLU A 13 9.15 -1.18 3.60
CA GLU A 13 10.02 -0.42 2.71
C GLU A 13 9.50 -0.45 1.27
N GLU A 14 8.96 -1.59 0.87
CA GLU A 14 8.42 -1.75 -0.48
C GLU A 14 7.09 -1.02 -0.62
N TRP A 15 6.31 -1.01 0.45
CA TRP A 15 5.01 -0.35 0.45
C TRP A 15 5.14 1.11 0.04
N LYS A 16 6.09 1.80 0.67
CA LYS A 16 6.33 3.21 0.37
C LYS A 16 7.07 3.38 -0.95
N LYS A 17 7.83 2.36 -1.33
CA LYS A 17 8.58 2.39 -2.58
C LYS A 17 7.65 2.37 -3.78
N LEU A 18 6.84 1.32 -3.88
CA LEU A 18 5.89 1.19 -4.99
C LEU A 18 5.00 2.41 -5.08
N ALA A 19 4.69 3.01 -3.94
CA ALA A 19 3.84 4.20 -3.91
C ALA A 19 4.50 5.36 -4.64
N GLU A 20 5.82 5.33 -4.73
CA GLU A 20 6.56 6.39 -5.41
C GLU A 20 6.38 6.30 -6.93
N GLU A 21 6.58 5.10 -7.46
CA GLU A 21 6.45 4.87 -8.90
C GLU A 21 4.97 4.86 -9.31
N ALA A 22 4.17 4.10 -8.57
CA ALA A 22 2.75 4.00 -8.87
C ALA A 22 2.09 5.37 -8.83
N ALA A 23 2.71 6.31 -8.12
CA ALA A 23 2.18 7.66 -8.01
C ALA A 23 2.42 8.45 -9.29
N LYS A 24 3.67 8.52 -9.72
CA LYS A 24 4.03 9.24 -10.93
C LYS A 24 3.43 8.58 -12.16
N LEU A 25 3.26 7.26 -12.10
CA LEU A 25 2.70 6.50 -13.21
C LEU A 25 1.17 6.66 -13.26
N LEU A 26 0.54 6.62 -12.08
CA LEU A 26 -0.90 6.77 -11.99
C LEU A 26 -1.39 7.99 -12.76
N GLU A 27 -0.74 9.13 -12.50
CA GLU A 27 -1.10 10.37 -13.17
C GLU A 27 -0.28 10.56 -14.44
N GLY A 28 0.40 9.50 -14.86
CA GLY A 28 1.21 9.57 -16.07
C GLY A 28 0.39 9.93 -17.29
N GLY A 29 -0.93 9.83 -17.17
CA GLY A 29 -1.80 10.14 -18.29
C GLY A 29 -2.91 9.12 -18.48
N GLY A 30 -3.54 8.74 -17.37
CA GLY A 30 -4.61 7.76 -17.44
C GLY A 30 -5.96 8.36 -17.12
N GLY A 31 -6.01 9.17 -16.07
CA GLY A 31 -7.27 9.80 -15.67
C GLY A 31 -7.09 10.75 -14.51
N GLY A 32 -7.63 11.96 -14.65
CA GLY A 32 -7.52 12.96 -13.60
C GLY A 32 -8.82 13.72 -13.38
N GLY A 33 -9.45 13.48 -12.23
CA GLY A 33 -10.70 14.15 -11.92
C GLY A 33 -10.55 15.15 -10.79
N GLY A 34 -9.86 14.74 -9.72
CA GLY A 34 -9.68 15.62 -8.58
C GLY A 34 -8.40 15.30 -7.83
N GLY A 35 -7.88 16.30 -7.10
CA GLY A 35 -6.67 16.10 -6.34
C GLY A 35 -6.87 15.16 -5.15
N GLU A 36 -7.94 15.40 -4.39
CA GLU A 36 -8.24 14.58 -3.23
C GLU A 36 -8.46 13.12 -3.64
N LEU A 37 -9.09 12.92 -4.79
CA LEU A 37 -9.36 11.58 -5.30
C LEU A 37 -8.09 10.74 -5.33
N MET A 38 -7.08 11.23 -6.03
CA MET A 38 -5.81 10.53 -6.14
C MET A 38 -5.09 10.49 -4.79
N LYS A 39 -5.37 11.48 -3.95
CA LYS A 39 -4.76 11.56 -2.63
C LYS A 39 -4.97 10.27 -1.86
N LEU A 40 -6.07 9.59 -2.13
CA LEU A 40 -6.39 8.34 -1.46
C LEU A 40 -5.33 7.27 -1.74
N CYS A 41 -4.70 7.38 -2.91
CA CYS A 41 -3.67 6.43 -3.30
C CYS A 41 -2.39 6.65 -2.50
N GLU A 42 -1.95 7.91 -2.43
CA GLU A 42 -0.74 8.25 -1.69
C GLU A 42 -0.93 8.01 -0.20
N GLU A 43 -2.19 8.07 0.25
CA GLU A 43 -2.49 7.87 1.66
C GLU A 43 -1.95 6.52 2.15
N ALA A 44 -1.83 5.56 1.23
CA ALA A 44 -1.32 4.25 1.57
C ALA A 44 0.02 4.34 2.30
N ALA A 45 0.90 5.22 1.81
CA ALA A 45 2.20 5.40 2.43
C ALA A 45 2.09 6.20 3.72
N LYS A 46 1.02 6.98 3.85
CA LYS A 46 0.80 7.78 5.04
C LYS A 46 0.48 6.90 6.25
N LYS A 47 -0.43 5.95 6.05
CA LYS A 47 -0.81 5.03 7.11
C LYS A 47 0.34 4.12 7.50
N ALA A 48 0.86 3.39 6.53
CA ALA A 48 1.98 2.48 6.77
C ALA A 48 3.15 3.21 7.43
N GLU A 49 3.25 4.52 7.17
CA GLU A 49 4.32 5.32 7.74
C GLU A 49 4.13 5.51 9.24
N GLU A 50 2.90 5.79 9.65
CA GLU A 50 2.59 5.99 11.06
C GLU A 50 3.03 4.79 11.88
N LEU A 51 2.64 3.61 11.46
CA LEU A 51 3.00 2.38 12.17
C LEU A 51 4.48 2.04 11.95
N PHE A 52 4.99 2.41 10.79
CA PHE A 52 6.39 2.15 10.46
C PHE A 52 7.33 2.83 11.46
N LYS A 53 6.83 3.89 12.10
CA LYS A 53 7.61 4.63 13.08
C LYS A 53 7.82 3.80 14.34
N LEU A 54 6.72 3.37 14.95
CA LEU A 54 6.77 2.58 16.17
C LEU A 54 7.26 1.16 15.87
N ALA A 55 7.04 0.72 14.64
CA ALA A 55 7.46 -0.61 14.22
C ALA A 55 8.96 -0.82 14.45
N GLU A 56 9.70 0.28 14.47
CA GLU A 56 11.15 0.22 14.68
C GLU A 56 11.48 -0.01 16.15
N GLU A 57 10.56 0.41 17.03
CA GLU A 57 10.76 0.25 18.46
C GLU A 57 10.87 -1.23 18.83
N ARG A 58 9.93 -2.03 18.35
CA ARG A 58 9.93 -3.46 18.63
C ARG A 58 10.95 -4.19 17.77
N LEU A 59 11.33 -3.57 16.65
CA LEU A 59 12.29 -4.16 15.74
C LEU A 59 13.73 -3.84 16.18
N LYS A 60 14.16 -2.62 15.90
CA LYS A 60 15.50 -2.18 16.28
C LYS A 60 15.46 -1.32 17.54
N LYS A 61 16.63 -0.79 17.92
CA LYS A 61 16.73 0.05 19.10
C LYS A 61 17.11 1.47 18.73
N LEU A 62 16.11 2.29 18.43
CA LEU A 62 16.34 3.68 18.06
C LEU A 62 16.97 4.46 19.21
N MET B 1 -10.65 -0.49 -19.59
CA MET B 1 -10.40 -1.51 -20.61
C MET B 1 -10.15 -0.86 -21.97
N LYS B 2 -9.68 0.38 -21.95
CA LYS B 2 -9.40 1.11 -23.18
C LYS B 2 -8.14 0.57 -23.86
N LYS B 3 -6.99 0.90 -23.30
CA LYS B 3 -5.71 0.45 -23.84
C LYS B 3 -4.54 0.96 -23.00
N LEU B 4 -4.68 2.19 -22.50
CA LEU B 4 -3.63 2.80 -21.67
C LEU B 4 -4.15 3.09 -20.27
N ARG B 5 -5.46 3.30 -20.16
CA ARG B 5 -6.09 3.59 -18.88
C ARG B 5 -6.12 2.34 -18.00
N GLU B 6 -6.52 1.22 -18.59
CA GLU B 6 -6.60 -0.04 -17.86
C GLU B 6 -5.27 -0.36 -17.18
N GLU B 7 -4.19 0.13 -17.76
CA GLU B 7 -2.85 -0.11 -17.21
C GLU B 7 -2.77 0.35 -15.75
N ALA B 8 -3.57 1.35 -15.41
CA ALA B 8 -3.60 1.88 -14.05
C ALA B 8 -4.33 0.94 -13.11
N ALA B 9 -5.26 0.15 -13.67
CA ALA B 9 -6.02 -0.79 -12.87
C ALA B 9 -5.12 -1.88 -12.29
N LYS B 10 -4.17 -2.35 -13.08
CA LYS B 10 -3.24 -3.38 -12.64
C LYS B 10 -2.34 -2.86 -11.52
N LEU B 11 -1.99 -1.59 -11.60
CA LEU B 11 -1.13 -0.97 -10.59
C LEU B 11 -1.69 -1.21 -9.19
N PHE B 12 -3.00 -1.05 -9.03
CA PHE B 12 -3.65 -1.25 -7.75
C PHE B 12 -3.75 -2.74 -7.41
N GLU B 13 -3.72 -3.57 -8.45
CA GLU B 13 -3.81 -5.01 -8.27
C GLU B 13 -2.67 -5.52 -7.37
N GLU B 14 -1.50 -4.93 -7.53
CA GLU B 14 -0.34 -5.32 -6.73
C GLU B 14 -0.45 -4.79 -5.31
N TRP B 15 -1.04 -3.61 -5.17
CA TRP B 15 -1.21 -2.99 -3.85
C TRP B 15 -1.95 -3.92 -2.91
N LYS B 16 -3.06 -4.48 -3.39
CA LYS B 16 -3.86 -5.39 -2.58
C LYS B 16 -3.21 -6.77 -2.50
N LYS B 17 -2.41 -7.10 -3.50
CA LYS B 17 -1.73 -8.38 -3.54
C LYS B 17 -0.66 -8.46 -2.45
N LEU B 18 0.29 -7.53 -2.49
CA LEU B 18 1.37 -7.50 -1.50
C LEU B 18 0.80 -7.44 -0.08
N ALA B 19 -0.35 -6.80 0.06
CA ALA B 19 -1.00 -6.67 1.36
C ALA B 19 -1.42 -8.04 1.89
N GLU B 20 -1.61 -8.99 0.99
CA GLU B 20 -2.02 -10.34 1.38
C GLU B 20 -0.85 -11.09 2.02
N GLU B 21 0.29 -11.07 1.34
CA GLU B 21 1.49 -11.75 1.84
C GLU B 21 2.10 -10.99 3.01
N ALA B 22 2.28 -9.69 2.83
CA ALA B 22 2.85 -8.84 3.86
C ALA B 22 2.05 -8.92 5.16
N ALA B 23 0.78 -9.31 5.03
CA ALA B 23 -0.10 -9.43 6.18
C ALA B 23 0.21 -10.68 6.99
N LYS B 24 0.20 -11.83 6.31
CA LYS B 24 0.47 -13.11 6.96
C LYS B 24 1.92 -13.16 7.44
N LEU B 25 2.81 -12.48 6.72
CA LEU B 25 4.22 -12.45 7.07
C LEU B 25 4.48 -11.51 8.24
N LEU B 26 3.82 -10.35 8.21
CA LEU B 26 3.97 -9.37 9.27
C LEU B 26 3.78 -10.00 10.65
N GLU B 27 2.69 -10.74 10.81
CA GLU B 27 2.39 -11.40 12.07
C GLU B 27 2.98 -12.81 12.09
N GLY B 28 3.85 -13.10 11.13
CA GLY B 28 4.47 -14.41 11.06
C GLY B 28 5.27 -14.74 12.30
N GLY B 29 5.53 -13.73 13.12
CA GLY B 29 6.30 -13.94 14.33
C GLY B 29 7.36 -12.88 14.54
N GLY B 30 6.98 -11.61 14.34
CA GLY B 30 7.92 -10.53 14.51
C GLY B 30 7.59 -9.65 15.70
N GLY B 31 6.31 -9.31 15.83
CA GLY B 31 5.88 -8.47 16.94
C GLY B 31 4.38 -8.28 16.97
N GLY B 32 3.78 -8.48 18.14
CA GLY B 32 2.35 -8.32 18.27
C GLY B 32 1.96 -7.61 19.55
N GLY B 33 1.45 -6.39 19.42
CA GLY B 33 1.05 -5.62 20.59
C GLY B 33 -0.45 -5.43 20.67
N GLY B 34 -1.08 -5.09 19.54
CA GLY B 34 -2.51 -4.89 19.51
C GLY B 34 -3.11 -5.17 18.15
N GLY B 35 -4.41 -5.49 18.13
CA GLY B 35 -5.07 -5.77 16.88
C GLY B 35 -5.22 -4.55 16.00
N GLU B 36 -5.67 -3.45 16.59
CA GLU B 36 -5.85 -2.20 15.85
C GLU B 36 -4.54 -1.72 15.27
N LEU B 37 -3.45 -1.91 16.02
CA LEU B 37 -2.13 -1.49 15.58
C LEU B 37 -1.81 -2.03 14.20
N MET B 38 -1.88 -3.36 14.06
CA MET B 38 -1.61 -4.01 12.79
C MET B 38 -2.68 -3.67 11.76
N LYS B 39 -3.87 -3.36 12.25
CA LYS B 39 -4.99 -3.01 11.37
C LYS B 39 -4.60 -1.87 10.43
N LEU B 40 -3.70 -1.01 10.89
CA LEU B 40 -3.25 0.12 10.09
C LEU B 40 -2.56 -0.36 8.81
N CYS B 41 -1.96 -1.54 8.87
CA CYS B 41 -1.27 -2.10 7.72
C CYS B 41 -2.27 -2.57 6.66
N GLU B 42 -3.27 -3.34 7.10
CA GLU B 42 -4.29 -3.84 6.19
C GLU B 42 -5.13 -2.71 5.62
N GLU B 43 -5.20 -1.60 6.35
CA GLU B 43 -5.97 -0.44 5.91
C GLU B 43 -5.52 0.01 4.53
N ALA B 44 -4.25 -0.24 4.20
CA ALA B 44 -3.70 0.14 2.91
C ALA B 44 -4.58 -0.36 1.77
N ALA B 45 -5.02 -1.60 1.89
CA ALA B 45 -5.87 -2.20 0.85
C ALA B 45 -7.29 -1.66 0.93
N LYS B 46 -7.68 -1.16 2.10
CA LYS B 46 -9.01 -0.60 2.31
C LYS B 46 -9.17 0.70 1.54
N LYS B 47 -8.18 1.59 1.66
CA LYS B 47 -8.21 2.87 0.97
C LYS B 47 -8.12 2.68 -0.54
N ALA B 48 -7.06 2.02 -0.99
CA ALA B 48 -6.86 1.78 -2.41
C ALA B 48 -8.07 1.09 -3.03
N GLU B 49 -8.80 0.34 -2.21
CA GLU B 49 -9.99 -0.37 -2.68
C GLU B 49 -11.12 0.61 -2.99
N GLU B 50 -11.33 1.58 -2.12
CA GLU B 50 -12.37 2.57 -2.31
C GLU B 50 -12.24 3.25 -3.67
N LEU B 51 -11.03 3.75 -3.95
CA LEU B 51 -10.77 4.41 -5.22
C LEU B 51 -10.72 3.42 -6.37
N PHE B 52 -10.27 2.20 -6.07
CA PHE B 52 -10.18 1.15 -7.08
C PHE B 52 -11.55 0.85 -7.68
N LYS B 53 -12.60 1.15 -6.93
CA LYS B 53 -13.96 0.91 -7.39
C LYS B 53 -14.33 1.87 -8.51
N LEU B 54 -14.22 3.17 -8.24
CA LEU B 54 -14.54 4.19 -9.23
C LEU B 54 -13.48 4.25 -10.32
N ALA B 55 -12.27 3.82 -9.97
CA ALA B 55 -11.16 3.82 -10.93
C ALA B 55 -11.51 3.03 -12.18
N GLU B 56 -12.44 2.08 -12.03
CA GLU B 56 -12.86 1.25 -13.15
C GLU B 56 -13.81 2.01 -14.07
N GLU B 57 -14.50 2.99 -13.52
CA GLU B 57 -15.44 3.80 -14.28
C GLU B 57 -14.71 4.55 -15.41
N ARG B 58 -13.62 5.22 -15.06
CA ARG B 58 -12.84 5.97 -16.05
C ARG B 58 -11.98 5.04 -16.87
N LEU B 59 -11.69 3.85 -16.34
CA LEU B 59 -10.87 2.87 -17.03
C LEU B 59 -11.71 2.04 -17.99
N LYS B 60 -12.45 1.07 -17.45
CA LYS B 60 -13.30 0.21 -18.25
C LYS B 60 -14.76 0.65 -18.17
N LYS B 61 -15.64 -0.12 -18.80
CA LYS B 61 -17.07 0.19 -18.81
C LYS B 61 -17.85 -0.87 -18.06
N LEU B 62 -17.98 -0.70 -16.74
CA LEU B 62 -18.71 -1.65 -15.92
C LEU B 62 -20.19 -1.69 -16.30
F1 HLT C . -0.02 -0.06 0.58
C2 HLT C . 0.24 -1.19 -0.15
F2 HLT C . 0.14 -2.26 0.68
F3 HLT C . -0.71 -1.29 -1.12
C1 HLT C . 1.69 -1.10 -0.79
BR HLT C . 2.06 -2.68 -1.74
CL HLT C . 1.80 0.35 -1.80
HC1 HLT C . 2.41 -1.01 0.03
N MET A 1 21.34 -2.72 16.42
CA MET A 1 20.24 -2.76 17.36
C MET A 1 19.24 -3.84 17.00
N LYS A 2 19.16 -4.17 15.72
CA LYS A 2 18.24 -5.20 15.24
C LYS A 2 19.01 -6.40 14.69
N LYS A 3 18.28 -7.42 14.26
CA LYS A 3 18.89 -8.63 13.72
C LYS A 3 17.94 -9.31 12.73
N LEU A 4 16.82 -9.79 13.25
CA LEU A 4 15.82 -10.47 12.41
C LEU A 4 14.51 -9.68 12.37
N ARG A 5 14.32 -8.83 13.38
CA ARG A 5 13.10 -8.03 13.46
C ARG A 5 13.08 -6.96 12.36
N GLU A 6 14.21 -6.31 12.16
CA GLU A 6 14.32 -5.27 11.14
C GLU A 6 13.87 -5.78 9.79
N GLU A 7 14.01 -7.09 9.57
CA GLU A 7 13.62 -7.71 8.31
C GLU A 7 12.14 -7.45 8.03
N ALA A 8 11.36 -7.31 9.09
CA ALA A 8 9.93 -7.07 8.96
C ALA A 8 9.65 -5.62 8.53
N ALA A 9 10.55 -4.72 8.92
CA ALA A 9 10.40 -3.31 8.57
C ALA A 9 10.41 -3.10 7.07
N LYS A 10 11.31 -3.79 6.38
CA LYS A 10 11.42 -3.68 4.93
C LYS A 10 10.10 -4.02 4.26
N LEU A 11 9.33 -4.91 4.88
CA LEU A 11 8.04 -5.31 4.35
C LEU A 11 7.18 -4.09 4.03
N PHE A 12 7.12 -3.16 4.97
CA PHE A 12 6.33 -1.94 4.79
C PHE A 12 7.02 -0.99 3.81
N GLU A 13 8.34 -1.11 3.69
CA GLU A 13 9.10 -0.26 2.78
C GLU A 13 8.53 -0.33 1.37
N GLU A 14 8.00 -1.50 1.00
CA GLU A 14 7.42 -1.69 -0.32
C GLU A 14 6.18 -0.83 -0.51
N TRP A 15 5.45 -0.62 0.58
CA TRP A 15 4.23 0.18 0.54
C TRP A 15 4.55 1.65 0.26
N LYS A 16 5.57 2.16 0.94
CA LYS A 16 5.98 3.55 0.77
C LYS A 16 6.78 3.72 -0.51
N LYS A 17 7.52 2.69 -0.89
CA LYS A 17 8.32 2.73 -2.11
C LYS A 17 7.45 2.62 -3.35
N LEU A 18 6.60 1.60 -3.38
CA LEU A 18 5.69 1.38 -4.51
C LEU A 18 4.84 2.62 -4.76
N ALA A 19 4.59 3.39 -3.71
CA ALA A 19 3.78 4.60 -3.81
C ALA A 19 4.54 5.70 -4.53
N GLU A 20 5.87 5.62 -4.49
CA GLU A 20 6.72 6.62 -5.13
C GLU A 20 6.70 6.45 -6.66
N GLU A 21 6.90 5.23 -7.11
CA GLU A 21 6.91 4.93 -8.54
C GLU A 21 5.49 4.96 -9.10
N ALA A 22 4.60 4.21 -8.46
CA ALA A 22 3.21 4.15 -8.90
C ALA A 22 2.60 5.54 -9.03
N ALA A 23 3.10 6.48 -8.23
CA ALA A 23 2.61 7.84 -8.26
C ALA A 23 3.07 8.56 -9.53
N LYS A 24 4.38 8.56 -9.76
CA LYS A 24 4.95 9.20 -10.93
C LYS A 24 4.48 8.52 -12.22
N LEU A 25 4.27 7.21 -12.14
CA LEU A 25 3.83 6.44 -13.29
C LEU A 25 2.34 6.66 -13.54
N LEU A 26 1.56 6.68 -12.47
CA LEU A 26 0.11 6.89 -12.57
C LEU A 26 -0.20 8.11 -13.43
N GLU A 27 0.48 9.22 -13.13
CA GLU A 27 0.28 10.47 -13.88
C GLU A 27 1.30 10.61 -14.99
N GLY A 28 2.01 9.52 -15.28
CA GLY A 28 3.02 9.55 -16.32
C GLY A 28 2.45 9.91 -17.67
N GLY A 29 1.12 9.85 -17.79
CA GLY A 29 0.46 10.18 -19.04
C GLY A 29 -0.62 9.19 -19.40
N GLY A 30 -1.45 8.84 -18.42
CA GLY A 30 -2.53 7.90 -18.67
C GLY A 30 -3.83 8.32 -18.02
N GLY A 31 -4.17 9.61 -18.15
CA GLY A 31 -5.39 10.12 -17.58
C GLY A 31 -5.28 11.58 -17.18
N GLY A 32 -5.01 12.43 -18.16
CA GLY A 32 -4.89 13.86 -17.89
C GLY A 32 -3.87 14.15 -16.81
N GLY A 33 -4.36 14.43 -15.60
CA GLY A 33 -3.47 14.72 -14.50
C GLY A 33 -4.22 15.04 -13.22
N GLY A 34 -3.89 16.16 -12.59
CA GLY A 34 -4.55 16.54 -11.36
C GLY A 34 -3.88 15.95 -10.13
N GLY A 35 -3.47 16.82 -9.20
CA GLY A 35 -2.81 16.35 -8.00
C GLY A 35 -3.77 15.64 -7.06
N GLU A 36 -4.96 16.21 -6.88
CA GLU A 36 -5.96 15.62 -6.02
C GLU A 36 -6.20 14.15 -6.35
N LEU A 37 -6.14 13.84 -7.64
CA LEU A 37 -6.34 12.47 -8.09
C LEU A 37 -5.27 11.54 -7.54
N MET A 38 -4.04 12.03 -7.49
CA MET A 38 -2.92 11.25 -6.98
C MET A 38 -3.00 11.11 -5.47
N LYS A 39 -3.66 12.07 -4.82
CA LYS A 39 -3.81 12.05 -3.38
C LYS A 39 -4.41 10.72 -2.90
N LEU A 40 -5.22 10.10 -3.76
CA LEU A 40 -5.84 8.83 -3.43
C LEU A 40 -4.80 7.75 -3.18
N CYS A 41 -3.96 7.50 -4.19
CA CYS A 41 -2.92 6.49 -4.08
C CYS A 41 -1.83 6.94 -3.10
N GLU A 42 -1.71 8.26 -2.92
CA GLU A 42 -0.71 8.81 -2.01
C GLU A 42 -0.86 8.22 -0.61
N GLU A 43 -2.07 7.77 -0.29
CA GLU A 43 -2.35 7.19 1.02
C GLU A 43 -1.38 6.04 1.32
N ALA A 44 -1.07 5.26 0.29
CA ALA A 44 -0.16 4.13 0.44
C ALA A 44 1.15 4.56 1.12
N ALA A 45 1.66 5.72 0.71
CA ALA A 45 2.90 6.25 1.29
C ALA A 45 2.66 6.81 2.68
N LYS A 46 1.41 7.17 2.97
CA LYS A 46 1.06 7.73 4.27
C LYS A 46 0.99 6.63 5.33
N LYS A 47 0.29 5.55 5.01
CA LYS A 47 0.15 4.42 5.92
C LYS A 47 1.52 3.91 6.37
N ALA A 48 2.35 3.56 5.39
CA ALA A 48 3.69 3.06 5.68
C ALA A 48 4.44 3.99 6.62
N GLU A 49 4.23 5.29 6.44
CA GLU A 49 4.89 6.29 7.28
C GLU A 49 4.45 6.16 8.74
N GLU A 50 3.15 6.01 8.94
CA GLU A 50 2.60 5.87 10.29
C GLU A 50 2.90 4.49 10.86
N LEU A 51 3.06 3.51 9.99
CA LEU A 51 3.35 2.14 10.40
C LEU A 51 4.80 2.02 10.88
N PHE A 52 5.73 2.45 10.05
CA PHE A 52 7.15 2.39 10.39
C PHE A 52 7.41 3.12 11.71
N LYS A 53 6.64 4.18 11.97
CA LYS A 53 6.80 4.96 13.19
C LYS A 53 6.79 4.06 14.41
N LEU A 54 5.68 3.33 14.60
CA LEU A 54 5.54 2.44 15.73
C LEU A 54 6.36 1.17 15.53
N ALA A 55 6.64 0.84 14.27
CA ALA A 55 7.42 -0.34 13.94
C ALA A 55 8.76 -0.33 14.66
N GLU A 56 9.36 0.85 14.78
CA GLU A 56 10.65 1.00 15.44
C GLU A 56 10.62 0.37 16.83
N GLU A 57 9.45 0.37 17.44
CA GLU A 57 9.28 -0.21 18.77
C GLU A 57 9.42 -1.72 18.74
N ARG A 58 8.72 -2.35 17.79
CA ARG A 58 8.76 -3.80 17.65
C ARG A 58 10.04 -4.24 16.96
N LEU A 59 10.74 -3.29 16.36
CA LEU A 59 11.98 -3.58 15.64
C LEU A 59 13.19 -3.36 16.55
N LYS A 60 13.36 -2.12 17.01
CA LYS A 60 14.47 -1.78 17.89
C LYS A 60 13.96 -1.24 19.22
N LYS A 61 14.89 -0.82 20.07
CA LYS A 61 14.53 -0.29 21.38
C LYS A 61 14.79 1.22 21.45
N LEU A 62 13.78 2.00 21.08
CA LEU A 62 13.90 3.46 21.10
C LEU A 62 14.41 3.95 22.44
N MET B 1 -14.18 -2.24 -23.25
CA MET B 1 -14.51 -0.91 -22.77
C MET B 1 -13.24 -0.10 -22.49
N LYS B 2 -12.15 -0.80 -22.16
CA LYS B 2 -10.88 -0.16 -21.88
C LYS B 2 -9.84 -0.52 -22.93
N LYS B 3 -8.65 0.04 -22.79
CA LYS B 3 -7.56 -0.23 -23.73
C LYS B 3 -6.20 -0.05 -23.06
N LEU B 4 -5.91 1.18 -22.65
CA LEU B 4 -4.65 1.48 -21.99
C LEU B 4 -4.88 1.96 -20.56
N ARG B 5 -6.09 2.43 -20.28
CA ARG B 5 -6.44 2.91 -18.95
C ARG B 5 -6.51 1.75 -17.95
N GLU B 6 -7.13 0.65 -18.38
CA GLU B 6 -7.27 -0.52 -17.52
C GLU B 6 -5.90 -0.96 -16.99
N GLU B 7 -4.85 -0.69 -17.76
CA GLU B 7 -3.50 -1.06 -17.36
C GLU B 7 -3.14 -0.45 -16.02
N ALA B 8 -3.74 0.70 -15.71
CA ALA B 8 -3.49 1.38 -14.45
C ALA B 8 -4.21 0.69 -13.29
N ALA B 9 -5.32 0.03 -13.60
CA ALA B 9 -6.09 -0.67 -12.58
C ALA B 9 -5.28 -1.81 -11.96
N LYS B 10 -4.54 -2.52 -12.79
CA LYS B 10 -3.71 -3.63 -12.32
C LYS B 10 -2.75 -3.16 -11.23
N LEU B 11 -2.29 -1.92 -11.35
CA LEU B 11 -1.37 -1.35 -10.37
C LEU B 11 -1.88 -1.53 -8.95
N PHE B 12 -3.17 -1.24 -8.75
CA PHE B 12 -3.78 -1.37 -7.44
C PHE B 12 -4.01 -2.83 -7.09
N GLU B 13 -4.15 -3.67 -8.12
CA GLU B 13 -4.37 -5.09 -7.93
C GLU B 13 -3.24 -5.72 -7.11
N GLU B 14 -2.01 -5.33 -7.43
CA GLU B 14 -0.84 -5.85 -6.73
C GLU B 14 -0.71 -5.22 -5.34
N TRP B 15 -1.21 -4.00 -5.21
CA TRP B 15 -1.15 -3.28 -3.94
C TRP B 15 -1.88 -4.05 -2.84
N LYS B 16 -3.09 -4.52 -3.14
CA LYS B 16 -3.87 -5.28 -2.19
C LYS B 16 -3.38 -6.71 -2.08
N LYS B 17 -2.77 -7.20 -3.16
CA LYS B 17 -2.25 -8.57 -3.18
C LYS B 17 -1.07 -8.71 -2.22
N LEU B 18 -0.10 -7.82 -2.34
CA LEU B 18 1.08 -7.85 -1.49
C LEU B 18 0.69 -7.78 -0.02
N ALA B 19 -0.47 -7.19 0.25
CA ALA B 19 -0.96 -7.06 1.62
C ALA B 19 -1.45 -8.40 2.16
N GLU B 20 -1.78 -9.32 1.24
CA GLU B 20 -2.25 -10.64 1.63
C GLU B 20 -1.11 -11.49 2.17
N GLU B 21 0.00 -11.53 1.44
CA GLU B 21 1.16 -12.31 1.85
C GLU B 21 1.89 -11.63 3.00
N ALA B 22 2.20 -10.35 2.82
CA ALA B 22 2.90 -9.59 3.85
C ALA B 22 2.18 -9.68 5.20
N ALA B 23 0.86 -9.84 5.14
CA ALA B 23 0.05 -9.94 6.35
C ALA B 23 0.28 -11.27 7.05
N LYS B 24 0.11 -12.36 6.31
CA LYS B 24 0.30 -13.70 6.86
C LYS B 24 1.76 -13.91 7.26
N LEU B 25 2.68 -13.31 6.52
CA LEU B 25 4.09 -13.43 6.80
C LEU B 25 4.50 -12.57 8.00
N LEU B 26 3.95 -11.36 8.06
CA LEU B 26 4.25 -10.45 9.15
C LEU B 26 4.05 -11.13 10.50
N GLU B 27 2.92 -11.79 10.66
CA GLU B 27 2.61 -12.48 11.91
C GLU B 27 3.00 -13.96 11.82
N GLY B 28 3.76 -14.30 10.78
CA GLY B 28 4.19 -15.68 10.60
C GLY B 28 5.01 -16.20 11.77
N GLY B 29 5.47 -15.27 12.62
CA GLY B 29 6.27 -15.66 13.77
C GLY B 29 7.46 -14.75 13.98
N GLY B 30 7.23 -13.44 13.90
CA GLY B 30 8.30 -12.49 14.08
C GLY B 30 7.90 -11.31 14.96
N GLY B 31 7.22 -11.61 16.06
CA GLY B 31 6.78 -10.57 16.96
C GLY B 31 5.52 -10.94 17.72
N GLY B 32 5.61 -11.99 18.54
CA GLY B 32 4.46 -12.42 19.31
C GLY B 32 3.26 -12.76 18.43
N GLY B 33 2.29 -11.85 18.37
CA GLY B 33 1.11 -12.07 17.56
C GLY B 33 0.13 -10.93 17.67
N GLY B 34 -1.14 -11.27 17.95
CA GLY B 34 -2.17 -10.25 18.06
C GLY B 34 -2.79 -9.91 16.73
N GLY B 35 -4.11 -10.05 16.64
CA GLY B 35 -4.82 -9.74 15.41
C GLY B 35 -4.86 -8.26 15.12
N GLU B 36 -5.13 -7.46 16.13
CA GLU B 36 -5.20 -6.01 15.99
C GLU B 36 -3.94 -5.48 15.31
N LEU B 37 -2.80 -6.11 15.60
CA LEU B 37 -1.53 -5.69 15.02
C LEU B 37 -1.56 -5.82 13.50
N MET B 38 -2.18 -6.89 13.01
CA MET B 38 -2.28 -7.13 11.58
C MET B 38 -3.27 -6.16 10.93
N LYS B 39 -4.24 -5.69 11.71
CA LYS B 39 -5.24 -4.76 11.22
C LYS B 39 -4.59 -3.51 10.63
N LEU B 40 -3.40 -3.19 11.13
CA LEU B 40 -2.67 -2.02 10.65
C LEU B 40 -2.37 -2.13 9.17
N CYS B 41 -1.65 -3.19 8.80
CA CYS B 41 -1.30 -3.42 7.40
C CYS B 41 -2.53 -3.79 6.58
N GLU B 42 -3.55 -4.31 7.25
CA GLU B 42 -4.79 -4.70 6.59
C GLU B 42 -5.37 -3.54 5.78
N GLU B 43 -5.03 -2.31 6.20
CA GLU B 43 -5.53 -1.12 5.53
C GLU B 43 -5.21 -1.16 4.04
N ALA B 44 -4.05 -1.73 3.70
CA ALA B 44 -3.63 -1.85 2.32
C ALA B 44 -4.72 -2.47 1.45
N ALA B 45 -5.38 -3.50 1.98
CA ALA B 45 -6.45 -4.17 1.26
C ALA B 45 -7.73 -3.33 1.25
N LYS B 46 -7.85 -2.45 2.23
CA LYS B 46 -9.01 -1.58 2.34
C LYS B 46 -8.92 -0.42 1.35
N LYS B 47 -7.79 0.26 1.35
CA LYS B 47 -7.58 1.39 0.45
C LYS B 47 -7.80 0.98 -1.01
N ALA B 48 -7.09 -0.05 -1.43
CA ALA B 48 -7.21 -0.55 -2.80
C ALA B 48 -8.67 -0.81 -3.15
N GLU B 49 -9.43 -1.31 -2.19
CA GLU B 49 -10.84 -1.60 -2.40
C GLU B 49 -11.62 -0.34 -2.71
N GLU B 50 -11.37 0.72 -1.95
CA GLU B 50 -12.06 1.99 -2.14
C GLU B 50 -11.53 2.71 -3.38
N LEU B 51 -10.28 2.43 -3.72
CA LEU B 51 -9.65 3.04 -4.89
C LEU B 51 -10.22 2.47 -6.18
N PHE B 52 -10.22 1.14 -6.29
CA PHE B 52 -10.73 0.47 -7.48
C PHE B 52 -12.16 0.91 -7.76
N LYS B 53 -12.92 1.18 -6.71
CA LYS B 53 -14.31 1.61 -6.85
C LYS B 53 -14.41 2.79 -7.81
N LEU B 54 -13.74 3.89 -7.48
CA LEU B 54 -13.76 5.08 -8.30
C LEU B 54 -12.89 4.90 -9.55
N ALA B 55 -11.90 4.00 -9.45
CA ALA B 55 -11.01 3.74 -10.56
C ALA B 55 -11.80 3.37 -11.83
N GLU B 56 -12.88 2.62 -11.65
CA GLU B 56 -13.72 2.21 -12.77
C GLU B 56 -14.14 3.41 -13.61
N GLU B 57 -14.25 4.57 -12.96
CA GLU B 57 -14.65 5.79 -13.65
C GLU B 57 -13.54 6.27 -14.58
N ARG B 58 -12.32 6.31 -14.06
CA ARG B 58 -11.17 6.76 -14.84
C ARG B 58 -10.69 5.66 -15.78
N LEU B 59 -11.18 4.45 -15.56
CA LEU B 59 -10.81 3.31 -16.40
C LEU B 59 -11.83 3.08 -17.50
N LYS B 60 -13.07 2.81 -17.11
CA LYS B 60 -14.14 2.58 -18.07
C LYS B 60 -15.26 3.61 -17.89
N LYS B 61 -16.33 3.43 -18.65
CA LYS B 61 -17.47 4.34 -18.58
C LYS B 61 -18.67 3.65 -17.94
N LEU B 62 -18.78 3.75 -16.61
CA LEU B 62 -19.88 3.13 -15.88
C LEU B 62 -21.21 3.54 -16.49
F1 HLT C . -0.26 -2.32 -0.01
C2 HLT C . 0.72 -3.08 0.55
F2 HLT C . 0.78 -2.80 1.88
F3 HLT C . 0.39 -4.40 0.41
C1 HLT C . 2.11 -2.76 -0.14
BR HLT C . 3.48 -3.77 0.66
CL HLT C . 1.97 -3.08 -1.88
HC1 HLT C . 2.32 -1.70 -0.01
N MET A 1 19.66 -3.43 14.66
CA MET A 1 20.41 -4.22 13.68
C MET A 1 20.02 -5.69 13.75
N LYS A 2 19.12 -6.10 12.89
CA LYS A 2 18.66 -7.49 12.85
C LYS A 2 18.13 -7.85 11.47
N LYS A 3 17.68 -9.09 11.32
CA LYS A 3 17.15 -9.56 10.05
C LYS A 3 15.77 -10.19 10.24
N LEU A 4 15.65 -11.07 11.22
CA LEU A 4 14.39 -11.74 11.51
C LEU A 4 13.26 -10.73 11.68
N ARG A 5 13.34 -9.94 12.74
CA ARG A 5 12.33 -8.92 13.02
C ARG A 5 12.36 -7.82 11.96
N GLU A 6 13.57 -7.48 11.50
CA GLU A 6 13.74 -6.44 10.50
C GLU A 6 12.88 -6.72 9.27
N GLU A 7 12.61 -8.01 9.03
CA GLU A 7 11.80 -8.42 7.89
C GLU A 7 10.44 -7.73 7.92
N ALA A 8 9.73 -7.89 9.02
CA ALA A 8 8.40 -7.29 9.18
C ALA A 8 8.45 -5.78 8.89
N ALA A 9 9.61 -5.17 9.13
CA ALA A 9 9.79 -3.75 8.90
C ALA A 9 9.88 -3.44 7.41
N LYS A 10 10.62 -4.28 6.69
CA LYS A 10 10.79 -4.10 5.25
C LYS A 10 9.46 -4.22 4.52
N LEU A 11 8.58 -5.09 5.03
CA LEU A 11 7.27 -5.30 4.43
C LEU A 11 6.55 -3.97 4.22
N PHE A 12 6.61 -3.12 5.24
CA PHE A 12 5.96 -1.81 5.18
C PHE A 12 6.73 -0.86 4.27
N GLU A 13 8.03 -1.12 4.12
CA GLU A 13 8.88 -0.29 3.28
C GLU A 13 8.33 -0.21 1.86
N GLU A 14 7.86 -1.34 1.35
CA GLU A 14 7.30 -1.40 0.00
C GLU A 14 6.04 -0.55 -0.11
N TRP A 15 5.27 -0.51 0.96
CA TRP A 15 4.03 0.26 0.99
C TRP A 15 4.32 1.75 0.84
N LYS A 16 5.30 2.24 1.60
CA LYS A 16 5.67 3.64 1.56
C LYS A 16 6.51 3.94 0.33
N LYS A 17 7.22 2.93 -0.17
CA LYS A 17 8.06 3.08 -1.35
C LYS A 17 7.21 3.15 -2.61
N LEU A 18 6.45 2.09 -2.86
CA LEU A 18 5.59 2.03 -4.05
C LEU A 18 4.66 3.24 -4.11
N ALA A 19 4.31 3.76 -2.94
CA ALA A 19 3.43 4.92 -2.86
C ALA A 19 4.09 6.16 -3.45
N GLU A 20 5.42 6.19 -3.40
CA GLU A 20 6.17 7.33 -3.94
C GLU A 20 6.17 7.30 -5.46
N GLU A 21 6.48 6.15 -6.04
CA GLU A 21 6.52 6.01 -7.49
C GLU A 21 5.11 5.99 -8.07
N ALA A 22 4.26 5.13 -7.51
CA ALA A 22 2.88 5.02 -7.96
C ALA A 22 2.18 6.37 -7.96
N ALA A 23 2.59 7.24 -7.03
CA ALA A 23 2.00 8.57 -6.91
C ALA A 23 2.43 9.45 -8.09
N LYS A 24 3.74 9.57 -8.29
CA LYS A 24 4.27 10.39 -9.38
C LYS A 24 3.85 9.84 -10.74
N LEU A 25 3.74 8.51 -10.82
CA LEU A 25 3.34 7.86 -12.07
C LEU A 25 1.84 7.99 -12.29
N LEU A 26 1.07 7.87 -11.22
CA LEU A 26 -0.38 7.98 -11.30
C LEU A 26 -0.80 9.24 -12.04
N GLU A 27 -0.24 10.37 -11.63
CA GLU A 27 -0.55 11.64 -12.26
C GLU A 27 0.42 11.94 -13.40
N GLY A 28 1.18 10.93 -13.81
CA GLY A 28 2.14 11.09 -14.88
C GLY A 28 1.47 11.51 -16.19
N GLY A 29 0.15 11.38 -16.24
CA GLY A 29 -0.58 11.76 -17.44
C GLY A 29 -1.62 10.74 -17.82
N GLY A 30 -2.39 10.27 -16.85
CA GLY A 30 -3.42 9.28 -17.11
C GLY A 30 -4.78 9.89 -17.31
N GLY A 31 -5.40 10.32 -16.23
CA GLY A 31 -6.72 10.93 -16.31
C GLY A 31 -7.29 11.27 -14.94
N GLY A 32 -7.69 12.52 -14.77
CA GLY A 32 -8.26 12.94 -13.50
C GLY A 32 -8.89 14.32 -13.58
N GLY A 33 -8.91 15.02 -12.45
CA GLY A 33 -9.51 16.35 -12.41
C GLY A 33 -9.44 16.98 -11.04
N GLY A 34 -9.68 16.18 -10.00
CA GLY A 34 -9.64 16.68 -8.65
C GLY A 34 -8.49 16.11 -7.85
N GLY A 35 -8.02 16.88 -6.87
CA GLY A 35 -6.91 16.42 -6.05
C GLY A 35 -7.25 15.18 -5.25
N GLU A 36 -8.53 14.99 -4.97
CA GLU A 36 -8.99 13.84 -4.20
C GLU A 36 -8.46 12.54 -4.81
N LEU A 37 -8.32 12.53 -6.13
CA LEU A 37 -7.82 11.36 -6.84
C LEU A 37 -6.50 10.88 -6.23
N MET A 38 -5.53 11.78 -6.16
CA MET A 38 -4.22 11.45 -5.60
C MET A 38 -4.30 11.25 -4.10
N LYS A 39 -5.15 12.05 -3.45
CA LYS A 39 -5.32 11.96 -2.00
C LYS A 39 -5.68 10.53 -1.59
N LEU A 40 -6.31 9.80 -2.49
CA LEU A 40 -6.70 8.42 -2.21
C LEU A 40 -5.48 7.51 -2.14
N CYS A 41 -4.58 7.64 -3.12
CA CYS A 41 -3.38 6.83 -3.16
C CYS A 41 -2.36 7.31 -2.14
N GLU A 42 -2.40 8.60 -1.84
CA GLU A 42 -1.48 9.20 -0.88
C GLU A 42 -1.61 8.52 0.48
N GLU A 43 -2.78 7.95 0.75
CA GLU A 43 -3.04 7.27 2.02
C GLU A 43 -2.00 6.19 2.26
N ALA A 44 -1.58 5.51 1.20
CA ALA A 44 -0.58 4.46 1.31
C ALA A 44 0.65 4.94 2.05
N ALA A 45 1.08 6.15 1.74
CA ALA A 45 2.26 6.74 2.39
C ALA A 45 1.94 7.18 3.81
N LYS A 46 0.66 7.42 4.09
CA LYS A 46 0.22 7.86 5.41
C LYS A 46 0.24 6.69 6.39
N LYS A 47 -0.36 5.57 5.98
CA LYS A 47 -0.41 4.38 6.83
C LYS A 47 0.95 3.71 6.90
N ALA A 48 1.56 3.49 5.75
CA ALA A 48 2.88 2.86 5.68
C ALA A 48 3.87 3.56 6.60
N GLU A 49 3.67 4.85 6.81
CA GLU A 49 4.55 5.64 7.66
C GLU A 49 4.29 5.33 9.14
N GLU A 50 3.02 5.34 9.52
CA GLU A 50 2.64 5.07 10.90
C GLU A 50 3.18 3.71 11.36
N LEU A 51 3.05 2.71 10.50
CA LEU A 51 3.52 1.37 10.80
C LEU A 51 5.05 1.30 10.75
N PHE A 52 5.62 1.86 9.69
CA PHE A 52 7.08 1.86 9.52
C PHE A 52 7.75 2.52 10.72
N LYS A 53 7.02 3.39 11.41
CA LYS A 53 7.55 4.08 12.58
C LYS A 53 7.79 3.10 13.73
N LEU A 54 6.79 2.27 14.00
CA LEU A 54 6.89 1.30 15.08
C LEU A 54 7.82 0.15 14.69
N ALA A 55 7.97 -0.06 13.39
CA ALA A 55 8.84 -1.12 12.88
C ALA A 55 10.26 -0.98 13.43
N GLU A 56 10.63 0.24 13.80
CA GLU A 56 11.95 0.51 14.33
C GLU A 56 12.05 0.07 15.80
N GLU A 57 10.91 0.04 16.48
CA GLU A 57 10.88 -0.37 17.88
C GLU A 57 11.25 -1.84 18.03
N ARG A 58 10.62 -2.68 17.23
CA ARG A 58 10.89 -4.12 17.27
C ARG A 58 12.19 -4.46 16.54
N LEU A 59 12.67 -3.50 15.74
CA LEU A 59 13.91 -3.70 14.98
C LEU A 59 15.11 -3.18 15.76
N LYS A 60 15.27 -1.87 15.78
CA LYS A 60 16.39 -1.23 16.49
C LYS A 60 15.91 -0.64 17.81
N LYS A 61 16.82 0.04 18.50
CA LYS A 61 16.51 0.67 19.78
C LYS A 61 16.68 2.18 19.70
N LEU A 62 15.60 2.88 19.34
CA LEU A 62 15.64 4.34 19.24
C LEU A 62 15.93 4.97 20.59
N MET B 1 -12.18 -2.10 -21.93
CA MET B 1 -11.21 -2.97 -22.58
C MET B 1 -10.04 -2.16 -23.14
N LYS B 2 -8.96 -2.08 -22.38
CA LYS B 2 -7.78 -1.33 -22.81
C LYS B 2 -6.53 -1.87 -22.12
N LYS B 3 -5.39 -1.26 -22.43
CA LYS B 3 -4.12 -1.67 -21.85
C LYS B 3 -3.39 -0.48 -21.24
N LEU B 4 -3.30 0.61 -22.00
CA LEU B 4 -2.63 1.82 -21.54
C LEU B 4 -3.17 2.25 -20.19
N ARG B 5 -4.43 2.68 -20.17
CA ARG B 5 -5.07 3.13 -18.94
C ARG B 5 -5.26 1.96 -17.97
N GLU B 6 -5.56 0.79 -18.52
CA GLU B 6 -5.77 -0.40 -17.70
C GLU B 6 -4.58 -0.65 -16.78
N GLU B 7 -3.40 -0.22 -17.23
CA GLU B 7 -2.18 -0.40 -16.45
C GLU B 7 -2.32 0.24 -15.07
N ALA B 8 -2.63 1.53 -15.06
CA ALA B 8 -2.79 2.27 -13.81
C ALA B 8 -3.80 1.58 -12.90
N ALA B 9 -4.74 0.85 -13.49
CA ALA B 9 -5.76 0.14 -12.73
C ALA B 9 -5.17 -1.07 -12.04
N LYS B 10 -4.31 -1.80 -12.74
CA LYS B 10 -3.68 -3.00 -12.20
C LYS B 10 -2.83 -2.65 -10.98
N LEU B 11 -2.22 -1.46 -11.01
CA LEU B 11 -1.37 -1.01 -9.91
C LEU B 11 -2.10 -1.12 -8.57
N PHE B 12 -3.36 -0.72 -8.56
CA PHE B 12 -4.17 -0.78 -7.35
C PHE B 12 -4.58 -2.22 -7.03
N GLU B 13 -4.65 -3.04 -8.08
CA GLU B 13 -5.04 -4.44 -7.91
C GLU B 13 -4.02 -5.19 -7.06
N GLU B 14 -2.74 -4.96 -7.35
CA GLU B 14 -1.67 -5.61 -6.60
C GLU B 14 -1.51 -4.99 -5.22
N TRP B 15 -1.78 -3.69 -5.12
CA TRP B 15 -1.67 -2.98 -3.86
C TRP B 15 -2.62 -3.57 -2.81
N LYS B 16 -3.85 -3.84 -3.22
CA LYS B 16 -4.85 -4.40 -2.32
C LYS B 16 -4.61 -5.89 -2.12
N LYS B 17 -3.95 -6.53 -3.09
CA LYS B 17 -3.66 -7.95 -3.01
C LYS B 17 -2.53 -8.22 -2.02
N LEU B 18 -1.42 -7.51 -2.19
CA LEU B 18 -0.27 -7.67 -1.30
C LEU B 18 -0.68 -7.48 0.16
N ALA B 19 -1.71 -6.68 0.38
CA ALA B 19 -2.19 -6.42 1.73
C ALA B 19 -2.73 -7.68 2.38
N GLU B 20 -3.17 -8.63 1.54
CA GLU B 20 -3.72 -9.89 2.03
C GLU B 20 -2.60 -10.79 2.57
N GLU B 21 -1.55 -10.95 1.78
CA GLU B 21 -0.42 -11.78 2.18
C GLU B 21 0.40 -11.10 3.27
N ALA B 22 0.78 -9.85 3.03
CA ALA B 22 1.56 -9.09 4.00
C ALA B 22 0.88 -9.08 5.37
N ALA B 23 -0.44 -9.12 5.35
CA ALA B 23 -1.22 -9.11 6.59
C ALA B 23 -1.07 -10.43 7.35
N LYS B 24 -1.36 -11.53 6.66
CA LYS B 24 -1.25 -12.85 7.27
C LYS B 24 0.19 -13.16 7.65
N LEU B 25 1.13 -12.67 6.86
CA LEU B 25 2.55 -12.89 7.13
C LEU B 25 3.04 -12.00 8.26
N LEU B 26 2.56 -10.75 8.26
CA LEU B 26 2.95 -9.79 9.30
C LEU B 26 2.79 -10.39 10.69
N GLU B 27 1.62 -10.96 10.95
CA GLU B 27 1.33 -11.57 12.25
C GLU B 27 1.71 -13.05 12.24
N GLY B 28 2.44 -13.46 11.21
CA GLY B 28 2.85 -14.86 11.11
C GLY B 28 3.68 -15.30 12.29
N GLY B 29 4.17 -14.33 13.07
CA GLY B 29 4.99 -14.66 14.23
C GLY B 29 6.19 -13.75 14.35
N GLY B 30 5.98 -12.45 14.18
CA GLY B 30 7.07 -11.49 14.28
C GLY B 30 7.16 -10.86 15.65
N GLY B 31 6.22 -9.96 15.95
CA GLY B 31 6.22 -9.30 17.23
C GLY B 31 5.10 -8.28 17.36
N GLY B 32 4.29 -8.43 18.40
CA GLY B 32 3.17 -7.52 18.62
C GLY B 32 2.52 -7.71 19.97
N GLY B 33 1.23 -7.41 20.04
CA GLY B 33 0.51 -7.55 21.30
C GLY B 33 -0.96 -7.17 21.17
N GLY B 34 -1.23 -6.12 20.42
CA GLY B 34 -2.59 -5.68 20.23
C GLY B 34 -3.08 -5.86 18.81
N GLY B 35 -4.39 -6.05 18.64
CA GLY B 35 -4.95 -6.24 17.31
C GLY B 35 -4.76 -5.02 16.43
N GLU B 36 -4.62 -3.85 17.04
CA GLU B 36 -4.44 -2.61 16.30
C GLU B 36 -3.28 -2.74 15.31
N LEU B 37 -2.29 -3.56 15.67
CA LEU B 37 -1.13 -3.76 14.82
C LEU B 37 -1.55 -4.14 13.40
N MET B 38 -2.36 -5.18 13.28
CA MET B 38 -2.83 -5.64 11.98
C MET B 38 -3.85 -4.66 11.40
N LYS B 39 -4.70 -4.12 12.27
CA LYS B 39 -5.71 -3.16 11.83
C LYS B 39 -5.08 -1.97 11.12
N LEU B 40 -3.84 -1.66 11.48
CA LEU B 40 -3.11 -0.56 10.88
C LEU B 40 -2.74 -0.87 9.44
N CYS B 41 -2.21 -2.07 9.22
CA CYS B 41 -1.80 -2.50 7.88
C CYS B 41 -3.01 -2.84 7.03
N GLU B 42 -4.10 -3.25 7.68
CA GLU B 42 -5.31 -3.61 6.98
C GLU B 42 -5.78 -2.47 6.07
N GLU B 43 -5.39 -1.25 6.43
CA GLU B 43 -5.77 -0.07 5.64
C GLU B 43 -5.33 -0.23 4.19
N ALA B 44 -4.21 -0.91 3.98
CA ALA B 44 -3.69 -1.14 2.64
C ALA B 44 -4.76 -1.71 1.72
N ALA B 45 -5.51 -2.67 2.23
CA ALA B 45 -6.58 -3.31 1.45
C ALA B 45 -7.79 -2.40 1.34
N LYS B 46 -7.91 -1.46 2.28
CA LYS B 46 -9.03 -0.52 2.28
C LYS B 46 -8.82 0.57 1.25
N LYS B 47 -7.65 1.19 1.27
CA LYS B 47 -7.33 2.25 0.33
C LYS B 47 -7.13 1.70 -1.07
N ALA B 48 -6.25 0.72 -1.20
CA ALA B 48 -5.97 0.09 -2.49
C ALA B 48 -7.26 -0.36 -3.17
N GLU B 49 -8.26 -0.70 -2.36
CA GLU B 49 -9.55 -1.15 -2.88
C GLU B 49 -10.37 0.03 -3.39
N GLU B 50 -10.47 1.07 -2.56
CA GLU B 50 -11.23 2.26 -2.92
C GLU B 50 -10.77 2.81 -4.26
N LEU B 51 -9.46 2.79 -4.50
CA LEU B 51 -8.89 3.29 -5.74
C LEU B 51 -9.19 2.34 -6.90
N PHE B 52 -9.06 1.05 -6.65
CA PHE B 52 -9.33 0.04 -7.67
C PHE B 52 -10.74 0.18 -8.23
N LYS B 53 -11.63 0.76 -7.42
CA LYS B 53 -13.01 0.96 -7.83
C LYS B 53 -13.10 1.99 -8.95
N LEU B 54 -12.43 3.12 -8.77
CA LEU B 54 -12.43 4.19 -9.77
C LEU B 54 -11.60 3.79 -10.98
N ALA B 55 -10.66 2.87 -10.78
CA ALA B 55 -9.80 2.41 -11.86
C ALA B 55 -10.62 1.87 -13.02
N GLU B 56 -11.83 1.42 -12.73
CA GLU B 56 -12.73 0.87 -13.75
C GLU B 56 -13.36 1.99 -14.57
N GLU B 57 -13.49 3.16 -13.97
CA GLU B 57 -14.07 4.31 -14.64
C GLU B 57 -13.21 4.75 -15.82
N ARG B 58 -11.91 4.91 -15.57
CA ARG B 58 -10.99 5.33 -16.62
C ARG B 58 -10.63 4.16 -17.53
N LEU B 59 -10.92 2.95 -17.07
CA LEU B 59 -10.62 1.75 -17.84
C LEU B 59 -11.81 1.35 -18.70
N LYS B 60 -12.81 0.75 -18.07
CA LYS B 60 -14.02 0.31 -18.78
C LYS B 60 -15.17 1.28 -18.53
N LYS B 61 -16.34 0.94 -19.05
CA LYS B 61 -17.53 1.78 -18.89
C LYS B 61 -18.62 1.03 -18.14
N LEU B 62 -18.61 1.17 -16.81
CA LEU B 62 -19.61 0.51 -15.96
C LEU B 62 -21.01 1.03 -16.28
F1 HLT C . -0.65 -2.38 0.13
C2 HLT C . 0.47 -2.95 0.64
F2 HLT C . 0.57 -2.60 1.96
F3 HLT C . 0.32 -4.31 0.57
C1 HLT C . 1.75 -2.47 -0.16
BR HLT C . 3.31 -3.22 0.59
CL HLT C . 1.55 -2.87 -1.87
HC1 HLT C . 1.81 -1.38 -0.08
N MET A 1 17.81 -3.29 21.93
CA MET A 1 18.78 -3.92 21.04
C MET A 1 18.08 -4.83 20.03
N LYS A 2 18.22 -4.50 18.75
CA LYS A 2 17.59 -5.29 17.69
C LYS A 2 18.49 -6.45 17.28
N LYS A 3 17.92 -7.42 16.57
CA LYS A 3 18.66 -8.58 16.11
C LYS A 3 18.26 -8.95 14.68
N LEU A 4 17.09 -9.54 14.53
CA LEU A 4 16.59 -9.94 13.22
C LEU A 4 15.22 -9.32 12.94
N ARG A 5 14.70 -8.59 13.92
CA ARG A 5 13.40 -7.94 13.78
C ARG A 5 13.42 -6.90 12.67
N GLU A 6 14.59 -6.30 12.46
CA GLU A 6 14.75 -5.27 11.43
C GLU A 6 14.34 -5.82 10.06
N GLU A 7 14.49 -7.12 9.88
CA GLU A 7 14.14 -7.76 8.62
C GLU A 7 12.70 -7.44 8.23
N ALA A 8 11.83 -7.35 9.23
CA ALA A 8 10.42 -7.07 9.00
C ALA A 8 10.23 -5.61 8.57
N ALA A 9 11.14 -4.75 9.01
CA ALA A 9 11.07 -3.33 8.68
C ALA A 9 11.14 -3.10 7.18
N LYS A 10 11.99 -3.87 6.51
CA LYS A 10 12.15 -3.76 5.06
C LYS A 10 10.83 -4.02 4.35
N LEU A 11 9.99 -4.86 4.95
CA LEU A 11 8.69 -5.18 4.38
C LEU A 11 7.91 -3.92 4.03
N PHE A 12 7.92 -2.96 4.96
CA PHE A 12 7.22 -1.69 4.74
C PHE A 12 7.96 -0.81 3.74
N GLU A 13 9.27 -1.01 3.64
CA GLU A 13 10.09 -0.24 2.73
C GLU A 13 9.61 -0.39 1.29
N GLU A 14 9.19 -1.60 0.94
CA GLU A 14 8.70 -1.89 -0.40
C GLU A 14 7.31 -1.29 -0.61
N TRP A 15 6.51 -1.30 0.45
CA TRP A 15 5.15 -0.77 0.38
C TRP A 15 5.16 0.68 -0.12
N LYS A 16 5.95 1.52 0.54
CA LYS A 16 6.05 2.92 0.16
C LYS A 16 6.79 3.07 -1.16
N LYS A 17 7.65 2.11 -1.48
CA LYS A 17 8.41 2.15 -2.72
C LYS A 17 7.50 1.93 -3.93
N LEU A 18 6.83 0.79 -3.95
CA LEU A 18 5.93 0.47 -5.06
C LEU A 18 4.86 1.53 -5.21
N ALA A 19 4.57 2.25 -4.13
CA ALA A 19 3.57 3.31 -4.14
C ALA A 19 4.09 4.54 -4.88
N GLU A 20 5.41 4.73 -4.85
CA GLU A 20 6.03 5.87 -5.51
C GLU A 20 6.04 5.69 -7.03
N GLU A 21 6.51 4.52 -7.47
CA GLU A 21 6.56 4.22 -8.89
C GLU A 21 5.18 4.33 -9.54
N ALA A 22 4.18 3.76 -8.88
CA ALA A 22 2.81 3.81 -9.39
C ALA A 22 2.29 5.25 -9.43
N ALA A 23 2.73 6.05 -8.46
CA ALA A 23 2.31 7.45 -8.40
C ALA A 23 2.92 8.27 -9.53
N LYS A 24 4.22 8.15 -9.70
CA LYS A 24 4.93 8.88 -10.75
C LYS A 24 4.46 8.42 -12.13
N LEU A 25 4.19 7.14 -12.27
CA LEU A 25 3.72 6.59 -13.54
C LEU A 25 2.25 6.93 -13.78
N LEU A 26 1.46 6.88 -12.72
CA LEU A 26 0.04 7.19 -12.82
C LEU A 26 -0.18 8.51 -13.54
N GLU A 27 0.58 9.52 -13.17
CA GLU A 27 0.47 10.84 -13.79
C GLU A 27 1.38 10.96 -15.00
N GLY A 28 2.28 9.99 -15.14
CA GLY A 28 3.21 10.00 -16.26
C GLY A 28 4.20 11.14 -16.18
N GLY A 29 4.53 11.55 -14.95
CA GLY A 29 5.47 12.64 -14.77
C GLY A 29 4.81 14.00 -14.82
N GLY A 30 3.49 14.02 -14.61
CA GLY A 30 2.76 15.27 -14.64
C GLY A 30 1.48 15.17 -15.45
N GLY A 31 0.34 15.28 -14.76
CA GLY A 31 -0.94 15.20 -15.44
C GLY A 31 -1.99 14.48 -14.61
N GLY A 32 -3.00 13.94 -15.27
CA GLY A 32 -4.05 13.22 -14.58
C GLY A 32 -5.21 14.13 -14.20
N GLY A 33 -6.33 13.53 -13.81
CA GLY A 33 -7.49 14.30 -13.43
C GLY A 33 -7.36 14.91 -12.04
N GLY A 34 -6.64 16.02 -11.96
CA GLY A 34 -6.45 16.68 -10.68
C GLY A 34 -5.46 15.95 -9.80
N GLY A 35 -5.11 16.56 -8.66
CA GLY A 35 -4.18 15.95 -7.75
C GLY A 35 -4.87 15.28 -6.58
N GLU A 36 -6.09 15.71 -6.28
CA GLU A 36 -6.85 15.15 -5.17
C GLU A 36 -7.11 13.66 -5.38
N LEU A 37 -7.44 13.29 -6.62
CA LEU A 37 -7.71 11.91 -6.96
C LEU A 37 -6.51 11.02 -6.65
N MET A 38 -5.33 11.45 -7.10
CA MET A 38 -4.11 10.70 -6.87
C MET A 38 -3.67 10.80 -5.41
N LYS A 39 -4.05 11.90 -4.77
CA LYS A 39 -3.69 12.12 -3.37
C LYS A 39 -4.17 10.95 -2.50
N LEU A 40 -5.23 10.29 -2.94
CA LEU A 40 -5.79 9.16 -2.21
C LEU A 40 -4.88 7.95 -2.32
N CYS A 41 -4.23 7.81 -3.46
CA CYS A 41 -3.32 6.69 -3.70
C CYS A 41 -2.04 6.84 -2.88
N GLU A 42 -1.54 8.07 -2.79
CA GLU A 42 -0.33 8.34 -2.03
C GLU A 42 -0.50 7.98 -0.57
N GLU A 43 -1.75 8.02 -0.09
CA GLU A 43 -2.05 7.69 1.30
C GLU A 43 -1.52 6.31 1.65
N ALA A 44 -1.40 5.45 0.65
CA ALA A 44 -0.92 4.09 0.86
C ALA A 44 0.41 4.09 1.60
N ALA A 45 1.31 4.99 1.21
CA ALA A 45 2.62 5.10 1.84
C ALA A 45 2.52 5.77 3.20
N LYS A 46 1.48 6.58 3.39
CA LYS A 46 1.26 7.28 4.63
C LYS A 46 0.91 6.30 5.75
N LYS A 47 0.00 5.38 5.47
CA LYS A 47 -0.42 4.39 6.44
C LYS A 47 0.77 3.61 6.98
N ALA A 48 1.56 3.04 6.08
CA ALA A 48 2.73 2.27 6.46
C ALA A 48 3.74 3.15 7.21
N GLU A 49 3.78 4.43 6.86
CA GLU A 49 4.69 5.37 7.49
C GLU A 49 4.22 5.71 8.90
N GLU A 50 2.90 5.69 9.11
CA GLU A 50 2.33 6.00 10.41
C GLU A 50 2.62 4.89 11.41
N LEU A 51 2.31 3.66 11.03
CA LEU A 51 2.54 2.50 11.89
C LEU A 51 4.03 2.24 12.07
N PHE A 52 4.81 2.58 11.04
CA PHE A 52 6.26 2.39 11.09
C PHE A 52 6.87 3.07 12.30
N LYS A 53 6.21 4.12 12.77
CA LYS A 53 6.69 4.88 13.93
C LYS A 53 6.85 3.96 15.14
N LEU A 54 5.75 3.30 15.53
CA LEU A 54 5.77 2.40 16.67
C LEU A 54 6.49 1.10 16.32
N ALA A 55 6.19 0.56 15.14
CA ALA A 55 6.82 -0.68 14.70
C ALA A 55 8.33 -0.55 14.67
N GLU A 56 8.82 0.67 14.49
CA GLU A 56 10.26 0.92 14.45
C GLU A 56 10.91 0.56 15.77
N GLU A 57 10.17 0.75 16.87
CA GLU A 57 10.69 0.45 18.19
C GLU A 57 11.09 -1.03 18.30
N ARG A 58 10.16 -1.92 17.97
CA ARG A 58 10.41 -3.35 18.02
C ARG A 58 11.23 -3.80 16.83
N LEU A 59 11.09 -3.10 15.71
CA LEU A 59 11.81 -3.43 14.50
C LEU A 59 13.31 -3.18 14.67
N LYS A 60 13.66 -1.93 14.96
CA LYS A 60 15.06 -1.57 15.16
C LYS A 60 15.27 -0.95 16.54
N LYS A 61 15.12 0.37 16.62
CA LYS A 61 15.28 1.08 17.89
C LYS A 61 15.18 2.59 17.67
N LEU A 62 14.34 3.00 16.73
CA LEU A 62 14.15 4.42 16.44
C LEU A 62 15.49 5.11 16.21
N MET B 1 -17.00 2.46 -22.67
CA MET B 1 -16.15 1.53 -23.40
C MET B 1 -14.68 1.77 -23.08
N LYS B 2 -14.03 0.77 -22.50
CA LYS B 2 -12.63 0.87 -22.15
C LYS B 2 -11.74 0.48 -23.33
N LYS B 3 -10.47 0.84 -23.24
CA LYS B 3 -9.50 0.53 -24.30
C LYS B 3 -8.18 0.08 -23.72
N LEU B 4 -7.42 1.04 -23.19
CA LEU B 4 -6.11 0.75 -22.59
C LEU B 4 -6.04 1.27 -21.17
N ARG B 5 -7.11 1.91 -20.72
CA ARG B 5 -7.16 2.45 -19.37
C ARG B 5 -7.11 1.34 -18.33
N GLU B 6 -7.62 0.18 -18.70
CA GLU B 6 -7.63 -0.97 -17.80
C GLU B 6 -6.22 -1.31 -17.33
N GLU B 7 -5.24 -1.00 -18.16
CA GLU B 7 -3.84 -1.27 -17.84
C GLU B 7 -3.47 -0.65 -16.49
N ALA B 8 -4.03 0.52 -16.20
CA ALA B 8 -3.76 1.22 -14.96
C ALA B 8 -4.42 0.51 -13.78
N ALA B 9 -5.51 -0.19 -14.06
CA ALA B 9 -6.25 -0.91 -13.02
C ALA B 9 -5.35 -1.97 -12.36
N LYS B 10 -4.55 -2.65 -13.17
CA LYS B 10 -3.66 -3.69 -12.67
C LYS B 10 -2.69 -3.11 -11.63
N LEU B 11 -2.35 -1.84 -11.78
CA LEU B 11 -1.44 -1.17 -10.86
C LEU B 11 -1.90 -1.36 -9.42
N PHE B 12 -3.19 -1.18 -9.19
CA PHE B 12 -3.76 -1.34 -7.85
C PHE B 12 -3.82 -2.81 -7.45
N GLU B 13 -3.91 -3.68 -8.45
CA GLU B 13 -3.98 -5.12 -8.21
C GLU B 13 -2.76 -5.60 -7.42
N GLU B 14 -1.60 -5.03 -7.73
CA GLU B 14 -0.36 -5.42 -7.06
C GLU B 14 -0.31 -4.83 -5.65
N TRP B 15 -0.87 -3.63 -5.49
CA TRP B 15 -0.90 -2.96 -4.20
C TRP B 15 -1.53 -3.85 -3.13
N LYS B 16 -2.73 -4.34 -3.42
CA LYS B 16 -3.45 -5.21 -2.49
C LYS B 16 -2.79 -6.58 -2.41
N LYS B 17 -2.10 -6.97 -3.48
CA LYS B 17 -1.43 -8.25 -3.54
C LYS B 17 -0.25 -8.28 -2.58
N LEU B 18 0.71 -7.39 -2.79
CA LEU B 18 1.90 -7.30 -1.95
C LEU B 18 1.51 -7.10 -0.49
N ALA B 19 0.33 -6.54 -0.27
CA ALA B 19 -0.15 -6.30 1.09
C ALA B 19 -0.58 -7.60 1.76
N GLU B 20 -1.04 -8.54 0.95
CA GLU B 20 -1.49 -9.83 1.46
C GLU B 20 -0.30 -10.68 1.90
N GLU B 21 0.70 -10.81 1.04
CA GLU B 21 1.89 -11.59 1.34
C GLU B 21 2.55 -11.09 2.62
N ALA B 22 2.71 -9.77 2.72
CA ALA B 22 3.34 -9.17 3.89
C ALA B 22 2.50 -9.41 5.14
N ALA B 23 1.19 -9.45 4.97
CA ALA B 23 0.28 -9.69 6.09
C ALA B 23 0.38 -11.12 6.60
N LYS B 24 0.30 -12.08 5.67
CA LYS B 24 0.37 -13.49 6.02
C LYS B 24 1.75 -13.83 6.60
N LEU B 25 2.78 -13.20 6.05
CA LEU B 25 4.15 -13.44 6.51
C LEU B 25 4.41 -12.72 7.83
N LEU B 26 3.87 -11.51 7.96
CA LEU B 26 4.05 -10.72 9.17
C LEU B 26 3.71 -11.55 10.41
N GLU B 27 2.59 -12.25 10.36
CA GLU B 27 2.15 -13.08 11.48
C GLU B 27 2.72 -14.49 11.36
N GLY B 28 3.28 -14.80 10.20
CA GLY B 28 3.85 -16.12 9.98
C GLY B 28 2.79 -17.21 9.95
N GLY B 29 1.59 -16.85 9.52
CA GLY B 29 0.51 -17.82 9.46
C GLY B 29 -0.23 -17.95 10.78
N GLY B 30 -0.10 -16.93 11.63
CA GLY B 30 -0.77 -16.95 12.92
C GLY B 30 0.15 -16.53 14.05
N GLY B 31 -0.15 -15.38 14.65
CA GLY B 31 0.67 -14.88 15.74
C GLY B 31 0.81 -13.37 15.72
N GLY B 32 1.86 -12.87 16.34
CA GLY B 32 2.09 -11.44 16.38
C GLY B 32 1.46 -10.78 17.59
N GLY B 33 1.86 -9.53 17.86
CA GLY B 33 1.33 -8.82 19.00
C GLY B 33 -0.08 -8.31 18.75
N GLY B 34 -1.06 -9.20 18.91
CA GLY B 34 -2.45 -8.82 18.70
C GLY B 34 -2.79 -8.66 17.24
N GLY B 35 -4.07 -8.45 16.95
CA GLY B 35 -4.50 -8.29 15.56
C GLY B 35 -4.72 -6.83 15.19
N GLU B 36 -4.95 -5.99 16.20
CA GLU B 36 -5.18 -4.57 15.97
C GLU B 36 -3.95 -3.92 15.32
N LEU B 37 -2.77 -4.30 15.78
CA LEU B 37 -1.53 -3.76 15.26
C LEU B 37 -1.42 -4.04 13.76
N MET B 38 -1.65 -5.29 13.37
CA MET B 38 -1.57 -5.70 11.97
C MET B 38 -2.76 -5.14 11.19
N LYS B 39 -3.88 -4.94 11.87
CA LYS B 39 -5.08 -4.41 11.24
C LYS B 39 -4.78 -3.09 10.54
N LEU B 40 -3.80 -2.36 11.04
CA LEU B 40 -3.42 -1.08 10.45
C LEU B 40 -2.71 -1.28 9.12
N CYS B 41 -1.96 -2.37 9.00
CA CYS B 41 -1.24 -2.68 7.78
C CYS B 41 -2.19 -3.11 6.68
N GLU B 42 -3.20 -3.89 7.05
CA GLU B 42 -4.19 -4.38 6.09
C GLU B 42 -4.92 -3.21 5.43
N GLU B 43 -5.01 -2.09 6.14
CA GLU B 43 -5.69 -0.91 5.63
C GLU B 43 -5.11 -0.49 4.28
N ALA B 44 -3.85 -0.84 4.06
CA ALA B 44 -3.18 -0.50 2.80
C ALA B 44 -4.00 -0.95 1.60
N ALA B 45 -4.53 -2.17 1.68
CA ALA B 45 -5.34 -2.73 0.59
C ALA B 45 -6.72 -2.09 0.57
N LYS B 46 -7.17 -1.60 1.72
CA LYS B 46 -8.47 -0.97 1.82
C LYS B 46 -8.52 0.35 1.06
N LYS B 47 -7.48 1.16 1.23
CA LYS B 47 -7.40 2.45 0.55
C LYS B 47 -7.50 2.28 -0.95
N ALA B 48 -6.65 1.42 -1.51
CA ALA B 48 -6.66 1.16 -2.94
C ALA B 48 -7.99 0.58 -3.39
N GLU B 49 -8.63 -0.17 -2.51
CA GLU B 49 -9.91 -0.79 -2.81
C GLU B 49 -11.03 0.25 -2.80
N GLU B 50 -10.87 1.28 -1.98
CA GLU B 50 -11.86 2.34 -1.88
C GLU B 50 -11.87 3.20 -3.14
N LEU B 51 -10.69 3.67 -3.53
CA LEU B 51 -10.56 4.51 -4.71
C LEU B 51 -10.82 3.71 -5.99
N PHE B 52 -10.52 2.41 -5.94
CA PHE B 52 -10.72 1.54 -7.08
C PHE B 52 -12.17 1.57 -7.55
N LYS B 53 -13.08 1.89 -6.62
CA LYS B 53 -14.50 1.96 -6.94
C LYS B 53 -14.76 2.97 -8.06
N LEU B 54 -14.34 4.21 -7.84
CA LEU B 54 -14.52 5.26 -8.83
C LEU B 54 -13.55 5.09 -9.99
N ALA B 55 -12.30 4.78 -9.68
CA ALA B 55 -11.27 4.59 -10.70
C ALA B 55 -11.68 3.48 -11.67
N GLU B 56 -12.49 2.54 -11.19
CA GLU B 56 -12.94 1.44 -12.02
C GLU B 56 -13.77 1.94 -13.20
N GLU B 57 -14.50 3.04 -12.98
CA GLU B 57 -15.33 3.63 -14.02
C GLU B 57 -14.50 4.00 -15.25
N ARG B 58 -13.46 4.80 -15.01
CA ARG B 58 -12.57 5.24 -16.08
C ARG B 58 -11.61 4.13 -16.48
N LEU B 59 -11.28 3.27 -15.53
CA LEU B 59 -10.36 2.17 -15.79
C LEU B 59 -10.98 1.15 -16.74
N LYS B 60 -12.11 0.59 -16.34
CA LYS B 60 -12.81 -0.40 -17.17
C LYS B 60 -14.24 0.05 -17.45
N LYS B 61 -15.16 -0.33 -16.56
CA LYS B 61 -16.57 0.03 -16.72
C LYS B 61 -17.42 -0.64 -15.65
N LEU B 62 -16.86 -0.80 -14.46
CA LEU B 62 -17.57 -1.42 -13.35
C LEU B 62 -18.18 -2.76 -13.78
F1 HLT C . 2.37 -2.08 -1.15
C2 HLT C . 1.24 -1.60 -0.56
F2 HLT C . 0.47 -2.66 -0.17
F3 HLT C . 1.60 -0.89 0.55
C1 HLT C . 0.43 -0.70 -1.60
BR HLT C . -1.15 -0.08 -0.81
CL HLT C . 1.47 0.63 -2.14
HC1 HLT C . 0.18 -1.31 -2.47
N MET A 1 19.95 -1.47 16.20
CA MET A 1 19.82 -2.27 14.98
C MET A 1 19.64 -3.75 15.34
N LYS A 2 18.53 -4.34 14.92
CA LYS A 2 18.24 -5.73 15.19
C LYS A 2 18.64 -6.61 14.00
N LYS A 3 18.24 -7.88 14.05
CA LYS A 3 18.54 -8.81 12.97
C LYS A 3 17.46 -9.89 12.88
N LEU A 4 16.25 -9.56 13.33
CA LEU A 4 15.15 -10.50 13.29
C LEU A 4 13.83 -9.76 13.05
N ARG A 5 13.42 -8.96 14.03
CA ARG A 5 12.18 -8.20 13.94
C ARG A 5 12.32 -7.06 12.94
N GLU A 6 13.50 -6.46 12.89
CA GLU A 6 13.76 -5.35 11.98
C GLU A 6 13.41 -5.74 10.54
N GLU A 7 13.49 -7.03 10.25
CA GLU A 7 13.17 -7.53 8.91
C GLU A 7 11.80 -7.05 8.46
N ALA A 8 10.86 -7.01 9.40
CA ALA A 8 9.50 -6.55 9.09
C ALA A 8 9.48 -5.09 8.69
N ALA A 9 10.45 -4.34 9.19
CA ALA A 9 10.55 -2.91 8.90
C ALA A 9 10.78 -2.68 7.41
N LYS A 10 11.67 -3.46 6.81
CA LYS A 10 11.97 -3.34 5.39
C LYS A 10 10.76 -3.72 4.55
N LEU A 11 9.97 -4.67 5.04
CA LEU A 11 8.78 -5.13 4.33
C LEU A 11 7.90 -3.94 3.93
N PHE A 12 7.69 -3.04 4.88
CA PHE A 12 6.86 -1.85 4.63
C PHE A 12 7.59 -0.86 3.72
N GLU A 13 8.92 -0.94 3.71
CA GLU A 13 9.73 -0.04 2.89
C GLU A 13 9.34 -0.17 1.42
N GLU A 14 8.97 -1.38 1.01
CA GLU A 14 8.59 -1.62 -0.37
C GLU A 14 7.20 -1.07 -0.66
N TRP A 15 6.32 -1.15 0.34
CA TRP A 15 4.95 -0.66 0.20
C TRP A 15 4.94 0.80 -0.28
N LYS A 16 5.67 1.66 0.43
CA LYS A 16 5.76 3.07 0.09
C LYS A 16 6.50 3.26 -1.23
N LYS A 17 7.35 2.30 -1.58
CA LYS A 17 8.12 2.37 -2.82
C LYS A 17 7.22 2.10 -4.02
N LEU A 18 6.50 1.00 -3.99
CA LEU A 18 5.60 0.63 -5.08
C LEU A 18 4.60 1.76 -5.37
N ALA A 19 4.35 2.58 -4.36
CA ALA A 19 3.42 3.69 -4.51
C ALA A 19 4.03 4.81 -5.34
N GLU A 20 5.36 4.92 -5.29
CA GLU A 20 6.06 5.95 -6.05
C GLU A 20 6.07 5.62 -7.53
N GLU A 21 6.45 4.39 -7.86
CA GLU A 21 6.51 3.95 -9.26
C GLU A 21 5.15 4.09 -9.93
N ALA A 22 4.09 3.82 -9.16
CA ALA A 22 2.73 3.91 -9.67
C ALA A 22 2.29 5.37 -9.81
N ALA A 23 2.77 6.22 -8.90
CA ALA A 23 2.44 7.63 -8.91
C ALA A 23 3.09 8.34 -10.08
N LYS A 24 4.40 8.17 -10.22
CA LYS A 24 5.15 8.80 -11.30
C LYS A 24 4.64 8.32 -12.66
N LEU A 25 4.29 7.04 -12.74
CA LEU A 25 3.78 6.46 -13.97
C LEU A 25 2.33 6.87 -14.22
N LEU A 26 1.55 6.93 -13.15
CA LEU A 26 0.15 7.31 -13.25
C LEU A 26 -0.01 8.60 -14.04
N GLU A 27 0.85 9.57 -13.76
CA GLU A 27 0.80 10.86 -14.45
C GLU A 27 1.73 10.85 -15.66
N GLY A 28 2.58 9.84 -15.76
CA GLY A 28 3.51 9.74 -16.86
C GLY A 28 4.46 10.92 -16.93
N GLY A 29 4.57 11.66 -15.83
CA GLY A 29 5.45 12.81 -15.79
C GLY A 29 4.77 14.08 -16.27
N GLY A 30 3.43 14.08 -16.22
CA GLY A 30 2.68 15.24 -16.65
C GLY A 30 1.46 14.87 -17.47
N GLY A 31 0.39 14.49 -16.77
CA GLY A 31 -0.84 14.11 -17.45
C GLY A 31 -2.05 14.18 -16.54
N GLY A 32 -3.23 14.33 -17.13
CA GLY A 32 -4.45 14.41 -16.36
C GLY A 32 -4.43 15.53 -15.35
N GLY A 33 -4.51 15.19 -14.07
CA GLY A 33 -4.50 16.20 -13.02
C GLY A 33 -4.10 15.63 -11.68
N GLY A 34 -5.06 15.02 -10.98
CA GLY A 34 -4.77 14.44 -9.68
C GLY A 34 -5.64 15.02 -8.59
N GLY A 35 -5.14 16.06 -7.92
CA GLY A 35 -5.90 16.69 -6.85
C GLY A 35 -6.32 15.70 -5.79
N GLU A 36 -7.60 15.35 -5.80
CA GLU A 36 -8.14 14.41 -4.81
C GLU A 36 -7.74 12.97 -5.16
N LEU A 37 -7.49 12.73 -6.44
CA LEU A 37 -7.10 11.41 -6.90
C LEU A 37 -5.84 10.94 -6.20
N MET A 38 -4.77 11.70 -6.32
CA MET A 38 -3.50 11.37 -5.69
C MET A 38 -3.63 11.37 -4.17
N LYS A 39 -4.48 12.25 -3.65
CA LYS A 39 -4.70 12.35 -2.21
C LYS A 39 -5.09 10.99 -1.63
N LEU A 40 -5.83 10.21 -2.40
CA LEU A 40 -6.26 8.89 -1.96
C LEU A 40 -5.09 7.90 -1.99
N CYS A 41 -4.23 8.04 -2.98
CA CYS A 41 -3.07 7.17 -3.12
C CYS A 41 -2.00 7.51 -2.10
N GLU A 42 -1.95 8.78 -1.69
CA GLU A 42 -0.98 9.24 -0.72
C GLU A 42 -1.14 8.51 0.62
N GLU A 43 -2.37 8.06 0.88
CA GLU A 43 -2.66 7.34 2.12
C GLU A 43 -1.74 6.14 2.29
N ALA A 44 -1.44 5.48 1.18
CA ALA A 44 -0.57 4.31 1.20
C ALA A 44 0.74 4.61 1.92
N ALA A 45 1.30 5.79 1.68
CA ALA A 45 2.54 6.19 2.30
C ALA A 45 2.32 6.59 3.76
N LYS A 46 1.08 6.96 4.08
CA LYS A 46 0.73 7.36 5.45
C LYS A 46 0.65 6.14 6.37
N LYS A 47 -0.06 5.12 5.92
CA LYS A 47 -0.21 3.90 6.71
C LYS A 47 1.15 3.23 6.95
N ALA A 48 1.88 2.99 5.87
CA ALA A 48 3.20 2.36 5.95
C ALA A 48 4.13 3.17 6.84
N GLU A 49 3.99 4.49 6.77
CA GLU A 49 4.83 5.39 7.57
C GLU A 49 4.45 5.32 9.04
N GLU A 50 3.15 5.28 9.31
CA GLU A 50 2.66 5.20 10.69
C GLU A 50 2.93 3.84 11.30
N LEU A 51 3.00 2.82 10.45
CA LEU A 51 3.27 1.46 10.91
C LEU A 51 4.72 1.30 11.33
N PHE A 52 5.64 1.75 10.48
CA PHE A 52 7.06 1.66 10.77
C PHE A 52 7.42 2.46 12.02
N LYS A 53 6.59 3.45 12.33
CA LYS A 53 6.82 4.29 13.50
C LYS A 53 6.50 3.53 14.79
N LEU A 54 5.27 3.06 14.91
CA LEU A 54 4.85 2.31 16.09
C LEU A 54 5.56 0.97 16.16
N ALA A 55 5.76 0.34 15.01
CA ALA A 55 6.43 -0.95 14.95
C ALA A 55 7.91 -0.82 15.34
N GLU A 56 8.50 0.32 14.98
CA GLU A 56 9.91 0.56 15.29
C GLU A 56 10.19 0.34 16.78
N GLU A 57 9.16 0.57 17.60
CA GLU A 57 9.31 0.40 19.05
C GLU A 57 9.64 -1.05 19.39
N ARG A 58 8.83 -1.98 18.89
CA ARG A 58 9.04 -3.39 19.15
C ARG A 58 10.15 -3.95 18.27
N LEU A 59 10.34 -3.35 17.11
CA LEU A 59 11.38 -3.79 16.18
C LEU A 59 12.76 -3.43 16.71
N LYS A 60 13.01 -2.14 16.87
CA LYS A 60 14.30 -1.67 17.38
C LYS A 60 14.12 -0.82 18.63
N LYS A 61 13.65 0.40 18.46
CA LYS A 61 13.42 1.30 19.58
C LYS A 61 12.87 2.64 19.10
N LEU A 62 11.70 3.02 19.63
CA LEU A 62 11.06 4.27 19.26
C LEU A 62 11.90 5.47 19.72
N MET B 1 -13.81 -5.26 -21.64
CA MET B 1 -12.37 -5.32 -21.38
C MET B 1 -11.61 -4.37 -22.30
N LYS B 2 -10.90 -3.42 -21.71
CA LYS B 2 -10.13 -2.45 -22.47
C LYS B 2 -8.67 -2.88 -22.57
N LYS B 3 -7.83 -1.98 -23.07
CA LYS B 3 -6.40 -2.27 -23.22
C LYS B 3 -5.57 -0.98 -23.10
N LEU B 4 -6.13 0.01 -22.42
CA LEU B 4 -5.44 1.28 -22.23
C LEU B 4 -5.77 1.88 -20.87
N ARG B 5 -7.04 2.27 -20.69
CA ARG B 5 -7.49 2.86 -19.43
C ARG B 5 -7.55 1.81 -18.34
N GLU B 6 -8.03 0.62 -18.68
CA GLU B 6 -8.15 -0.47 -17.72
C GLU B 6 -6.81 -0.74 -17.04
N GLU B 7 -5.73 -0.42 -17.74
CA GLU B 7 -4.39 -0.63 -17.20
C GLU B 7 -4.24 0.02 -15.82
N ALA B 8 -4.83 1.21 -15.67
CA ALA B 8 -4.76 1.93 -14.40
C ALA B 8 -5.48 1.16 -13.30
N ALA B 9 -6.45 0.34 -13.69
CA ALA B 9 -7.20 -0.46 -12.72
C ALA B 9 -6.33 -1.55 -12.10
N LYS B 10 -5.53 -2.19 -12.94
CA LYS B 10 -4.64 -3.25 -12.47
C LYS B 10 -3.55 -2.70 -11.55
N LEU B 11 -3.21 -1.43 -11.75
CA LEU B 11 -2.19 -0.79 -10.93
C LEU B 11 -2.49 -0.95 -9.45
N PHE B 12 -3.75 -0.71 -9.08
CA PHE B 12 -4.16 -0.84 -7.68
C PHE B 12 -4.26 -2.31 -7.28
N GLU B 13 -4.52 -3.17 -8.26
CA GLU B 13 -4.64 -4.60 -8.01
C GLU B 13 -3.37 -5.16 -7.38
N GLU B 14 -2.23 -4.61 -7.79
CA GLU B 14 -0.94 -5.05 -7.28
C GLU B 14 -0.72 -4.53 -5.86
N TRP B 15 -1.21 -3.33 -5.59
CA TRP B 15 -1.06 -2.72 -4.28
C TRP B 15 -1.65 -3.61 -3.19
N LYS B 16 -2.89 -4.03 -3.38
CA LYS B 16 -3.56 -4.89 -2.41
C LYS B 16 -2.92 -6.28 -2.39
N LYS B 17 -2.29 -6.66 -3.49
CA LYS B 17 -1.64 -7.95 -3.60
C LYS B 17 -0.35 -7.98 -2.79
N LEU B 18 0.54 -7.04 -3.06
CA LEU B 18 1.81 -6.95 -2.35
C LEU B 18 1.59 -6.85 -0.84
N ALA B 19 0.43 -6.34 -0.45
CA ALA B 19 0.08 -6.19 0.95
C ALA B 19 -0.23 -7.55 1.59
N GLU B 20 -0.74 -8.47 0.77
CA GLU B 20 -1.08 -9.80 1.25
C GLU B 20 0.17 -10.63 1.54
N GLU B 21 1.08 -10.65 0.56
CA GLU B 21 2.33 -11.39 0.70
C GLU B 21 3.12 -10.92 1.91
N ALA B 22 3.06 -9.62 2.17
CA ALA B 22 3.78 -9.04 3.30
C ALA B 22 3.07 -9.33 4.61
N ALA B 23 1.74 -9.40 4.56
CA ALA B 23 0.93 -9.68 5.74
C ALA B 23 1.10 -11.12 6.19
N LYS B 24 0.91 -12.06 5.26
CA LYS B 24 1.04 -13.47 5.55
C LYS B 24 2.45 -13.81 6.02
N LEU B 25 3.45 -13.15 5.42
CA LEU B 25 4.83 -13.38 5.79
C LEU B 25 5.18 -12.68 7.09
N LEU B 26 4.63 -11.48 7.28
CA LEU B 26 4.88 -10.71 8.49
C LEU B 26 4.64 -11.56 9.73
N GLU B 27 3.56 -12.32 9.73
CA GLU B 27 3.22 -13.19 10.85
C GLU B 27 3.74 -14.60 10.63
N GLY B 28 4.19 -14.88 9.41
CA GLY B 28 4.70 -16.19 9.10
C GLY B 28 3.66 -17.28 9.24
N GLY B 29 2.39 -16.87 9.26
CA GLY B 29 1.31 -17.83 9.39
C GLY B 29 0.96 -18.11 10.84
N GLY B 30 1.36 -17.21 11.72
CA GLY B 30 1.07 -17.37 13.14
C GLY B 30 2.28 -17.07 14.02
N GLY B 31 2.48 -15.80 14.33
CA GLY B 31 3.59 -15.41 15.17
C GLY B 31 3.34 -14.11 15.91
N GLY B 32 3.99 -13.96 17.07
CA GLY B 32 3.81 -12.75 17.86
C GLY B 32 2.35 -12.44 18.13
N GLY B 33 1.99 -11.16 17.98
CA GLY B 33 0.62 -10.76 18.22
C GLY B 33 0.41 -9.27 18.02
N GLY B 34 0.27 -8.54 19.12
CA GLY B 34 0.05 -7.11 19.04
C GLY B 34 -1.41 -6.73 19.05
N GLY B 35 -2.21 -7.42 18.25
CA GLY B 35 -3.63 -7.14 18.18
C GLY B 35 -3.96 -6.02 17.22
N GLU B 36 -3.86 -4.78 17.71
CA GLU B 36 -4.16 -3.61 16.88
C GLU B 36 -3.10 -3.44 15.79
N LEU B 37 -1.91 -3.98 16.04
CA LEU B 37 -0.81 -3.89 15.09
C LEU B 37 -1.25 -4.33 13.70
N MET B 38 -1.79 -5.54 13.61
CA MET B 38 -2.26 -6.07 12.34
C MET B 38 -3.38 -5.22 11.76
N LYS B 39 -4.26 -4.74 12.64
CA LYS B 39 -5.38 -3.90 12.22
C LYS B 39 -4.89 -2.71 11.41
N LEU B 40 -3.72 -2.19 11.77
CA LEU B 40 -3.14 -1.04 11.07
C LEU B 40 -2.60 -1.45 9.72
N CYS B 41 -2.06 -2.66 9.63
CA CYS B 41 -1.50 -3.17 8.39
C CYS B 41 -2.62 -3.57 7.41
N GLU B 42 -3.76 -3.97 7.96
CA GLU B 42 -4.89 -4.38 7.15
C GLU B 42 -5.40 -3.21 6.29
N GLU B 43 -5.15 -2.00 6.77
CA GLU B 43 -5.57 -0.80 6.05
C GLU B 43 -5.04 -0.81 4.62
N ALA B 44 -3.84 -1.34 4.45
CA ALA B 44 -3.22 -1.41 3.13
C ALA B 44 -4.15 -2.04 2.11
N ALA B 45 -4.84 -3.09 2.52
CA ALA B 45 -5.77 -3.79 1.65
C ALA B 45 -7.06 -3.01 1.47
N LYS B 46 -7.35 -2.12 2.43
CA LYS B 46 -8.55 -1.30 2.38
C LYS B 46 -8.41 -0.19 1.34
N LYS B 47 -7.29 0.52 1.39
CA LYS B 47 -7.03 1.60 0.46
C LYS B 47 -6.93 1.07 -0.98
N ALA B 48 -6.06 0.07 -1.17
CA ALA B 48 -5.88 -0.52 -2.49
C ALA B 48 -7.20 -1.02 -3.05
N GLU B 49 -8.07 -1.51 -2.18
CA GLU B 49 -9.38 -2.02 -2.60
C GLU B 49 -10.28 -0.89 -3.07
N GLU B 50 -10.26 0.22 -2.33
CA GLU B 50 -11.08 1.38 -2.67
C GLU B 50 -10.54 2.10 -3.89
N LEU B 51 -9.23 1.97 -4.11
CA LEU B 51 -8.58 2.61 -5.25
C LEU B 51 -8.95 1.91 -6.55
N PHE B 52 -8.94 0.58 -6.53
CA PHE B 52 -9.28 -0.20 -7.71
C PHE B 52 -10.67 0.15 -8.22
N LYS B 53 -11.51 0.66 -7.32
CA LYS B 53 -12.88 1.05 -7.68
C LYS B 53 -12.89 2.31 -8.54
N LEU B 54 -12.11 3.31 -8.12
CA LEU B 54 -12.03 4.56 -8.86
C LEU B 54 -11.62 4.32 -10.31
N ALA B 55 -10.93 3.21 -10.54
CA ALA B 55 -10.49 2.85 -11.88
C ALA B 55 -11.65 2.84 -12.87
N GLU B 56 -12.82 2.43 -12.37
CA GLU B 56 -14.01 2.37 -13.21
C GLU B 56 -14.30 3.72 -13.87
N GLU B 57 -13.87 4.79 -13.20
CA GLU B 57 -14.08 6.14 -13.71
C GLU B 57 -13.31 6.35 -15.01
N ARG B 58 -12.04 5.95 -15.01
CA ARG B 58 -11.19 6.09 -16.20
C ARG B 58 -11.50 5.01 -17.23
N LEU B 59 -11.92 3.84 -16.75
CA LEU B 59 -12.25 2.73 -17.63
C LEU B 59 -13.58 2.99 -18.34
N LYS B 60 -14.65 3.09 -17.56
CA LYS B 60 -15.98 3.34 -18.12
C LYS B 60 -16.57 4.62 -17.56
N LYS B 61 -17.06 4.55 -16.32
CA LYS B 61 -17.66 5.71 -15.67
C LYS B 61 -18.12 5.36 -14.26
N LEU B 62 -17.62 6.10 -13.28
CA LEU B 62 -17.99 5.88 -11.88
C LEU B 62 -19.47 6.18 -11.65
F1 HLT C . 0.90 -0.91 -2.34
C2 HLT C . 0.57 -0.04 -1.33
F2 HLT C . 1.30 1.10 -1.50
F3 HLT C . -0.75 0.26 -1.43
C1 HLT C . 0.92 -0.70 0.09
BR HLT C . 0.53 0.52 1.46
CL HLT C . 0.02 -2.21 0.24
HC1 HLT C . 1.98 -0.92 0.11
N MET A 1 19.40 -5.36 21.63
CA MET A 1 18.82 -6.69 21.44
C MET A 1 18.16 -6.80 20.07
N LYS A 2 18.86 -6.37 19.03
CA LYS A 2 18.34 -6.42 17.67
C LYS A 2 18.93 -7.61 16.92
N LYS A 3 18.11 -8.23 16.07
CA LYS A 3 18.54 -9.37 15.28
C LYS A 3 17.74 -9.49 13.99
N LEU A 4 16.42 -9.55 14.13
CA LEU A 4 15.53 -9.66 12.98
C LEU A 4 14.37 -8.67 13.08
N ARG A 5 14.48 -7.74 14.02
CA ARG A 5 13.44 -6.75 14.23
C ARG A 5 13.42 -5.73 13.10
N GLU A 6 14.59 -5.21 12.75
CA GLU A 6 14.71 -4.23 11.68
C GLU A 6 14.08 -4.74 10.40
N GLU A 7 14.12 -6.05 10.21
CA GLU A 7 13.55 -6.67 9.02
C GLU A 7 12.10 -6.26 8.83
N ALA A 8 11.38 -6.13 9.94
CA ALA A 8 9.97 -5.73 9.90
C ALA A 8 9.81 -4.30 9.40
N ALA A 9 10.85 -3.49 9.59
CA ALA A 9 10.84 -2.11 9.14
C ALA A 9 10.99 -2.01 7.62
N LYS A 10 11.68 -2.99 7.05
CA LYS A 10 11.90 -3.03 5.61
C LYS A 10 10.65 -3.47 4.87
N LEU A 11 9.88 -4.34 5.50
CA LEU A 11 8.64 -4.85 4.91
C LEU A 11 7.75 -3.70 4.44
N PHE A 12 7.55 -2.72 5.31
CA PHE A 12 6.71 -1.56 4.99
C PHE A 12 7.46 -0.62 4.03
N GLU A 13 8.78 -0.71 4.02
CA GLU A 13 9.59 0.13 3.17
C GLU A 13 9.24 -0.08 1.69
N GLU A 14 8.94 -1.32 1.34
CA GLU A 14 8.58 -1.66 -0.04
C GLU A 14 7.17 -1.20 -0.35
N TRP A 15 6.30 -1.25 0.64
CA TRP A 15 4.90 -0.84 0.47
C TRP A 15 4.82 0.58 -0.10
N LYS A 16 5.53 1.51 0.55
CA LYS A 16 5.53 2.90 0.10
C LYS A 16 6.33 3.06 -1.18
N LYS A 17 7.34 2.21 -1.36
CA LYS A 17 8.18 2.25 -2.55
C LYS A 17 7.37 1.90 -3.79
N LEU A 18 6.65 0.79 -3.75
CA LEU A 18 5.84 0.36 -4.87
C LEU A 18 4.84 1.44 -5.27
N ALA A 19 4.51 2.30 -4.32
CA ALA A 19 3.56 3.39 -4.58
C ALA A 19 4.20 4.48 -5.42
N GLU A 20 5.51 4.64 -5.30
CA GLU A 20 6.25 5.64 -6.05
C GLU A 20 6.37 5.24 -7.52
N GLU A 21 6.82 4.01 -7.75
CA GLU A 21 6.99 3.51 -9.11
C GLU A 21 5.68 3.60 -9.88
N ALA A 22 4.59 3.16 -9.26
CA ALA A 22 3.28 3.19 -9.89
C ALA A 22 2.84 4.62 -10.17
N ALA A 23 3.24 5.54 -9.30
CA ALA A 23 2.88 6.94 -9.44
C ALA A 23 3.63 7.58 -10.62
N LYS A 24 4.94 7.38 -10.65
CA LYS A 24 5.77 7.93 -11.72
C LYS A 24 5.40 7.31 -13.06
N LEU A 25 5.07 6.03 -13.05
CA LEU A 25 4.70 5.32 -14.27
C LEU A 25 3.27 5.68 -14.69
N LEU A 26 2.38 5.82 -13.71
CA LEU A 26 1.00 6.17 -13.98
C LEU A 26 0.90 7.38 -14.90
N GLU A 27 1.68 8.40 -14.60
CA GLU A 27 1.69 9.62 -15.40
C GLU A 27 2.71 9.53 -16.53
N GLY A 28 3.56 8.51 -16.46
CA GLY A 28 4.57 8.33 -17.49
C GLY A 28 5.60 9.44 -17.50
N GLY A 29 5.72 10.15 -16.39
CA GLY A 29 6.67 11.24 -16.30
C GLY A 29 7.43 11.24 -14.99
N GLY A 30 6.71 11.24 -13.88
CA GLY A 30 7.34 11.23 -12.57
C GLY A 30 6.71 12.24 -11.62
N GLY A 31 5.82 11.76 -10.76
CA GLY A 31 5.15 12.63 -9.81
C GLY A 31 3.65 12.48 -9.83
N GLY A 32 3.12 12.02 -10.97
CA GLY A 32 1.68 11.85 -11.09
C GLY A 32 1.02 12.99 -11.81
N GLY A 33 -0.30 12.92 -11.95
CA GLY A 33 -1.04 13.97 -12.62
C GLY A 33 -1.08 15.25 -11.83
N GLY A 34 -0.90 15.15 -10.52
CA GLY A 34 -0.92 16.31 -9.67
C GLY A 34 -2.32 16.89 -9.49
N GLY A 35 -3.10 16.25 -8.64
CA GLY A 35 -4.47 16.71 -8.40
C GLY A 35 -5.20 15.85 -7.40
N GLU A 36 -6.52 15.86 -7.47
CA GLU A 36 -7.35 15.07 -6.55
C GLU A 36 -7.15 13.58 -6.78
N LEU A 37 -7.33 13.16 -8.04
CA LEU A 37 -7.17 11.76 -8.40
C LEU A 37 -5.82 11.22 -7.93
N MET A 38 -4.75 11.89 -8.31
CA MET A 38 -3.40 11.48 -7.93
C MET A 38 -3.26 11.47 -6.41
N LYS A 39 -3.98 12.37 -5.74
CA LYS A 39 -3.95 12.46 -4.29
C LYS A 39 -4.24 11.11 -3.64
N LEU A 40 -5.04 10.30 -4.32
CA LEU A 40 -5.40 8.98 -3.81
C LEU A 40 -4.21 8.02 -3.88
N CYS A 41 -3.38 8.20 -4.91
CA CYS A 41 -2.20 7.36 -5.08
C CYS A 41 -1.11 7.74 -4.09
N GLU A 42 -1.06 9.00 -3.73
CA GLU A 42 -0.06 9.49 -2.78
C GLU A 42 -0.36 9.00 -1.36
N GLU A 43 -1.63 8.72 -1.10
CA GLU A 43 -2.05 8.24 0.21
C GLU A 43 -1.27 6.99 0.60
N ALA A 44 -0.89 6.20 -0.39
CA ALA A 44 -0.12 4.98 -0.15
C ALA A 44 1.10 5.25 0.72
N ALA A 45 1.79 6.35 0.43
CA ALA A 45 2.98 6.72 1.19
C ALA A 45 2.60 7.30 2.55
N LYS A 46 1.38 7.80 2.66
CA LYS A 46 0.90 8.37 3.91
C LYS A 46 0.62 7.28 4.94
N LYS A 47 -0.10 6.24 4.51
CA LYS A 47 -0.42 5.13 5.40
C LYS A 47 0.79 4.25 5.65
N ALA A 48 1.48 3.89 4.58
CA ALA A 48 2.67 3.05 4.68
C ALA A 48 3.67 3.62 5.69
N GLU A 49 3.96 4.92 5.55
CA GLU A 49 4.89 5.59 6.45
C GLU A 49 4.47 5.42 7.90
N GLU A 50 3.17 5.34 8.13
CA GLU A 50 2.63 5.17 9.48
C GLU A 50 2.92 3.78 10.01
N LEU A 51 3.07 2.82 9.10
CA LEU A 51 3.36 1.44 9.47
C LEU A 51 4.78 1.29 9.98
N PHE A 52 5.73 1.88 9.25
CA PHE A 52 7.14 1.82 9.64
C PHE A 52 7.34 2.39 11.04
N LYS A 53 6.42 3.24 11.47
CA LYS A 53 6.50 3.85 12.79
C LYS A 53 6.68 2.79 13.87
N LEU A 54 5.80 1.79 13.87
CA LEU A 54 5.86 0.71 14.85
C LEU A 54 7.18 -0.04 14.75
N ALA A 55 7.68 -0.19 13.53
CA ALA A 55 8.95 -0.89 13.30
C ALA A 55 10.07 -0.25 14.09
N GLU A 56 9.93 1.04 14.37
CA GLU A 56 10.95 1.77 15.13
C GLU A 56 10.84 1.46 16.62
N GLU A 57 9.65 1.06 17.05
CA GLU A 57 9.42 0.73 18.45
C GLU A 57 10.16 -0.54 18.85
N ARG A 58 10.01 -1.58 18.03
CA ARG A 58 10.68 -2.85 18.30
C ARG A 58 12.14 -2.80 17.91
N LEU A 59 12.45 -1.98 16.90
CA LEU A 59 13.83 -1.85 16.43
C LEU A 59 14.66 -1.03 17.41
N LYS A 60 14.27 0.23 17.61
CA LYS A 60 14.97 1.11 18.54
C LYS A 60 14.03 1.65 19.60
N LYS A 61 14.54 2.54 20.44
CA LYS A 61 13.75 3.15 21.51
C LYS A 61 12.94 4.32 20.98
N LEU A 62 11.83 4.03 20.31
CA LEU A 62 10.97 5.06 19.75
C LEU A 62 10.60 6.08 20.82
N MET B 1 -15.68 3.72 -24.27
CA MET B 1 -14.45 4.40 -24.67
C MET B 1 -13.26 3.90 -23.85
N LYS B 2 -13.14 2.58 -23.74
CA LYS B 2 -12.04 1.97 -23.00
C LYS B 2 -10.94 1.49 -23.93
N LYS B 3 -9.69 1.63 -23.50
CA LYS B 3 -8.55 1.20 -24.30
C LYS B 3 -7.37 0.83 -23.40
N LEU B 4 -6.96 1.77 -22.56
CA LEU B 4 -5.84 1.54 -21.65
C LEU B 4 -6.18 2.02 -20.24
N ARG B 5 -7.45 2.31 -20.01
CA ARG B 5 -7.91 2.78 -18.70
C ARG B 5 -7.89 1.65 -17.69
N GLU B 6 -8.45 0.50 -18.07
CA GLU B 6 -8.50 -0.66 -17.19
C GLU B 6 -7.12 -1.00 -16.65
N GLU B 7 -6.09 -0.68 -17.44
CA GLU B 7 -4.72 -0.95 -17.04
C GLU B 7 -4.41 -0.35 -15.68
N ALA B 8 -5.04 0.78 -15.38
CA ALA B 8 -4.84 1.46 -14.11
C ALA B 8 -5.47 0.68 -12.96
N ALA B 9 -6.50 -0.10 -13.28
CA ALA B 9 -7.19 -0.91 -12.27
C ALA B 9 -6.30 -2.04 -11.78
N LYS B 10 -5.43 -2.53 -12.65
CA LYS B 10 -4.53 -3.62 -12.31
C LYS B 10 -3.39 -3.12 -11.43
N LEU B 11 -2.96 -1.88 -11.67
CA LEU B 11 -1.87 -1.28 -10.90
C LEU B 11 -2.14 -1.40 -9.40
N PHE B 12 -3.37 -1.05 -9.00
CA PHE B 12 -3.76 -1.12 -7.60
C PHE B 12 -3.94 -2.56 -7.14
N GLU B 13 -4.16 -3.45 -8.10
CA GLU B 13 -4.35 -4.86 -7.80
C GLU B 13 -3.13 -5.44 -7.09
N GLU B 14 -1.95 -4.98 -7.50
CA GLU B 14 -0.70 -5.45 -6.89
C GLU B 14 -0.50 -4.84 -5.51
N TRP B 15 -0.95 -3.60 -5.34
CA TRP B 15 -0.83 -2.90 -4.07
C TRP B 15 -1.42 -3.73 -2.93
N LYS B 16 -2.65 -4.19 -3.13
CA LYS B 16 -3.32 -5.00 -2.12
C LYS B 16 -2.72 -6.39 -2.03
N LYS B 17 -2.20 -6.88 -3.15
CA LYS B 17 -1.58 -8.20 -3.20
C LYS B 17 -0.31 -8.24 -2.34
N LEU B 18 0.57 -7.26 -2.56
CA LEU B 18 1.81 -7.20 -1.81
C LEU B 18 1.55 -7.14 -0.31
N ALA B 19 0.36 -6.68 0.06
CA ALA B 19 -0.02 -6.58 1.47
C ALA B 19 -0.33 -7.96 2.04
N GLU B 20 -0.79 -8.87 1.18
CA GLU B 20 -1.12 -10.22 1.61
C GLU B 20 0.14 -11.03 1.88
N GLU B 21 1.07 -11.01 0.94
CA GLU B 21 2.32 -11.74 1.07
C GLU B 21 3.06 -11.32 2.33
N ALA B 22 3.16 -10.01 2.55
CA ALA B 22 3.83 -9.47 3.72
C ALA B 22 3.12 -9.88 5.01
N ALA B 23 1.79 -9.99 4.92
CA ALA B 23 0.99 -10.38 6.09
C ALA B 23 1.20 -11.84 6.44
N LYS B 24 1.11 -12.71 5.44
CA LYS B 24 1.29 -14.15 5.65
C LYS B 24 2.72 -14.45 6.08
N LEU B 25 3.67 -13.71 5.52
CA LEU B 25 5.09 -13.91 5.86
C LEU B 25 5.41 -13.29 7.22
N LEU B 26 4.83 -12.14 7.50
CA LEU B 26 5.05 -11.45 8.77
C LEU B 26 4.85 -12.41 9.94
N GLU B 27 3.77 -13.17 9.90
CA GLU B 27 3.47 -14.13 10.97
C GLU B 27 4.10 -15.48 10.69
N GLY B 28 4.59 -15.65 9.46
CA GLY B 28 5.23 -16.90 9.07
C GLY B 28 4.25 -18.06 9.06
N GLY B 29 2.95 -17.75 8.94
CA GLY B 29 1.94 -18.79 8.91
C GLY B 29 0.91 -18.55 7.83
N GLY B 30 0.30 -17.37 7.84
CA GLY B 30 -0.72 -17.05 6.85
C GLY B 30 -1.94 -16.39 7.46
N GLY B 31 -1.99 -15.07 7.38
CA GLY B 31 -3.12 -14.34 7.94
C GLY B 31 -2.69 -13.22 8.86
N GLY B 32 -1.49 -13.34 9.42
CA GLY B 32 -0.98 -12.33 10.32
C GLY B 32 -1.15 -12.71 11.79
N GLY B 33 -0.72 -11.82 12.68
CA GLY B 33 -0.84 -12.08 14.10
C GLY B 33 -2.28 -12.05 14.58
N GLY B 34 -3.13 -11.35 13.83
CA GLY B 34 -4.53 -11.26 14.21
C GLY B 34 -4.74 -10.36 15.41
N GLY B 35 -4.70 -9.05 15.19
CA GLY B 35 -4.89 -8.11 16.28
C GLY B 35 -4.78 -6.67 15.82
N GLU B 36 -4.43 -5.78 16.75
CA GLU B 36 -4.30 -4.36 16.43
C GLU B 36 -3.14 -4.13 15.46
N LEU B 37 -1.98 -4.66 15.80
CA LEU B 37 -0.80 -4.50 14.96
C LEU B 37 -1.09 -4.91 13.51
N MET B 38 -1.58 -6.14 13.35
CA MET B 38 -1.92 -6.66 12.02
C MET B 38 -2.97 -5.79 11.35
N LYS B 39 -3.85 -5.21 12.16
CA LYS B 39 -4.92 -4.35 11.65
C LYS B 39 -4.35 -3.23 10.79
N LEU B 40 -3.12 -2.82 11.10
CA LEU B 40 -2.46 -1.75 10.36
C LEU B 40 -2.07 -2.23 8.96
N CYS B 41 -1.71 -3.50 8.85
CA CYS B 41 -1.31 -4.08 7.57
C CYS B 41 -2.53 -4.32 6.69
N GLU B 42 -3.66 -4.66 7.31
CA GLU B 42 -4.88 -4.91 6.57
C GLU B 42 -5.48 -3.62 6.05
N GLU B 43 -5.18 -2.51 6.72
CA GLU B 43 -5.69 -1.20 6.32
C GLU B 43 -5.34 -0.91 4.85
N ALA B 44 -4.21 -1.42 4.41
CA ALA B 44 -3.75 -1.22 3.04
C ALA B 44 -4.85 -1.59 2.05
N ALA B 45 -5.52 -2.71 2.30
CA ALA B 45 -6.59 -3.17 1.43
C ALA B 45 -7.85 -2.34 1.62
N LYS B 46 -7.97 -1.70 2.78
CA LYS B 46 -9.13 -0.88 3.08
C LYS B 46 -9.11 0.42 2.27
N LYS B 47 -7.96 1.08 2.25
CA LYS B 47 -7.79 2.32 1.51
C LYS B 47 -7.74 2.06 0.01
N ALA B 48 -6.87 1.13 -0.39
CA ALA B 48 -6.71 0.77 -1.79
C ALA B 48 -8.06 0.43 -2.42
N GLU B 49 -8.82 -0.44 -1.75
CA GLU B 49 -10.12 -0.85 -2.25
C GLU B 49 -11.01 0.35 -2.52
N GLU B 50 -10.83 1.40 -1.73
CA GLU B 50 -11.62 2.62 -1.90
C GLU B 50 -11.24 3.35 -3.18
N LEU B 51 -9.99 3.18 -3.59
CA LEU B 51 -9.50 3.82 -4.81
C LEU B 51 -10.07 3.16 -6.06
N PHE B 52 -9.95 1.83 -6.12
CA PHE B 52 -10.46 1.06 -7.25
C PHE B 52 -11.97 1.25 -7.40
N LYS B 53 -12.62 1.61 -6.30
CA LYS B 53 -14.07 1.82 -6.30
C LYS B 53 -14.47 2.83 -7.37
N LEU B 54 -13.92 4.04 -7.28
CA LEU B 54 -14.22 5.09 -8.24
C LEU B 54 -13.50 4.84 -9.56
N ALA B 55 -12.24 4.44 -9.47
CA ALA B 55 -11.43 4.17 -10.65
C ALA B 55 -12.12 3.13 -11.55
N GLU B 56 -12.90 2.25 -10.93
CA GLU B 56 -13.61 1.22 -11.68
C GLU B 56 -14.83 1.78 -12.38
N GLU B 57 -15.35 2.90 -11.85
CA GLU B 57 -16.52 3.54 -12.42
C GLU B 57 -16.21 4.07 -13.82
N ARG B 58 -15.10 4.79 -13.96
CA ARG B 58 -14.71 5.35 -15.23
C ARG B 58 -14.09 4.29 -16.13
N LEU B 59 -13.44 3.30 -15.51
CA LEU B 59 -12.80 2.22 -16.26
C LEU B 59 -13.86 1.28 -16.86
N LYS B 60 -14.68 0.69 -15.98
CA LYS B 60 -15.73 -0.22 -16.43
C LYS B 60 -17.08 0.20 -15.86
N LYS B 61 -18.11 -0.59 -16.18
CA LYS B 61 -19.46 -0.30 -15.69
C LYS B 61 -19.68 -0.91 -14.31
N LEU B 62 -19.17 -0.24 -13.28
CA LEU B 62 -19.32 -0.71 -11.91
C LEU B 62 -20.79 -1.01 -11.59
F1 HLT C . 1.96 -1.58 -0.28
C2 HLT C . 0.71 -1.16 0.08
F2 HLT C . -0.05 -2.27 0.31
F3 HLT C . 0.79 -0.45 1.23
C1 HLT C . 0.07 -0.29 -1.09
BR HLT C . -1.68 0.22 -0.63
CL HLT C . 1.12 1.09 -1.42
HC1 HLT C . 0.03 -0.91 -1.99
N MET A 1 18.17 -4.99 19.53
CA MET A 1 18.25 -4.69 18.11
C MET A 1 17.31 -5.58 17.31
N LYS A 2 17.16 -6.82 17.75
CA LYS A 2 16.29 -7.78 17.07
C LYS A 2 16.78 -8.06 15.65
N LYS A 3 16.31 -9.16 15.08
CA LYS A 3 16.70 -9.53 13.72
C LYS A 3 15.51 -10.11 12.95
N LEU A 4 14.74 -10.96 13.62
CA LEU A 4 13.57 -11.57 13.01
C LEU A 4 12.46 -10.56 12.78
N ARG A 5 12.36 -9.60 13.70
CA ARG A 5 11.34 -8.56 13.61
C ARG A 5 11.67 -7.57 12.48
N GLU A 6 12.94 -7.23 12.35
CA GLU A 6 13.38 -6.31 11.32
C GLU A 6 12.89 -6.76 9.94
N GLU A 7 12.71 -8.06 9.79
CA GLU A 7 12.25 -8.62 8.52
C GLU A 7 10.95 -7.97 8.08
N ALA A 8 10.16 -7.50 9.04
CA ALA A 8 8.89 -6.86 8.75
C ALA A 8 9.11 -5.43 8.24
N ALA A 9 10.22 -4.82 8.64
CA ALA A 9 10.55 -3.47 8.22
C ALA A 9 11.04 -3.44 6.77
N LYS A 10 11.62 -4.55 6.34
CA LYS A 10 12.13 -4.66 4.96
C LYS A 10 10.99 -4.65 3.96
N LEU A 11 10.04 -5.57 4.14
CA LEU A 11 8.89 -5.67 3.24
C LEU A 11 8.13 -4.35 3.18
N PHE A 12 7.90 -3.75 4.35
CA PHE A 12 7.18 -2.49 4.43
C PHE A 12 7.97 -1.37 3.75
N GLU A 13 9.28 -1.59 3.61
CA GLU A 13 10.14 -0.59 2.98
C GLU A 13 9.77 -0.39 1.51
N GLU A 14 9.43 -1.49 0.84
CA GLU A 14 9.06 -1.43 -0.57
C GLU A 14 7.65 -0.86 -0.74
N TRP A 15 6.81 -1.08 0.27
CA TRP A 15 5.44 -0.59 0.24
C TRP A 15 5.40 0.93 0.17
N LYS A 16 6.19 1.58 1.03
CA LYS A 16 6.25 3.03 1.07
C LYS A 16 7.09 3.58 -0.08
N LYS A 17 8.01 2.75 -0.57
CA LYS A 17 8.88 3.14 -1.67
C LYS A 17 8.11 3.18 -2.99
N LEU A 18 7.45 2.07 -3.31
CA LEU A 18 6.67 1.98 -4.54
C LEU A 18 5.65 3.10 -4.63
N ALA A 19 5.13 3.53 -3.48
CA ALA A 19 4.15 4.59 -3.43
C ALA A 19 4.78 5.94 -3.81
N GLU A 20 6.08 6.05 -3.60
CA GLU A 20 6.80 7.28 -3.92
C GLU A 20 6.96 7.43 -5.44
N GLU A 21 7.44 6.38 -6.09
CA GLU A 21 7.64 6.39 -7.53
C GLU A 21 6.31 6.33 -8.26
N ALA A 22 5.46 5.37 -7.89
CA ALA A 22 4.16 5.21 -8.51
C ALA A 22 3.35 6.49 -8.41
N ALA A 23 3.68 7.33 -7.44
CA ALA A 23 2.98 8.59 -7.24
C ALA A 23 3.39 9.62 -8.29
N LYS A 24 4.69 9.87 -8.39
CA LYS A 24 5.22 10.83 -9.35
C LYS A 24 4.99 10.35 -10.78
N LEU A 25 4.98 9.04 -10.96
CA LEU A 25 4.76 8.44 -12.28
C LEU A 25 3.30 8.49 -12.67
N LEU A 26 2.43 8.18 -11.71
CA LEU A 26 0.99 8.19 -11.95
C LEU A 26 0.55 9.50 -12.59
N GLU A 27 0.97 10.60 -12.02
CA GLU A 27 0.62 11.92 -12.53
C GLU A 27 1.67 12.40 -13.54
N GLY A 28 2.55 11.50 -13.96
CA GLY A 28 3.58 11.85 -14.90
C GLY A 28 3.03 12.37 -16.22
N GLY A 29 1.73 12.15 -16.43
CA GLY A 29 1.10 12.59 -17.65
C GLY A 29 0.17 11.55 -18.24
N GLY A 30 -0.68 10.96 -17.40
CA GLY A 30 -1.61 9.95 -17.87
C GLY A 30 -1.98 8.97 -16.77
N GLY A 31 -2.99 9.31 -15.99
CA GLY A 31 -3.43 8.43 -14.91
C GLY A 31 -3.90 9.20 -13.70
N GLY A 32 -4.64 10.29 -13.94
CA GLY A 32 -5.15 11.10 -12.85
C GLY A 32 -6.28 12.00 -13.27
N GLY A 33 -6.88 12.70 -12.31
CA GLY A 33 -7.98 13.59 -12.61
C GLY A 33 -8.23 14.60 -11.50
N GLY A 34 -7.17 15.28 -11.08
CA GLY A 34 -7.30 16.27 -10.03
C GLY A 34 -6.24 16.12 -8.95
N GLY A 35 -6.67 16.19 -7.69
CA GLY A 35 -5.74 16.06 -6.59
C GLY A 35 -6.21 15.06 -5.55
N GLU A 36 -7.33 15.37 -4.91
CA GLU A 36 -7.89 14.49 -3.89
C GLU A 36 -8.04 13.06 -4.40
N LEU A 37 -8.36 12.94 -5.70
CA LEU A 37 -8.52 11.64 -6.32
C LEU A 37 -7.26 10.79 -6.16
N MET A 38 -6.11 11.39 -6.46
CA MET A 38 -4.83 10.70 -6.36
C MET A 38 -4.47 10.47 -4.89
N LYS A 39 -4.95 11.33 -4.01
CA LYS A 39 -4.69 11.22 -2.58
C LYS A 39 -5.04 9.83 -2.07
N LEU A 40 -6.00 9.20 -2.72
CA LEU A 40 -6.45 7.86 -2.33
C LEU A 40 -5.27 6.89 -2.28
N CYS A 41 -4.62 6.70 -3.43
CA CYS A 41 -3.48 5.80 -3.52
C CYS A 41 -2.29 6.35 -2.74
N GLU A 42 -2.23 7.68 -2.60
CA GLU A 42 -1.15 8.33 -1.89
C GLU A 42 -1.07 7.83 -0.44
N GLU A 43 -2.21 7.35 0.07
CA GLU A 43 -2.27 6.85 1.43
C GLU A 43 -1.22 5.76 1.66
N ALA A 44 -0.86 5.06 0.59
CA ALA A 44 0.14 4.01 0.68
C ALA A 44 1.41 4.50 1.36
N ALA A 45 1.88 5.67 0.96
CA ALA A 45 3.09 6.25 1.54
C ALA A 45 2.83 6.76 2.95
N LYS A 46 1.56 7.04 3.25
CA LYS A 46 1.18 7.54 4.56
C LYS A 46 1.15 6.41 5.58
N LYS A 47 0.42 5.35 5.27
CA LYS A 47 0.31 4.19 6.16
C LYS A 47 1.64 3.45 6.25
N ALA A 48 2.23 3.13 5.10
CA ALA A 48 3.50 2.43 5.06
C ALA A 48 4.54 3.14 5.93
N GLU A 49 4.61 4.46 5.81
CA GLU A 49 5.56 5.25 6.57
C GLU A 49 5.09 5.42 8.01
N GLU A 50 3.78 5.45 8.21
CA GLU A 50 3.19 5.60 9.54
C GLU A 50 3.52 4.39 10.41
N LEU A 51 3.23 3.20 9.89
CA LEU A 51 3.49 1.96 10.63
C LEU A 51 4.99 1.70 10.75
N PHE A 52 5.71 1.96 9.67
CA PHE A 52 7.15 1.75 9.65
C PHE A 52 7.86 2.77 10.54
N LYS A 53 7.21 3.90 10.77
CA LYS A 53 7.77 4.95 11.61
C LYS A 53 7.92 4.48 13.06
N LEU A 54 6.81 4.08 13.66
CA LEU A 54 6.82 3.60 15.04
C LEU A 54 7.39 2.19 15.12
N ALA A 55 7.32 1.47 14.01
CA ALA A 55 7.83 0.10 13.95
C ALA A 55 9.30 0.05 14.36
N GLU A 56 10.06 1.08 13.97
CA GLU A 56 11.47 1.15 14.29
C GLU A 56 11.71 0.98 15.79
N GLU A 57 10.75 1.46 16.58
CA GLU A 57 10.85 1.36 18.03
C GLU A 57 10.93 -0.10 18.47
N ARG A 58 9.99 -0.91 17.99
CA ARG A 58 9.95 -2.32 18.33
C ARG A 58 11.00 -3.11 17.54
N LEU A 59 11.42 -2.55 16.41
CA LEU A 59 12.40 -3.20 15.55
C LEU A 59 13.81 -2.91 16.06
N LYS A 60 14.31 -1.71 15.78
CA LYS A 60 15.65 -1.31 16.20
C LYS A 60 15.58 -0.40 17.44
N LYS A 61 16.73 0.09 17.86
CA LYS A 61 16.80 0.97 19.02
C LYS A 61 16.95 2.43 18.59
N LEU A 62 17.52 2.63 17.41
CA LEU A 62 17.71 3.99 16.89
C LEU A 62 18.60 4.81 17.81
N MET B 1 -14.65 0.44 -22.61
CA MET B 1 -13.82 -0.51 -21.87
C MET B 1 -12.46 0.11 -21.57
N LYS B 2 -11.95 0.92 -22.50
CA LYS B 2 -10.66 1.56 -22.31
C LYS B 2 -9.54 0.52 -22.23
N LYS B 3 -8.31 0.98 -22.43
CA LYS B 3 -7.15 0.09 -22.37
C LYS B 3 -5.96 0.80 -21.72
N LEU B 4 -5.75 2.05 -22.08
CA LEU B 4 -4.65 2.84 -21.54
C LEU B 4 -4.92 3.19 -20.07
N ARG B 5 -6.19 3.39 -19.74
CA ARG B 5 -6.58 3.74 -18.38
C ARG B 5 -6.42 2.54 -17.45
N GLU B 6 -6.80 1.36 -17.94
CA GLU B 6 -6.71 0.14 -17.15
C GLU B 6 -5.29 -0.05 -16.61
N GLU B 7 -4.32 0.51 -17.31
CA GLU B 7 -2.92 0.40 -16.90
C GLU B 7 -2.73 0.90 -15.48
N ALA B 8 -3.59 1.82 -15.06
CA ALA B 8 -3.52 2.38 -13.71
C ALA B 8 -4.07 1.40 -12.68
N ALA B 9 -4.97 0.53 -13.12
CA ALA B 9 -5.58 -0.47 -12.24
C ALA B 9 -4.62 -1.62 -11.98
N LYS B 10 -3.70 -1.85 -12.92
CA LYS B 10 -2.73 -2.93 -12.80
C LYS B 10 -1.74 -2.63 -11.67
N LEU B 11 -1.10 -1.47 -11.73
CA LEU B 11 -0.14 -1.06 -10.72
C LEU B 11 -0.76 -1.10 -9.32
N PHE B 12 -1.98 -0.58 -9.21
CA PHE B 12 -2.68 -0.56 -7.94
C PHE B 12 -3.04 -1.97 -7.48
N GLU B 13 -3.06 -2.91 -8.44
CA GLU B 13 -3.39 -4.29 -8.13
C GLU B 13 -2.37 -4.90 -7.17
N GLU B 14 -1.16 -4.35 -7.18
CA GLU B 14 -0.10 -4.83 -6.31
C GLU B 14 -0.36 -4.43 -4.86
N TRP B 15 -0.94 -3.26 -4.68
CA TRP B 15 -1.25 -2.75 -3.35
C TRP B 15 -2.31 -3.61 -2.67
N LYS B 16 -3.35 -3.95 -3.42
CA LYS B 16 -4.44 -4.76 -2.90
C LYS B 16 -4.03 -6.24 -2.82
N LYS B 17 -3.15 -6.65 -3.72
CA LYS B 17 -2.68 -8.03 -3.75
C LYS B 17 -1.68 -8.28 -2.63
N LEU B 18 -0.60 -7.51 -2.62
CA LEU B 18 0.44 -7.65 -1.60
C LEU B 18 -0.16 -7.55 -0.20
N ALA B 19 -1.22 -6.76 -0.07
CA ALA B 19 -1.90 -6.58 1.21
C ALA B 19 -2.55 -7.87 1.67
N GLU B 20 -2.94 -8.71 0.70
CA GLU B 20 -3.58 -9.98 1.02
C GLU B 20 -2.57 -10.98 1.57
N GLU B 21 -1.46 -11.12 0.88
CA GLU B 21 -0.41 -12.06 1.29
C GLU B 21 0.33 -11.52 2.52
N ALA B 22 0.79 -10.28 2.44
CA ALA B 22 1.52 -9.65 3.53
C ALA B 22 0.69 -9.68 4.82
N ALA B 23 -0.63 -9.79 4.67
CA ALA B 23 -1.52 -9.84 5.82
C ALA B 23 -1.47 -11.20 6.50
N LYS B 24 -1.71 -12.26 5.74
CA LYS B 24 -1.69 -13.61 6.27
C LYS B 24 -0.29 -14.01 6.70
N LEU B 25 0.72 -13.44 6.04
CA LEU B 25 2.11 -13.74 6.37
C LEU B 25 2.54 -12.98 7.61
N LEU B 26 2.15 -11.72 7.71
CA LEU B 26 2.50 -10.88 8.85
C LEU B 26 2.16 -11.59 10.16
N GLU B 27 0.94 -12.10 10.26
CA GLU B 27 0.50 -12.80 11.46
C GLU B 27 0.79 -14.30 11.34
N GLY B 28 1.58 -14.67 10.35
CA GLY B 28 1.92 -16.08 10.16
C GLY B 28 2.62 -16.67 11.36
N GLY B 29 3.08 -15.82 12.27
CA GLY B 29 3.77 -16.29 13.45
C GLY B 29 5.03 -15.51 13.76
N GLY B 30 4.92 -14.17 13.69
CA GLY B 30 6.06 -13.33 13.96
C GLY B 30 6.00 -12.02 13.19
N GLY B 31 5.38 -11.02 13.79
CA GLY B 31 5.26 -9.72 13.15
C GLY B 31 3.97 -9.01 13.48
N GLY B 32 3.55 -9.10 14.74
CA GLY B 32 2.32 -8.47 15.17
C GLY B 32 2.25 -8.30 16.68
N GLY B 33 1.21 -7.59 17.15
CA GLY B 33 1.05 -7.38 18.56
C GLY B 33 -0.36 -6.95 18.92
N GLY B 34 -1.35 -7.70 18.44
CA GLY B 34 -2.73 -7.38 18.72
C GLY B 34 -3.59 -7.37 17.47
N GLY B 35 -4.44 -6.36 17.34
CA GLY B 35 -5.31 -6.26 16.19
C GLY B 35 -5.25 -4.90 15.54
N GLU B 36 -5.69 -3.88 16.27
CA GLU B 36 -5.70 -2.51 15.75
C GLU B 36 -4.32 -2.12 15.23
N LEU B 37 -3.28 -2.61 15.90
CA LEU B 37 -1.90 -2.31 15.50
C LEU B 37 -1.65 -2.75 14.07
N MET B 38 -2.05 -3.98 13.75
CA MET B 38 -1.86 -4.52 12.41
C MET B 38 -2.78 -3.83 11.41
N LYS B 39 -3.90 -3.31 11.90
CA LYS B 39 -4.87 -2.62 11.05
C LYS B 39 -4.21 -1.50 10.27
N LEU B 40 -3.13 -0.95 10.84
CA LEU B 40 -2.40 0.13 10.19
C LEU B 40 -1.98 -0.26 8.78
N CYS B 41 -1.18 -1.31 8.66
CA CYS B 41 -0.71 -1.79 7.37
C CYS B 41 -1.86 -2.41 6.58
N GLU B 42 -2.83 -2.97 7.29
CA GLU B 42 -3.99 -3.61 6.66
C GLU B 42 -4.75 -2.61 5.80
N GLU B 43 -4.63 -1.33 6.13
CA GLU B 43 -5.32 -0.29 5.38
C GLU B 43 -4.97 -0.36 3.90
N ALA B 44 -3.80 -0.90 3.61
CA ALA B 44 -3.34 -1.03 2.23
C ALA B 44 -4.39 -1.70 1.36
N ALA B 45 -4.95 -2.81 1.86
CA ALA B 45 -5.96 -3.55 1.12
C ALA B 45 -7.29 -2.78 1.11
N LYS B 46 -7.46 -1.90 2.09
CA LYS B 46 -8.68 -1.11 2.20
C LYS B 46 -8.69 0.03 1.17
N LYS B 47 -7.62 0.82 1.18
CA LYS B 47 -7.50 1.93 0.25
C LYS B 47 -7.33 1.43 -1.19
N ALA B 48 -6.42 0.49 -1.38
CA ALA B 48 -6.17 -0.08 -2.70
C ALA B 48 -7.47 -0.54 -3.35
N GLU B 49 -8.29 -1.27 -2.59
CA GLU B 49 -9.56 -1.77 -3.09
C GLU B 49 -10.61 -0.67 -3.14
N GLU B 50 -10.49 0.29 -2.22
CA GLU B 50 -11.43 1.40 -2.16
C GLU B 50 -11.33 2.28 -3.41
N LEU B 51 -10.11 2.68 -3.75
CA LEU B 51 -9.87 3.51 -4.92
C LEU B 51 -10.07 2.71 -6.21
N PHE B 52 -9.59 1.47 -6.20
CA PHE B 52 -9.71 0.60 -7.35
C PHE B 52 -11.16 0.21 -7.60
N LYS B 53 -11.96 0.25 -6.54
CA LYS B 53 -13.37 -0.10 -6.63
C LYS B 53 -14.11 0.84 -7.58
N LEU B 54 -14.05 2.13 -7.30
CA LEU B 54 -14.70 3.13 -8.14
C LEU B 54 -13.94 3.34 -9.44
N ALA B 55 -12.64 3.02 -9.42
CA ALA B 55 -11.80 3.19 -10.59
C ALA B 55 -12.34 2.38 -11.77
N GLU B 56 -12.89 1.21 -11.48
CA GLU B 56 -13.45 0.34 -12.51
C GLU B 56 -14.45 1.10 -13.38
N GLU B 57 -15.16 2.04 -12.75
CA GLU B 57 -16.16 2.83 -13.47
C GLU B 57 -15.51 3.62 -14.60
N ARG B 58 -14.44 4.33 -14.28
CA ARG B 58 -13.72 5.13 -15.27
C ARG B 58 -12.84 4.25 -16.15
N LEU B 59 -12.48 3.08 -15.63
CA LEU B 59 -11.63 2.14 -16.36
C LEU B 59 -12.46 1.30 -17.34
N LYS B 60 -13.17 0.31 -16.80
CA LYS B 60 -14.01 -0.55 -17.61
C LYS B 60 -15.48 -0.17 -17.48
N LYS B 61 -16.35 -0.95 -18.12
CA LYS B 61 -17.78 -0.69 -18.07
C LYS B 61 -18.48 -1.62 -17.09
N LEU B 62 -17.89 -2.79 -16.88
CA LEU B 62 -18.45 -3.77 -15.94
C LEU B 62 -19.84 -4.22 -16.40
F1 HLT C . 2.17 0.48 -1.19
C2 HLT C . 2.02 0.57 -2.54
F2 HLT C . 0.87 1.26 -2.79
F3 HLT C . 3.07 1.27 -3.05
C1 HLT C . 1.93 -0.88 -3.18
BR HLT C . 1.66 -0.77 -5.03
CL HLT C . 3.41 -1.78 -2.77
HC1 HLT C . 1.08 -1.41 -2.74
N MET A 1 20.63 -9.64 20.06
CA MET A 1 21.12 -9.10 18.79
C MET A 1 19.99 -9.04 17.76
N LYS A 2 19.28 -7.93 17.73
CA LYS A 2 18.18 -7.75 16.79
C LYS A 2 18.63 -8.04 15.37
N LYS A 3 17.71 -8.55 14.55
CA LYS A 3 18.01 -8.88 13.16
C LYS A 3 16.77 -9.40 12.44
N LEU A 4 15.98 -10.22 13.15
CA LEU A 4 14.77 -10.79 12.58
C LEU A 4 13.64 -9.77 12.58
N ARG A 5 13.63 -8.90 13.59
CA ARG A 5 12.60 -7.88 13.70
C ARG A 5 12.79 -6.79 12.65
N GLU A 6 14.05 -6.49 12.34
CA GLU A 6 14.35 -5.46 11.35
C GLU A 6 13.66 -5.76 10.02
N GLU A 7 13.40 -7.04 9.77
CA GLU A 7 12.73 -7.46 8.55
C GLU A 7 11.42 -6.70 8.36
N ALA A 8 10.58 -6.72 9.39
CA ALA A 8 9.29 -6.04 9.33
C ALA A 8 9.46 -4.58 8.93
N ALA A 9 10.62 -4.02 9.25
CA ALA A 9 10.90 -2.62 8.92
C ALA A 9 11.03 -2.44 7.41
N LYS A 10 11.66 -3.40 6.74
CA LYS A 10 11.84 -3.34 5.30
C LYS A 10 10.54 -3.64 4.56
N LEU A 11 9.71 -4.49 5.17
CA LEU A 11 8.43 -4.86 4.57
C LEU A 11 7.63 -3.62 4.20
N PHE A 12 7.55 -2.67 5.12
CA PHE A 12 6.81 -1.43 4.88
C PHE A 12 7.57 -0.52 3.94
N GLU A 13 8.89 -0.71 3.88
CA GLU A 13 9.73 0.11 3.02
C GLU A 13 9.34 -0.05 1.55
N GLU A 14 8.94 -1.27 1.19
CA GLU A 14 8.53 -1.55 -0.19
C GLU A 14 7.15 -0.97 -0.49
N TRP A 15 6.31 -0.89 0.55
CA TRP A 15 4.97 -0.35 0.41
C TRP A 15 5.01 1.08 -0.08
N LYS A 16 5.77 1.92 0.62
CA LYS A 16 5.89 3.33 0.26
C LYS A 16 6.66 3.49 -1.05
N LYS A 17 7.56 2.55 -1.33
CA LYS A 17 8.35 2.58 -2.55
C LYS A 17 7.47 2.34 -3.77
N LEU A 18 6.78 1.20 -3.79
CA LEU A 18 5.91 0.86 -4.90
C LEU A 18 4.88 1.97 -5.17
N ALA A 19 4.28 2.47 -4.09
CA ALA A 19 3.30 3.53 -4.19
C ALA A 19 3.90 4.79 -4.80
N GLU A 20 5.18 5.04 -4.49
CA GLU A 20 5.87 6.21 -5.00
C GLU A 20 5.87 6.23 -6.53
N GLU A 21 6.23 5.10 -7.13
CA GLU A 21 6.27 4.99 -8.59
C GLU A 21 4.86 4.89 -9.15
N ALA A 22 4.06 4.00 -8.58
CA ALA A 22 2.68 3.81 -9.03
C ALA A 22 1.89 5.12 -8.99
N ALA A 23 2.26 5.98 -8.04
CA ALA A 23 1.59 7.27 -7.90
C ALA A 23 1.95 8.21 -9.04
N LYS A 24 3.25 8.41 -9.26
CA LYS A 24 3.73 9.28 -10.32
C LYS A 24 3.30 8.75 -11.69
N LEU A 25 3.28 7.43 -11.82
CA LEU A 25 2.90 6.80 -13.07
C LEU A 25 1.38 6.85 -13.27
N LEU A 26 0.64 6.64 -12.18
CA LEU A 26 -0.81 6.66 -12.23
C LEU A 26 -1.32 7.91 -12.93
N GLU A 27 -0.80 9.07 -12.52
CA GLU A 27 -1.20 10.34 -13.10
C GLU A 27 -0.43 10.62 -14.39
N GLY A 28 0.62 9.82 -14.62
CA GLY A 28 1.42 9.99 -15.81
C GLY A 28 2.20 11.29 -15.81
N GLY A 29 2.39 11.87 -14.63
CA GLY A 29 3.12 13.12 -14.52
C GLY A 29 2.33 14.30 -15.06
N GLY A 30 1.01 14.14 -15.15
CA GLY A 30 0.17 15.21 -15.67
C GLY A 30 -0.99 14.68 -16.49
N GLY A 31 -0.72 13.65 -17.30
CA GLY A 31 -1.76 13.08 -18.13
C GLY A 31 -2.57 12.04 -17.39
N GLY A 32 -3.49 12.49 -16.54
CA GLY A 32 -4.32 11.57 -15.79
C GLY A 32 -5.39 12.28 -14.99
N GLY A 33 -5.76 11.69 -13.85
CA GLY A 33 -6.77 12.29 -13.00
C GLY A 33 -6.33 13.62 -12.41
N GLY A 34 -5.37 13.56 -11.49
CA GLY A 34 -4.87 14.77 -10.86
C GLY A 34 -5.91 15.42 -9.98
N GLY A 35 -6.60 14.63 -9.18
CA GLY A 35 -7.62 15.15 -8.29
C GLY A 35 -7.57 14.52 -6.92
N GLU A 36 -8.59 14.80 -6.10
CA GLU A 36 -8.66 14.26 -4.75
C GLU A 36 -8.55 12.74 -4.77
N LEU A 37 -9.02 12.13 -5.84
CA LEU A 37 -8.97 10.68 -5.99
C LEU A 37 -7.55 10.16 -5.81
N MET A 38 -6.57 10.99 -6.16
CA MET A 38 -5.17 10.61 -6.03
C MET A 38 -4.75 10.57 -4.57
N LYS A 39 -5.25 11.52 -3.79
CA LYS A 39 -4.93 11.59 -2.36
C LYS A 39 -5.40 10.33 -1.64
N LEU A 40 -6.45 9.71 -2.17
CA LEU A 40 -7.00 8.49 -1.57
C LEU A 40 -5.95 7.39 -1.52
N CYS A 41 -5.40 7.06 -2.68
CA CYS A 41 -4.38 6.02 -2.77
C CYS A 41 -3.05 6.51 -2.21
N GLU A 42 -2.83 7.81 -2.28
CA GLU A 42 -1.60 8.41 -1.77
C GLU A 42 -1.44 8.16 -0.28
N GLU A 43 -2.58 7.98 0.41
CA GLU A 43 -2.56 7.74 1.84
C GLU A 43 -1.71 6.51 2.18
N ALA A 44 -1.61 5.59 1.23
CA ALA A 44 -0.82 4.37 1.42
C ALA A 44 0.59 4.70 1.89
N ALA A 45 1.20 5.69 1.26
CA ALA A 45 2.55 6.10 1.62
C ALA A 45 2.56 6.89 2.93
N LYS A 46 1.43 7.50 3.26
CA LYS A 46 1.31 8.28 4.48
C LYS A 46 1.21 7.36 5.70
N LYS A 47 0.34 6.37 5.63
CA LYS A 47 0.16 5.43 6.72
C LYS A 47 1.37 4.52 6.86
N ALA A 48 1.79 3.90 5.77
CA ALA A 48 2.94 3.01 5.77
C ALA A 48 4.16 3.70 6.39
N GLU A 49 4.34 4.97 6.06
CA GLU A 49 5.46 5.75 6.58
C GLU A 49 5.30 5.99 8.08
N GLU A 50 4.06 6.16 8.52
CA GLU A 50 3.78 6.40 9.93
C GLU A 50 4.00 5.15 10.75
N LEU A 51 3.39 4.05 10.31
CA LEU A 51 3.51 2.77 11.02
C LEU A 51 4.94 2.23 10.91
N PHE A 52 5.64 2.63 9.86
CA PHE A 52 7.01 2.19 9.64
C PHE A 52 7.88 2.50 10.86
N LYS A 53 7.55 3.57 11.56
CA LYS A 53 8.30 3.98 12.74
C LYS A 53 8.24 2.91 13.82
N LEU A 54 7.10 2.23 13.92
CA LEU A 54 6.92 1.17 14.90
C LEU A 54 8.01 0.11 14.77
N ALA A 55 8.57 -0.01 13.57
CA ALA A 55 9.62 -0.99 13.32
C ALA A 55 10.77 -0.81 14.31
N GLU A 56 10.96 0.41 14.78
CA GLU A 56 12.03 0.71 15.74
C GLU A 56 11.78 -0.01 17.06
N GLU A 57 10.60 0.18 17.62
CA GLU A 57 10.24 -0.44 18.89
C GLU A 57 10.43 -1.95 18.82
N ARG A 58 10.05 -2.54 17.70
CA ARG A 58 10.17 -3.98 17.50
C ARG A 58 11.61 -4.37 17.17
N LEU A 59 12.36 -3.41 16.61
CA LEU A 59 13.75 -3.65 16.25
C LEU A 59 14.67 -3.41 17.44
N LYS A 60 14.78 -2.15 17.85
CA LYS A 60 15.62 -1.79 18.98
C LYS A 60 14.79 -1.54 20.24
N LYS A 61 14.12 -0.41 20.28
CA LYS A 61 13.27 -0.05 21.41
C LYS A 61 12.61 1.30 21.20
N LEU A 62 13.31 2.21 20.55
CA LEU A 62 12.80 3.55 20.28
C LEU A 62 12.57 4.31 21.58
N MET B 1 -11.89 2.16 -27.84
CA MET B 1 -11.48 0.83 -27.39
C MET B 1 -10.56 0.93 -26.17
N LYS B 2 -11.15 0.94 -24.98
CA LYS B 2 -10.39 1.04 -23.74
C LYS B 2 -9.30 -0.02 -23.70
N LYS B 3 -8.19 0.32 -23.05
CA LYS B 3 -7.07 -0.61 -22.93
C LYS B 3 -5.94 0.01 -22.11
N LEU B 4 -5.70 1.30 -22.31
CA LEU B 4 -4.65 2.01 -21.59
C LEU B 4 -5.11 2.36 -20.17
N ARG B 5 -6.41 2.62 -20.03
CA ARG B 5 -6.97 2.98 -18.73
C ARG B 5 -7.03 1.76 -17.82
N GLU B 6 -7.29 0.60 -18.40
CA GLU B 6 -7.38 -0.64 -17.63
C GLU B 6 -6.11 -0.87 -16.83
N GLU B 7 -5.00 -0.32 -17.31
CA GLU B 7 -3.72 -0.46 -16.63
C GLU B 7 -3.82 0.00 -15.18
N ALA B 8 -4.35 1.19 -14.97
CA ALA B 8 -4.50 1.74 -13.63
C ALA B 8 -5.25 0.77 -12.73
N ALA B 9 -6.10 -0.07 -13.33
CA ALA B 9 -6.87 -1.05 -12.58
C ALA B 9 -5.97 -2.11 -11.97
N LYS B 10 -4.97 -2.53 -12.74
CA LYS B 10 -4.03 -3.56 -12.28
C LYS B 10 -3.03 -2.96 -11.28
N LEU B 11 -2.70 -1.69 -11.46
CA LEU B 11 -1.76 -1.01 -10.58
C LEU B 11 -2.17 -1.19 -9.12
N PHE B 12 -3.44 -0.96 -8.83
CA PHE B 12 -3.96 -1.09 -7.47
C PHE B 12 -4.09 -2.57 -7.08
N GLU B 13 -4.20 -3.43 -8.08
CA GLU B 13 -4.33 -4.86 -7.84
C GLU B 13 -3.11 -5.40 -7.10
N GLU B 14 -1.94 -4.85 -7.42
CA GLU B 14 -0.70 -5.27 -6.78
C GLU B 14 -0.60 -4.75 -5.36
N TRP B 15 -1.20 -3.60 -5.11
CA TRP B 15 -1.19 -2.99 -3.79
C TRP B 15 -1.85 -3.90 -2.77
N LYS B 16 -3.07 -4.33 -3.06
CA LYS B 16 -3.81 -5.21 -2.17
C LYS B 16 -3.18 -6.60 -2.12
N LYS B 17 -2.53 -6.98 -3.21
CA LYS B 17 -1.87 -8.28 -3.30
C LYS B 17 -0.67 -8.35 -2.36
N LEU B 18 0.27 -7.43 -2.55
CA LEU B 18 1.47 -7.38 -1.73
C LEU B 18 1.11 -7.28 -0.25
N ALA B 19 0.15 -6.43 0.07
CA ALA B 19 -0.29 -6.25 1.45
C ALA B 19 -0.87 -7.55 2.01
N GLU B 20 -1.52 -8.32 1.15
CA GLU B 20 -2.13 -9.58 1.56
C GLU B 20 -1.08 -10.52 2.14
N GLU B 21 0.03 -10.68 1.43
CA GLU B 21 1.11 -11.55 1.87
C GLU B 21 1.88 -10.91 3.02
N ALA B 22 2.27 -9.65 2.83
CA ALA B 22 3.02 -8.92 3.85
C ALA B 22 2.27 -8.90 5.17
N ALA B 23 0.94 -8.91 5.10
CA ALA B 23 0.10 -8.89 6.29
C ALA B 23 0.18 -10.22 7.04
N LYS B 24 -0.09 -11.30 6.32
CA LYS B 24 -0.05 -12.64 6.92
C LYS B 24 1.35 -12.98 7.40
N LEU B 25 2.35 -12.51 6.67
CA LEU B 25 3.74 -12.77 7.02
C LEU B 25 4.18 -11.88 8.18
N LEU B 26 3.73 -10.63 8.17
CA LEU B 26 4.07 -9.68 9.23
C LEU B 26 3.81 -10.28 10.60
N GLU B 27 2.61 -10.84 10.79
CA GLU B 27 2.24 -11.44 12.06
C GLU B 27 2.78 -12.87 12.16
N GLY B 28 3.25 -13.40 11.03
CA GLY B 28 3.79 -14.75 11.01
C GLY B 28 2.71 -15.80 11.26
N GLY B 29 1.46 -15.43 11.02
CA GLY B 29 0.37 -16.36 11.24
C GLY B 29 0.12 -16.63 12.71
N GLY B 30 0.57 -15.72 13.56
CA GLY B 30 0.38 -15.89 14.99
C GLY B 30 1.57 -15.38 15.80
N GLY B 31 2.77 -15.67 15.30
CA GLY B 31 3.97 -15.23 16.00
C GLY B 31 4.36 -13.82 15.65
N GLY B 32 3.66 -12.85 16.22
CA GLY B 32 3.96 -11.45 15.96
C GLY B 32 3.15 -10.51 16.83
N GLY B 33 2.87 -9.32 16.31
CA GLY B 33 2.09 -8.34 17.06
C GLY B 33 0.68 -8.79 17.33
N GLY B 34 -0.13 -8.85 16.27
CA GLY B 34 -1.52 -9.27 16.41
C GLY B 34 -2.34 -8.28 17.21
N GLY B 35 -2.17 -7.00 16.91
CA GLY B 35 -2.92 -5.97 17.61
C GLY B 35 -3.43 -4.89 16.68
N GLU B 36 -3.96 -3.81 17.26
CA GLU B 36 -4.49 -2.70 16.48
C GLU B 36 -3.45 -2.18 15.49
N LEU B 37 -2.19 -2.28 15.87
CA LEU B 37 -1.09 -1.82 15.02
C LEU B 37 -1.17 -2.47 13.64
N MET B 38 -1.67 -3.69 13.59
CA MET B 38 -1.80 -4.41 12.34
C MET B 38 -2.89 -3.80 11.46
N LYS B 39 -3.98 -3.38 12.09
CA LYS B 39 -5.09 -2.77 11.37
C LYS B 39 -4.65 -1.50 10.66
N LEU B 40 -3.64 -0.84 11.22
CA LEU B 40 -3.12 0.40 10.64
C LEU B 40 -2.64 0.17 9.21
N CYS B 41 -1.71 -0.78 9.05
CA CYS B 41 -1.18 -1.09 7.73
C CYS B 41 -2.19 -1.87 6.89
N GLU B 42 -3.07 -2.59 7.57
CA GLU B 42 -4.09 -3.38 6.88
C GLU B 42 -5.02 -2.49 6.07
N GLU B 43 -5.12 -1.22 6.49
CA GLU B 43 -5.98 -0.26 5.80
C GLU B 43 -5.58 -0.14 4.33
N ALA B 44 -4.30 -0.41 4.04
CA ALA B 44 -3.80 -0.34 2.68
C ALA B 44 -4.66 -1.15 1.73
N ALA B 45 -5.02 -2.36 2.15
CA ALA B 45 -5.85 -3.25 1.33
C ALA B 45 -7.30 -2.78 1.32
N LYS B 46 -7.69 -2.05 2.36
CA LYS B 46 -9.06 -1.55 2.47
C LYS B 46 -9.28 -0.39 1.51
N LYS B 47 -8.37 0.58 1.53
CA LYS B 47 -8.46 1.75 0.66
C LYS B 47 -8.22 1.38 -0.79
N ALA B 48 -7.11 0.68 -1.03
CA ALA B 48 -6.76 0.26 -2.39
C ALA B 48 -7.92 -0.48 -3.04
N GLU B 49 -8.60 -1.33 -2.27
CA GLU B 49 -9.73 -2.10 -2.78
C GLU B 49 -10.91 -1.18 -3.10
N GLU B 50 -11.07 -0.13 -2.30
CA GLU B 50 -12.15 0.82 -2.49
C GLU B 50 -11.91 1.69 -3.72
N LEU B 51 -10.72 2.28 -3.80
CA LEU B 51 -10.37 3.14 -4.91
C LEU B 51 -10.22 2.32 -6.20
N PHE B 52 -9.95 1.03 -6.04
CA PHE B 52 -9.79 0.14 -7.19
C PHE B 52 -11.01 0.21 -8.11
N LYS B 53 -12.17 0.45 -7.52
CA LYS B 53 -13.41 0.55 -8.28
C LYS B 53 -13.35 1.70 -9.27
N LEU B 54 -12.64 2.76 -8.90
CA LEU B 54 -12.50 3.94 -9.76
C LEU B 54 -11.96 3.54 -11.13
N ALA B 55 -11.23 2.43 -11.17
CA ALA B 55 -10.64 1.95 -12.41
C ALA B 55 -11.71 1.77 -13.49
N GLU B 56 -12.91 1.40 -13.08
CA GLU B 56 -14.02 1.20 -14.00
C GLU B 56 -14.44 2.51 -14.64
N GLU B 57 -14.39 3.59 -13.86
CA GLU B 57 -14.76 4.90 -14.34
C GLU B 57 -13.89 5.32 -15.52
N ARG B 58 -12.58 5.16 -15.36
CA ARG B 58 -11.63 5.52 -16.42
C ARG B 58 -11.58 4.44 -17.50
N LEU B 59 -11.86 3.20 -17.10
CA LEU B 59 -11.85 2.08 -18.04
C LEU B 59 -13.08 2.11 -18.93
N LYS B 60 -14.25 1.89 -18.33
CA LYS B 60 -15.51 1.89 -19.07
C LYS B 60 -16.36 3.09 -18.68
N LYS B 61 -16.99 3.00 -17.50
CA LYS B 61 -17.84 4.08 -17.00
C LYS B 61 -18.44 3.71 -15.65
N LEU B 62 -18.72 2.43 -15.46
CA LEU B 62 -19.30 1.95 -14.20
C LEU B 62 -20.69 2.53 -13.99
F1 HLT C . 1.35 1.40 -0.69
C2 HLT C . 0.67 0.33 -0.20
F2 HLT C . 0.57 0.46 1.15
F3 HLT C . -0.58 0.32 -0.74
C1 HLT C . 1.46 -1.02 -0.55
BR HLT C . 0.57 -2.49 0.17
CL HLT C . 1.64 -1.13 -2.31
HC1 HLT C . 2.46 -0.95 -0.11
N MET A 1 21.98 -7.50 19.08
CA MET A 1 21.16 -8.71 18.99
C MET A 1 19.93 -8.47 18.13
N LYS A 2 19.80 -9.23 17.06
CA LYS A 2 18.66 -9.10 16.15
C LYS A 2 17.94 -10.43 16.01
N LYS A 3 16.79 -10.39 15.34
CA LYS A 3 15.99 -11.59 15.13
C LYS A 3 15.07 -11.43 13.92
N LEU A 4 15.64 -10.99 12.80
CA LEU A 4 14.87 -10.79 11.58
C LEU A 4 13.76 -9.77 11.79
N ARG A 5 13.88 -8.98 12.85
CA ARG A 5 12.89 -7.96 13.17
C ARG A 5 12.99 -6.79 12.19
N GLU A 6 14.21 -6.39 11.87
CA GLU A 6 14.45 -5.28 10.95
C GLU A 6 13.70 -5.51 9.63
N GLU A 7 13.55 -6.77 9.25
CA GLU A 7 12.85 -7.12 8.02
C GLU A 7 11.45 -6.50 7.99
N ALA A 8 10.70 -6.70 9.06
CA ALA A 8 9.35 -6.17 9.16
C ALA A 8 9.34 -4.66 8.92
N ALA A 9 10.45 -4.00 9.24
CA ALA A 9 10.57 -2.57 9.05
C ALA A 9 10.73 -2.21 7.57
N LYS A 10 11.47 -3.04 6.85
CA LYS A 10 11.70 -2.81 5.42
C LYS A 10 10.43 -3.08 4.62
N LEU A 11 9.59 -3.97 5.13
CA LEU A 11 8.34 -4.31 4.45
C LEU A 11 7.54 -3.05 4.13
N PHE A 12 7.44 -2.16 5.10
CA PHE A 12 6.71 -0.91 4.92
C PHE A 12 7.49 0.06 4.03
N GLU A 13 8.81 -0.04 4.08
CA GLU A 13 9.66 0.82 3.27
C GLU A 13 9.37 0.66 1.79
N GLU A 14 9.08 -0.57 1.39
CA GLU A 14 8.77 -0.86 -0.01
C GLU A 14 7.37 -0.36 -0.39
N TRP A 15 6.45 -0.43 0.57
CA TRP A 15 5.09 0.02 0.34
C TRP A 15 5.04 1.50 -0.01
N LYS A 16 5.78 2.31 0.75
CA LYS A 16 5.82 3.75 0.51
C LYS A 16 6.72 4.07 -0.67
N LYS A 17 7.70 3.22 -0.92
CA LYS A 17 8.63 3.41 -2.03
C LYS A 17 7.94 3.16 -3.38
N LEU A 18 7.30 2.00 -3.50
CA LEU A 18 6.61 1.64 -4.73
C LEU A 18 5.59 2.71 -5.10
N ALA A 19 5.06 3.40 -4.09
CA ALA A 19 4.08 4.46 -4.32
C ALA A 19 4.70 5.63 -5.07
N GLU A 20 5.97 5.90 -4.79
CA GLU A 20 6.67 7.00 -5.44
C GLU A 20 6.62 6.86 -6.96
N GLU A 21 6.97 5.66 -7.45
CA GLU A 21 6.97 5.39 -8.88
C GLU A 21 5.55 5.25 -9.41
N ALA A 22 4.76 4.40 -8.75
CA ALA A 22 3.38 4.18 -9.16
C ALA A 22 2.61 5.49 -9.25
N ALA A 23 3.00 6.45 -8.42
CA ALA A 23 2.35 7.76 -8.41
C ALA A 23 2.69 8.55 -9.67
N LYS A 24 3.98 8.71 -9.93
CA LYS A 24 4.44 9.44 -11.10
C LYS A 24 4.02 8.73 -12.40
N LEU A 25 3.98 7.40 -12.34
CA LEU A 25 3.59 6.61 -13.50
C LEU A 25 2.08 6.65 -13.71
N LEU A 26 1.33 6.57 -12.61
CA LEU A 26 -0.13 6.60 -12.67
C LEU A 26 -0.61 7.78 -13.50
N GLU A 27 -0.10 8.96 -13.20
CA GLU A 27 -0.48 10.17 -13.94
C GLU A 27 0.48 10.44 -15.09
N GLY A 28 1.30 9.45 -15.40
CA GLY A 28 2.26 9.60 -16.49
C GLY A 28 1.59 9.88 -17.82
N GLY A 29 0.28 9.66 -17.87
CA GLY A 29 -0.46 9.90 -19.10
C GLY A 29 -1.49 8.82 -19.39
N GLY A 30 -2.27 8.48 -18.37
CA GLY A 30 -3.29 7.44 -18.53
C GLY A 30 -4.14 7.28 -17.30
N GLY A 31 -4.40 8.38 -16.59
CA GLY A 31 -5.20 8.31 -15.39
C GLY A 31 -6.32 9.34 -15.39
N GLY A 32 -6.30 10.24 -14.40
CA GLY A 32 -7.33 11.25 -14.31
C GLY A 32 -6.79 12.64 -14.62
N GLY A 33 -5.84 13.10 -13.81
CA GLY A 33 -5.26 14.41 -14.02
C GLY A 33 -4.75 15.03 -12.74
N GLY A 34 -5.65 15.23 -11.78
CA GLY A 34 -5.27 15.82 -10.51
C GLY A 34 -6.44 16.05 -9.59
N GLY A 35 -6.85 14.99 -8.88
CA GLY A 35 -7.97 15.10 -7.97
C GLY A 35 -7.79 14.27 -6.72
N GLU A 36 -8.90 13.87 -6.10
CA GLU A 36 -8.85 13.06 -4.89
C GLU A 36 -8.44 11.63 -5.21
N LEU A 37 -8.45 11.28 -6.49
CA LEU A 37 -8.08 9.94 -6.92
C LEU A 37 -6.73 9.53 -6.34
N MET A 38 -5.71 10.35 -6.57
CA MET A 38 -4.37 10.08 -6.08
C MET A 38 -4.32 10.22 -4.55
N LYS A 39 -5.11 11.15 -4.02
CA LYS A 39 -5.15 11.38 -2.59
C LYS A 39 -5.49 10.09 -1.84
N LEU A 40 -6.23 9.20 -2.50
CA LEU A 40 -6.62 7.94 -1.90
C LEU A 40 -5.42 7.02 -1.72
N CYS A 41 -4.73 6.74 -2.81
CA CYS A 41 -3.55 5.88 -2.78
C CYS A 41 -2.41 6.55 -2.02
N GLU A 42 -2.44 7.89 -1.97
CA GLU A 42 -1.41 8.64 -1.27
C GLU A 42 -1.29 8.19 0.19
N GLU A 43 -2.37 7.64 0.72
CA GLU A 43 -2.39 7.17 2.10
C GLU A 43 -1.25 6.19 2.35
N ALA A 44 -0.84 5.49 1.30
CA ALA A 44 0.25 4.53 1.41
C ALA A 44 1.48 5.14 2.07
N ALA A 45 1.81 6.36 1.67
CA ALA A 45 2.96 7.07 2.23
C ALA A 45 2.66 7.59 3.63
N LYS A 46 1.38 7.76 3.93
CA LYS A 46 0.96 8.25 5.24
C LYS A 46 1.02 7.13 6.28
N LYS A 47 0.42 6.00 5.97
CA LYS A 47 0.41 4.85 6.87
C LYS A 47 1.80 4.25 6.99
N ALA A 48 2.40 3.92 5.86
CA ALA A 48 3.74 3.34 5.85
C ALA A 48 4.72 4.18 6.66
N GLU A 49 4.47 5.49 6.71
CA GLU A 49 5.32 6.41 7.45
C GLU A 49 5.16 6.21 8.95
N GLU A 50 3.92 6.07 9.40
CA GLU A 50 3.63 5.89 10.81
C GLU A 50 3.98 4.46 11.25
N LEU A 51 3.80 3.51 10.34
CA LEU A 51 4.10 2.11 10.63
C LEU A 51 5.60 1.88 10.73
N PHE A 52 6.36 2.56 9.87
CA PHE A 52 7.81 2.43 9.88
C PHE A 52 8.38 2.70 11.26
N LYS A 53 7.71 3.57 12.01
CA LYS A 53 8.15 3.92 13.36
C LYS A 53 7.84 2.79 14.34
N LEU A 54 6.67 2.18 14.19
CA LEU A 54 6.25 1.09 15.05
C LEU A 54 7.24 -0.07 14.98
N ALA A 55 7.95 -0.17 13.87
CA ALA A 55 8.93 -1.23 13.68
C ALA A 55 10.12 -1.05 14.62
N GLU A 56 10.43 0.20 14.95
CA GLU A 56 11.54 0.51 15.83
C GLU A 56 11.44 -0.28 17.14
N GLU A 57 10.21 -0.50 17.59
CA GLU A 57 9.98 -1.25 18.82
C GLU A 57 10.41 -2.70 18.67
N ARG A 58 10.08 -3.30 17.53
CA ARG A 58 10.44 -4.68 17.27
C ARG A 58 11.90 -4.80 16.87
N LEU A 59 12.46 -3.73 16.32
CA LEU A 59 13.85 -3.71 15.89
C LEU A 59 14.77 -3.35 17.06
N LYS A 60 14.77 -2.08 17.45
CA LYS A 60 15.60 -1.61 18.56
C LYS A 60 14.75 -1.36 19.80
N LYS A 61 15.38 -0.85 20.84
CA LYS A 61 14.69 -0.55 22.09
C LYS A 61 14.39 0.95 22.22
N LEU A 62 14.23 1.61 21.08
CA LEU A 62 13.94 3.04 21.06
C LEU A 62 14.96 3.81 21.89
N MET B 1 -14.94 0.11 -25.35
CA MET B 1 -13.86 1.02 -25.72
C MET B 1 -12.92 1.25 -24.55
N LYS B 2 -11.65 0.90 -24.73
CA LYS B 2 -10.65 1.07 -23.69
C LYS B 2 -9.49 1.93 -24.19
N LYS B 3 -8.61 2.32 -23.27
CA LYS B 3 -7.46 3.14 -23.61
C LYS B 3 -6.35 2.99 -22.58
N LEU B 4 -5.99 1.75 -22.28
CA LEU B 4 -4.94 1.46 -21.30
C LEU B 4 -5.32 2.02 -19.93
N ARG B 5 -6.59 2.31 -19.74
CA ARG B 5 -7.07 2.84 -18.47
C ARG B 5 -7.08 1.77 -17.39
N GLU B 6 -7.45 0.55 -17.79
CA GLU B 6 -7.51 -0.57 -16.85
C GLU B 6 -6.17 -0.73 -16.13
N GLU B 7 -5.09 -0.33 -16.78
CA GLU B 7 -3.76 -0.43 -16.20
C GLU B 7 -3.72 0.24 -14.82
N ALA B 8 -4.19 1.47 -14.75
CA ALA B 8 -4.20 2.21 -13.50
C ALA B 8 -4.88 1.40 -12.39
N ALA B 9 -5.79 0.52 -12.79
CA ALA B 9 -6.51 -0.32 -11.83
C ALA B 9 -5.62 -1.42 -11.28
N LYS B 10 -4.78 -1.96 -12.15
CA LYS B 10 -3.86 -3.04 -11.76
C LYS B 10 -2.76 -2.50 -10.86
N LEU B 11 -2.32 -1.27 -11.11
CA LEU B 11 -1.28 -0.65 -10.32
C LEU B 11 -1.60 -0.72 -8.83
N PHE B 12 -2.85 -0.42 -8.49
CA PHE B 12 -3.29 -0.46 -7.10
C PHE B 12 -3.44 -1.89 -6.61
N GLU B 13 -3.68 -2.80 -7.55
CA GLU B 13 -3.85 -4.21 -7.21
C GLU B 13 -2.67 -4.72 -6.39
N GLU B 14 -1.51 -4.11 -6.59
CA GLU B 14 -0.30 -4.51 -5.87
C GLU B 14 -0.42 -4.18 -4.39
N TRP B 15 -1.03 -3.03 -4.09
CA TRP B 15 -1.20 -2.59 -2.71
C TRP B 15 -2.11 -3.55 -1.95
N LYS B 16 -3.19 -3.96 -2.60
CA LYS B 16 -4.15 -4.88 -1.98
C LYS B 16 -3.61 -6.31 -2.00
N LYS B 17 -2.78 -6.63 -2.98
CA LYS B 17 -2.20 -7.95 -3.11
C LYS B 17 -1.09 -8.16 -2.08
N LEU B 18 -0.11 -7.26 -2.09
CA LEU B 18 1.00 -7.34 -1.16
C LEU B 18 0.52 -7.41 0.28
N ALA B 19 -0.66 -6.84 0.52
CA ALA B 19 -1.26 -6.83 1.85
C ALA B 19 -1.57 -8.25 2.32
N GLU B 20 -2.06 -9.08 1.40
CA GLU B 20 -2.39 -10.45 1.73
C GLU B 20 -1.19 -11.20 2.31
N GLU B 21 -0.05 -11.09 1.64
CA GLU B 21 1.17 -11.75 2.09
C GLU B 21 1.76 -11.01 3.29
N ALA B 22 1.94 -9.71 3.15
CA ALA B 22 2.50 -8.90 4.22
C ALA B 22 1.73 -9.09 5.52
N ALA B 23 0.44 -9.39 5.40
CA ALA B 23 -0.41 -9.60 6.57
C ALA B 23 -0.07 -10.92 7.26
N LYS B 24 -0.09 -12.00 6.49
CA LYS B 24 0.22 -13.32 7.03
C LYS B 24 1.67 -13.39 7.50
N LEU B 25 2.55 -12.68 6.81
CA LEU B 25 3.96 -12.65 7.16
C LEU B 25 4.21 -11.77 8.38
N LEU B 26 3.52 -10.64 8.44
CA LEU B 26 3.67 -9.71 9.55
C LEU B 26 3.51 -10.44 10.89
N GLU B 27 2.43 -11.21 11.02
CA GLU B 27 2.17 -11.96 12.24
C GLU B 27 2.72 -13.38 12.14
N GLY B 28 3.53 -13.63 11.11
CA GLY B 28 4.11 -14.95 10.92
C GLY B 28 4.94 -15.39 12.11
N GLY B 29 5.27 -14.45 12.98
CA GLY B 29 6.06 -14.79 14.16
C GLY B 29 7.16 -13.76 14.42
N GLY B 30 6.79 -12.49 14.37
CA GLY B 30 7.77 -11.43 14.61
C GLY B 30 7.14 -10.06 14.60
N GLY B 31 5.92 -9.95 15.13
CA GLY B 31 5.23 -8.68 15.16
C GLY B 31 4.70 -8.35 16.54
N GLY B 32 3.39 -8.12 16.64
CA GLY B 32 2.78 -7.80 17.91
C GLY B 32 1.88 -8.90 18.43
N GLY B 33 0.84 -9.20 17.66
CA GLY B 33 -0.10 -10.24 18.07
C GLY B 33 -1.49 -10.02 17.52
N GLY B 34 -2.08 -8.87 17.85
CA GLY B 34 -3.41 -8.56 17.39
C GLY B 34 -3.92 -7.23 17.91
N GLY B 35 -3.50 -6.14 17.26
CA GLY B 35 -3.92 -4.82 17.68
C GLY B 35 -4.10 -3.88 16.52
N GLU B 36 -3.95 -2.58 16.78
CA GLU B 36 -4.10 -1.56 15.74
C GLU B 36 -2.91 -1.57 14.78
N LEU B 37 -1.85 -2.26 15.18
CA LEU B 37 -0.65 -2.35 14.36
C LEU B 37 -0.98 -2.78 12.94
N MET B 38 -1.65 -3.92 12.82
CA MET B 38 -2.04 -4.44 11.51
C MET B 38 -3.12 -3.57 10.87
N LYS B 39 -3.99 -3.02 11.71
CA LYS B 39 -5.07 -2.17 11.23
C LYS B 39 -4.52 -1.02 10.37
N LEU B 40 -3.29 -0.61 10.66
CA LEU B 40 -2.65 0.47 9.92
C LEU B 40 -2.38 0.05 8.48
N CYS B 41 -1.61 -1.01 8.31
CA CYS B 41 -1.27 -1.51 6.98
C CYS B 41 -2.51 -2.07 6.29
N GLU B 42 -3.49 -2.50 7.08
CA GLU B 42 -4.72 -3.06 6.54
C GLU B 42 -5.40 -2.07 5.61
N GLU B 43 -5.14 -0.78 5.83
CA GLU B 43 -5.74 0.28 5.01
C GLU B 43 -5.45 0.03 3.53
N ALA B 44 -4.35 -0.65 3.24
CA ALA B 44 -3.97 -0.94 1.87
C ALA B 44 -5.13 -1.59 1.11
N ALA B 45 -5.77 -2.57 1.74
CA ALA B 45 -6.88 -3.27 1.12
C ALA B 45 -8.12 -2.39 1.08
N LYS B 46 -8.17 -1.39 1.98
CA LYS B 46 -9.31 -0.49 2.03
C LYS B 46 -9.25 0.55 0.91
N LYS B 47 -8.10 1.20 0.77
CA LYS B 47 -7.91 2.20 -0.27
C LYS B 47 -7.83 1.56 -1.64
N ALA B 48 -6.94 0.58 -1.79
CA ALA B 48 -6.77 -0.12 -3.06
C ALA B 48 -8.10 -0.65 -3.57
N GLU B 49 -9.00 -0.96 -2.65
CA GLU B 49 -10.32 -1.48 -3.01
C GLU B 49 -11.18 -0.38 -3.64
N GLU B 50 -11.16 0.80 -3.03
CA GLU B 50 -11.93 1.93 -3.54
C GLU B 50 -11.30 2.51 -4.80
N LEU B 51 -9.97 2.49 -4.85
CA LEU B 51 -9.24 3.02 -6.00
C LEU B 51 -9.37 2.09 -7.19
N PHE B 52 -9.19 0.79 -6.95
CA PHE B 52 -9.28 -0.21 -8.01
C PHE B 52 -10.61 -0.09 -8.75
N LYS B 53 -11.65 0.26 -8.02
CA LYS B 53 -12.98 0.42 -8.61
C LYS B 53 -13.08 1.71 -9.40
N LEU B 54 -12.41 2.75 -8.90
CA LEU B 54 -12.43 4.06 -9.56
C LEU B 54 -11.99 3.94 -11.02
N ALA B 55 -11.17 2.93 -11.30
CA ALA B 55 -10.68 2.70 -12.65
C ALA B 55 -11.78 2.14 -13.54
N GLU B 56 -12.63 1.30 -12.97
CA GLU B 56 -13.72 0.68 -13.71
C GLU B 56 -14.56 1.75 -14.43
N GLU B 57 -14.69 2.91 -13.80
CA GLU B 57 -15.46 4.01 -14.37
C GLU B 57 -14.79 4.53 -15.64
N ARG B 58 -13.47 4.61 -15.62
CA ARG B 58 -12.71 5.11 -16.77
C ARG B 58 -12.58 4.01 -17.83
N LEU B 59 -12.59 2.76 -17.38
CA LEU B 59 -12.46 1.63 -18.29
C LEU B 59 -13.82 1.26 -18.90
N LYS B 60 -14.70 0.72 -18.06
CA LYS B 60 -16.03 0.32 -18.50
C LYS B 60 -17.09 1.24 -17.92
N LYS B 61 -18.36 0.91 -18.17
CA LYS B 61 -19.47 1.72 -17.67
C LYS B 61 -20.11 1.06 -16.45
N LEU B 62 -19.30 0.34 -15.68
CA LEU B 62 -19.79 -0.33 -14.49
C LEU B 62 -20.97 -1.23 -14.81
F1 HLT C . 1.72 1.07 -1.07
C2 HLT C . 1.50 1.16 -2.41
F2 HLT C . 0.27 1.71 -2.61
F3 HLT C . 2.44 1.98 -2.95
C1 HLT C . 1.56 -0.29 -3.06
BR HLT C . 1.21 -0.20 -4.90
CL HLT C . 3.15 -1.01 -2.71
HC1 HLT C . 0.80 -0.92 -2.58
N MET A 1 16.43 -6.07 22.05
CA MET A 1 16.56 -7.36 21.38
C MET A 1 15.67 -7.42 20.15
N LYS A 2 16.25 -7.76 19.01
CA LYS A 2 15.52 -7.86 17.76
C LYS A 2 16.33 -8.60 16.70
N LYS A 3 15.63 -9.25 15.77
CA LYS A 3 16.28 -10.00 14.70
C LYS A 3 15.25 -10.63 13.78
N LEU A 4 14.16 -11.12 14.35
CA LEU A 4 13.09 -11.74 13.58
C LEU A 4 12.05 -10.71 13.15
N ARG A 5 11.79 -9.74 14.02
CA ARG A 5 10.82 -8.69 13.73
C ARG A 5 11.31 -7.78 12.61
N GLU A 6 12.62 -7.51 12.61
CA GLU A 6 13.21 -6.65 11.59
C GLU A 6 12.87 -7.14 10.19
N GLU A 7 12.73 -8.46 10.06
CA GLU A 7 12.41 -9.07 8.77
C GLU A 7 11.15 -8.44 8.17
N ALA A 8 10.15 -8.22 9.01
CA ALA A 8 8.89 -7.62 8.57
C ALA A 8 9.07 -6.14 8.26
N ALA A 9 10.04 -5.52 8.91
CA ALA A 9 10.33 -4.10 8.72
C ALA A 9 10.58 -3.80 7.24
N LYS A 10 11.46 -4.59 6.62
CA LYS A 10 11.79 -4.41 5.22
C LYS A 10 10.54 -4.45 4.35
N LEU A 11 9.61 -5.34 4.69
CA LEU A 11 8.36 -5.47 3.95
C LEU A 11 7.68 -4.12 3.79
N PHE A 12 7.67 -3.34 4.85
CA PHE A 12 7.04 -2.02 4.83
C PHE A 12 7.90 -1.03 4.04
N GLU A 13 9.20 -1.28 3.99
CA GLU A 13 10.12 -0.41 3.27
C GLU A 13 9.73 -0.30 1.81
N GLU A 14 9.34 -1.42 1.21
CA GLU A 14 8.94 -1.44 -0.19
C GLU A 14 7.55 -0.85 -0.37
N TRP A 15 6.73 -0.92 0.67
CA TRP A 15 5.38 -0.39 0.63
C TRP A 15 5.40 1.12 0.38
N LYS A 16 6.23 1.83 1.14
CA LYS A 16 6.34 3.27 0.99
C LYS A 16 7.17 3.64 -0.23
N LYS A 17 8.09 2.75 -0.60
CA LYS A 17 8.95 2.97 -1.76
C LYS A 17 8.16 2.89 -3.06
N LEU A 18 7.41 1.80 -3.22
CA LEU A 18 6.60 1.60 -4.42
C LEU A 18 5.66 2.78 -4.64
N ALA A 19 5.15 3.34 -3.54
CA ALA A 19 4.25 4.48 -3.62
C ALA A 19 4.95 5.71 -4.16
N GLU A 20 6.28 5.74 -4.02
CA GLU A 20 7.08 6.86 -4.49
C GLU A 20 7.17 6.85 -6.02
N GLU A 21 7.52 5.71 -6.58
CA GLU A 21 7.65 5.57 -8.02
C GLU A 21 6.28 5.58 -8.70
N ALA A 22 5.38 4.74 -8.20
CA ALA A 22 4.04 4.64 -8.75
C ALA A 22 3.36 6.02 -8.77
N ALA A 23 3.72 6.86 -7.82
CA ALA A 23 3.15 8.19 -7.73
C ALA A 23 3.66 9.09 -8.85
N LYS A 24 4.98 9.19 -8.97
CA LYS A 24 5.60 10.01 -10.00
C LYS A 24 5.26 9.48 -11.39
N LEU A 25 5.14 8.15 -11.51
CA LEU A 25 4.81 7.53 -12.78
C LEU A 25 3.32 7.69 -13.10
N LEU A 26 2.48 7.57 -12.07
CA LEU A 26 1.04 7.70 -12.25
C LEU A 26 0.70 8.98 -13.00
N GLU A 27 1.26 10.10 -12.55
CA GLU A 27 1.02 11.39 -13.18
C GLU A 27 2.05 11.67 -14.28
N GLY A 28 2.81 10.63 -14.64
CA GLY A 28 3.82 10.79 -15.66
C GLY A 28 3.25 11.25 -16.99
N GLY A 29 1.92 11.15 -17.11
CA GLY A 29 1.27 11.57 -18.34
C GLY A 29 0.15 10.63 -18.75
N GLY A 30 -0.72 10.31 -17.80
CA GLY A 30 -1.83 9.41 -18.09
C GLY A 30 -2.98 10.12 -18.78
N GLY A 31 -3.31 11.31 -18.31
CA GLY A 31 -4.40 12.07 -18.90
C GLY A 31 -5.69 11.93 -18.12
N GLY A 32 -6.29 13.07 -17.78
CA GLY A 32 -7.54 13.04 -17.04
C GLY A 32 -7.74 14.30 -16.21
N GLY A 33 -8.07 14.12 -14.93
CA GLY A 33 -8.28 15.25 -14.05
C GLY A 33 -8.91 14.85 -12.73
N GLY A 34 -8.13 14.20 -11.88
CA GLY A 34 -8.63 13.77 -10.59
C GLY A 34 -7.85 14.37 -9.43
N GLY A 35 -8.28 15.54 -8.97
CA GLY A 35 -7.62 16.20 -7.87
C GLY A 35 -7.44 15.29 -6.67
N GLU A 36 -8.50 15.18 -5.86
CA GLU A 36 -8.47 14.34 -4.67
C GLU A 36 -8.25 12.88 -5.04
N LEU A 37 -8.57 12.54 -6.28
CA LEU A 37 -8.42 11.16 -6.77
C LEU A 37 -7.01 10.64 -6.48
N MET A 38 -6.03 11.52 -6.58
CA MET A 38 -4.64 11.16 -6.32
C MET A 38 -4.41 10.93 -4.82
N LYS A 39 -5.09 11.72 -4.01
CA LYS A 39 -4.96 11.61 -2.56
C LYS A 39 -5.32 10.21 -2.07
N LEU A 40 -6.19 9.55 -2.82
CA LEU A 40 -6.63 8.20 -2.47
C LEU A 40 -5.45 7.24 -2.44
N CYS A 41 -4.78 7.08 -3.58
CA CYS A 41 -3.62 6.20 -3.67
C CYS A 41 -2.44 6.75 -2.88
N GLU A 42 -2.36 8.07 -2.80
CA GLU A 42 -1.28 8.73 -2.09
C GLU A 42 -1.22 8.24 -0.64
N GLU A 43 -2.36 7.79 -0.12
CA GLU A 43 -2.44 7.30 1.25
C GLU A 43 -1.40 6.20 1.50
N ALA A 44 -1.06 5.47 0.44
CA ALA A 44 -0.08 4.40 0.54
C ALA A 44 1.21 4.89 1.21
N ALA A 45 1.66 6.07 0.80
CA ALA A 45 2.88 6.66 1.36
C ALA A 45 2.63 7.21 2.75
N LYS A 46 1.38 7.52 3.06
CA LYS A 46 1.01 8.05 4.36
C LYS A 46 0.97 6.95 5.41
N LYS A 47 0.26 5.86 5.10
CA LYS A 47 0.16 4.73 6.01
C LYS A 47 1.49 4.00 6.14
N ALA A 48 2.13 3.73 5.01
CA ALA A 48 3.41 3.06 5.00
C ALA A 48 4.41 3.74 5.94
N GLU A 49 4.50 5.05 5.84
CA GLU A 49 5.41 5.83 6.67
C GLU A 49 4.85 5.99 8.08
N GLU A 50 3.53 6.06 8.18
CA GLU A 50 2.87 6.22 9.48
C GLU A 50 3.14 5.01 10.38
N LEU A 51 2.91 3.82 9.85
CA LEU A 51 3.14 2.59 10.60
C LEU A 51 4.63 2.31 10.77
N PHE A 52 5.39 2.58 9.71
CA PHE A 52 6.84 2.36 9.74
C PHE A 52 7.50 3.25 10.78
N LYS A 53 6.85 4.35 11.11
CA LYS A 53 7.37 5.29 12.09
C LYS A 53 7.46 4.64 13.47
N LEU A 54 6.32 4.18 13.98
CA LEU A 54 6.27 3.54 15.28
C LEU A 54 6.83 2.11 15.21
N ALA A 55 6.62 1.47 14.08
CA ALA A 55 7.10 0.11 13.87
C ALA A 55 8.60 0.00 14.18
N GLU A 56 9.36 1.01 13.77
CA GLU A 56 10.80 1.03 14.01
C GLU A 56 11.11 0.86 15.49
N GLU A 57 10.17 1.27 16.33
CA GLU A 57 10.33 1.17 17.78
C GLU A 57 10.39 -0.29 18.22
N ARG A 58 9.34 -1.04 17.86
CA ARG A 58 9.27 -2.45 18.22
C ARG A 58 10.15 -3.30 17.31
N LEU A 59 10.58 -2.71 16.20
CA LEU A 59 11.44 -3.41 15.25
C LEU A 59 12.90 -3.27 15.63
N LYS A 60 13.42 -2.05 15.56
CA LYS A 60 14.81 -1.78 15.89
C LYS A 60 14.92 -0.70 16.96
N LYS A 61 14.82 0.56 16.54
CA LYS A 61 14.90 1.68 17.46
C LYS A 61 14.83 3.01 16.72
N LEU A 62 15.75 3.21 15.79
CA LEU A 62 15.80 4.44 15.00
C LEU A 62 16.08 5.64 15.89
N MET B 1 -15.22 2.58 -23.33
CA MET B 1 -13.92 2.64 -23.99
C MET B 1 -12.80 2.76 -22.97
N LYS B 2 -11.81 1.87 -23.07
CA LYS B 2 -10.69 1.88 -22.15
C LYS B 2 -9.54 1.03 -22.69
N LYS B 3 -8.31 1.38 -22.30
CA LYS B 3 -7.14 0.63 -22.75
C LYS B 3 -5.87 1.23 -22.15
N LEU B 4 -5.82 2.55 -22.06
CA LEU B 4 -4.67 3.25 -21.51
C LEU B 4 -4.81 3.45 -20.01
N ARG B 5 -6.04 3.69 -19.56
CA ARG B 5 -6.32 3.90 -18.15
C ARG B 5 -6.14 2.60 -17.37
N GLU B 6 -6.55 1.49 -17.97
CA GLU B 6 -6.44 0.18 -17.32
C GLU B 6 -5.00 -0.08 -16.88
N GLU B 7 -4.05 0.45 -17.64
CA GLU B 7 -2.64 0.27 -17.33
C GLU B 7 -2.34 0.73 -15.90
N ALA B 8 -2.91 1.87 -15.51
CA ALA B 8 -2.71 2.41 -14.17
C ALA B 8 -3.41 1.55 -13.12
N ALA B 9 -4.47 0.87 -13.53
CA ALA B 9 -5.23 0.02 -12.63
C ALA B 9 -4.35 -1.05 -12.01
N LYS B 10 -3.56 -1.72 -12.85
CA LYS B 10 -2.66 -2.76 -12.38
C LYS B 10 -1.72 -2.23 -11.29
N LEU B 11 -1.28 -0.99 -11.45
CA LEU B 11 -0.39 -0.37 -10.47
C LEU B 11 -0.94 -0.50 -9.06
N PHE B 12 -2.25 -0.28 -8.91
CA PHE B 12 -2.91 -0.37 -7.62
C PHE B 12 -3.07 -1.82 -7.19
N GLU B 13 -3.10 -2.72 -8.17
CA GLU B 13 -3.25 -4.15 -7.90
C GLU B 13 -2.18 -4.62 -6.92
N GLU B 14 -1.01 -4.00 -6.99
CA GLU B 14 0.10 -4.37 -6.12
C GLU B 14 -0.21 -4.02 -4.66
N TRP B 15 -0.99 -2.96 -4.47
CA TRP B 15 -1.37 -2.51 -3.14
C TRP B 15 -2.28 -3.53 -2.46
N LYS B 16 -3.30 -3.98 -3.20
CA LYS B 16 -4.25 -4.95 -2.67
C LYS B 16 -3.65 -6.36 -2.67
N LYS B 17 -2.76 -6.61 -3.62
CA LYS B 17 -2.11 -7.90 -3.73
C LYS B 17 -1.06 -8.08 -2.63
N LEU B 18 -0.12 -7.15 -2.56
CA LEU B 18 0.93 -7.19 -1.56
C LEU B 18 0.35 -7.31 -0.15
N ALA B 19 -0.78 -6.65 0.07
CA ALA B 19 -1.43 -6.69 1.37
C ALA B 19 -1.98 -8.08 1.67
N GLU B 20 -2.29 -8.82 0.61
CA GLU B 20 -2.83 -10.18 0.76
C GLU B 20 -1.73 -11.15 1.21
N GLU B 21 -0.60 -11.12 0.52
CA GLU B 21 0.53 -11.99 0.84
C GLU B 21 1.21 -11.54 2.13
N ALA B 22 1.55 -10.25 2.20
CA ALA B 22 2.21 -9.70 3.38
C ALA B 22 1.41 -9.98 4.64
N ALA B 23 0.09 -10.07 4.49
CA ALA B 23 -0.79 -10.34 5.62
C ALA B 23 -0.64 -11.78 6.09
N LYS B 24 -0.82 -12.73 5.17
CA LYS B 24 -0.71 -14.13 5.50
C LYS B 24 0.70 -14.49 5.95
N LEU B 25 1.69 -13.81 5.36
CA LEU B 25 3.08 -14.05 5.71
C LEU B 25 3.44 -13.40 7.05
N LEU B 26 2.91 -12.20 7.27
CA LEU B 26 3.16 -11.48 8.51
C LEU B 26 2.89 -12.36 9.72
N GLU B 27 1.72 -13.00 9.74
CA GLU B 27 1.35 -13.88 10.85
C GLU B 27 1.79 -15.31 10.57
N GLY B 28 2.63 -15.49 9.56
CA GLY B 28 3.11 -16.81 9.20
C GLY B 28 3.84 -17.48 10.35
N GLY B 29 4.21 -16.70 11.36
CA GLY B 29 4.91 -17.24 12.50
C GLY B 29 6.07 -16.37 12.94
N GLY B 30 5.82 -15.07 13.03
CA GLY B 30 6.86 -14.13 13.44
C GLY B 30 7.00 -14.06 14.95
N GLY B 31 5.88 -14.01 15.65
CA GLY B 31 5.90 -13.93 17.10
C GLY B 31 5.71 -12.51 17.61
N GLY B 32 4.72 -12.31 18.45
CA GLY B 32 4.45 -10.98 18.99
C GLY B 32 2.98 -10.73 19.23
N GLY B 33 2.39 -9.84 18.44
CA GLY B 33 0.99 -9.52 18.59
C GLY B 33 0.44 -8.76 17.40
N GLY B 34 -0.19 -9.47 16.47
CA GLY B 34 -0.75 -8.83 15.30
C GLY B 34 -2.19 -8.39 15.51
N GLY B 35 -2.46 -7.77 16.66
CA GLY B 35 -3.80 -7.31 16.95
C GLY B 35 -4.13 -6.01 16.26
N GLU B 36 -4.10 -4.92 17.01
CA GLU B 36 -4.41 -3.60 16.46
C GLU B 36 -3.25 -3.08 15.62
N LEU B 37 -2.05 -3.57 15.91
CA LEU B 37 -0.86 -3.15 15.19
C LEU B 37 -0.98 -3.47 13.70
N MET B 38 -1.62 -4.60 13.39
CA MET B 38 -1.81 -5.01 12.00
C MET B 38 -2.79 -4.08 11.29
N LYS B 39 -3.72 -3.52 12.04
CA LYS B 39 -4.71 -2.61 11.48
C LYS B 39 -4.04 -1.46 10.73
N LEU B 40 -2.83 -1.11 11.16
CA LEU B 40 -2.08 -0.03 10.52
C LEU B 40 -1.77 -0.37 9.06
N CYS B 41 -1.04 -1.45 8.86
CA CYS B 41 -0.67 -1.88 7.52
C CYS B 41 -1.89 -2.40 6.76
N GLU B 42 -2.86 -2.94 7.50
CA GLU B 42 -4.07 -3.47 6.90
C GLU B 42 -4.77 -2.41 6.05
N GLU B 43 -4.54 -1.15 6.40
CA GLU B 43 -5.15 -0.03 5.68
C GLU B 43 -4.85 -0.12 4.19
N ALA B 44 -3.70 -0.72 3.86
CA ALA B 44 -3.29 -0.86 2.46
C ALA B 44 -4.40 -1.50 1.64
N ALA B 45 -5.00 -2.57 2.17
CA ALA B 45 -6.07 -3.27 1.48
C ALA B 45 -7.37 -2.47 1.54
N LYS B 46 -7.48 -1.61 2.53
CA LYS B 46 -8.68 -0.78 2.71
C LYS B 46 -8.71 0.34 1.68
N LYS B 47 -7.61 1.07 1.57
CA LYS B 47 -7.51 2.17 0.62
C LYS B 47 -7.42 1.66 -0.81
N ALA B 48 -6.56 0.67 -1.02
CA ALA B 48 -6.37 0.09 -2.34
C ALA B 48 -7.71 -0.33 -2.95
N GLU B 49 -8.54 -1.00 -2.15
CA GLU B 49 -9.84 -1.45 -2.62
C GLU B 49 -10.83 -0.29 -2.69
N GLU B 50 -10.63 0.69 -1.81
CA GLU B 50 -11.50 1.86 -1.77
C GLU B 50 -11.42 2.65 -3.08
N LEU B 51 -10.21 2.96 -3.50
CA LEU B 51 -10.00 3.71 -4.73
C LEU B 51 -10.27 2.84 -5.95
N PHE B 52 -9.85 1.58 -5.87
CA PHE B 52 -10.05 0.63 -6.97
C PHE B 52 -11.53 0.42 -7.24
N LYS B 53 -12.35 0.65 -6.22
CA LYS B 53 -13.80 0.48 -6.34
C LYS B 53 -14.37 1.43 -7.39
N LEU B 54 -14.19 2.72 -7.17
CA LEU B 54 -14.68 3.73 -8.10
C LEU B 54 -13.82 3.79 -9.36
N ALA B 55 -12.51 3.62 -9.18
CA ALA B 55 -11.58 3.65 -10.30
C ALA B 55 -11.95 2.61 -11.36
N GLU B 56 -12.39 1.44 -10.89
CA GLU B 56 -12.78 0.37 -11.80
C GLU B 56 -13.87 0.83 -12.76
N GLU B 57 -14.63 1.82 -12.34
CA GLU B 57 -15.71 2.37 -13.16
C GLU B 57 -15.15 3.04 -14.41
N ARG B 58 -14.25 3.98 -14.22
CA ARG B 58 -13.64 4.71 -15.32
C ARG B 58 -12.58 3.85 -16.02
N LEU B 59 -12.11 2.83 -15.32
CA LEU B 59 -11.09 1.93 -15.86
C LEU B 59 -11.72 0.88 -16.77
N LYS B 60 -12.74 0.20 -16.25
CA LYS B 60 -13.43 -0.84 -17.01
C LYS B 60 -14.84 -0.38 -17.39
N LYS B 61 -15.69 -0.21 -16.39
CA LYS B 61 -17.06 0.23 -16.62
C LYS B 61 -17.81 0.37 -15.30
N LEU B 62 -18.08 -0.76 -14.66
CA LEU B 62 -18.80 -0.76 -13.38
C LEU B 62 -20.12 -0.01 -13.50
F1 HLT C . -0.16 1.83 -3.29
C2 HLT C . 0.82 1.12 -3.93
F2 HLT C . 0.29 0.58 -5.07
F3 HLT C . 1.82 1.97 -4.28
C1 HLT C . 1.35 -0.04 -2.98
BR HLT C . 2.65 -1.05 -3.87
CL HLT C . 1.96 0.69 -1.48
HC1 HLT C . 0.50 -0.69 -2.73
N MET A 1 17.98 -3.21 21.43
CA MET A 1 17.47 -4.58 21.44
C MET A 1 16.95 -4.96 20.05
N LYS A 2 17.86 -5.08 19.10
CA LYS A 2 17.50 -5.45 17.73
C LYS A 2 18.26 -6.69 17.28
N LYS A 3 17.58 -7.55 16.53
CA LYS A 3 18.18 -8.78 16.03
C LYS A 3 17.69 -9.09 14.62
N LEU A 4 16.42 -9.49 14.52
CA LEU A 4 15.82 -9.82 13.23
C LEU A 4 14.43 -9.21 13.11
N ARG A 5 14.07 -8.36 14.06
CA ARG A 5 12.77 -7.70 14.06
C ARG A 5 12.70 -6.65 12.97
N GLU A 6 13.83 -5.99 12.71
CA GLU A 6 13.91 -4.95 11.69
C GLU A 6 13.43 -5.47 10.35
N GLU A 7 13.56 -6.78 10.15
CA GLU A 7 13.14 -7.41 8.90
C GLU A 7 11.69 -7.05 8.56
N ALA A 8 10.88 -6.86 9.60
CA ALA A 8 9.48 -6.51 9.41
C ALA A 8 9.33 -5.07 8.93
N ALA A 9 10.29 -4.23 9.28
CA ALA A 9 10.26 -2.82 8.88
C ALA A 9 10.57 -2.68 7.39
N LYS A 10 11.54 -3.45 6.90
CA LYS A 10 11.92 -3.41 5.50
C LYS A 10 10.73 -3.73 4.59
N LEU A 11 9.87 -4.64 5.06
CA LEU A 11 8.70 -5.04 4.30
C LEU A 11 7.89 -3.82 3.88
N PHE A 12 7.71 -2.88 4.80
CA PHE A 12 6.95 -1.67 4.52
C PHE A 12 7.76 -0.71 3.64
N GLU A 13 9.08 -0.88 3.66
CA GLU A 13 9.97 -0.04 2.87
C GLU A 13 9.68 -0.19 1.38
N GLU A 14 9.44 -1.42 0.95
CA GLU A 14 9.15 -1.70 -0.46
C GLU A 14 7.73 -1.28 -0.81
N TRP A 15 6.83 -1.34 0.17
CA TRP A 15 5.44 -0.97 -0.04
C TRP A 15 5.33 0.44 -0.61
N LYS A 16 5.92 1.40 0.09
CA LYS A 16 5.88 2.79 -0.35
C LYS A 16 6.73 2.97 -1.61
N LYS A 17 7.88 2.33 -1.64
CA LYS A 17 8.78 2.43 -2.79
C LYS A 17 8.06 2.04 -4.08
N LEU A 18 7.42 0.88 -4.06
CA LEU A 18 6.69 0.38 -5.23
C LEU A 18 5.58 1.35 -5.62
N ALA A 19 4.97 1.97 -4.62
CA ALA A 19 3.90 2.93 -4.85
C ALA A 19 4.43 4.23 -5.42
N GLU A 20 5.66 4.57 -5.05
CA GLU A 20 6.29 5.80 -5.52
C GLU A 20 6.35 5.83 -7.04
N GLU A 21 6.84 4.74 -7.63
CA GLU A 21 6.96 4.64 -9.08
C GLU A 21 5.60 4.43 -9.72
N ALA A 22 4.84 3.48 -9.19
CA ALA A 22 3.51 3.17 -9.70
C ALA A 22 2.62 4.42 -9.69
N ALA A 23 2.86 5.30 -8.74
CA ALA A 23 2.08 6.53 -8.62
C ALA A 23 2.41 7.49 -9.75
N LYS A 24 3.69 7.81 -9.90
CA LYS A 24 4.13 8.72 -10.95
C LYS A 24 3.81 8.16 -12.34
N LEU A 25 3.91 6.84 -12.48
CA LEU A 25 3.63 6.17 -13.74
C LEU A 25 2.12 6.08 -13.99
N LEU A 26 1.37 5.85 -12.92
CA LEU A 26 -0.08 5.74 -13.00
C LEU A 26 -0.67 6.91 -13.78
N GLU A 27 -0.37 8.12 -13.32
CA GLU A 27 -0.87 9.33 -13.97
C GLU A 27 0.00 9.69 -15.18
N GLY A 28 1.11 8.99 -15.34
CA GLY A 28 2.00 9.26 -16.45
C GLY A 28 2.43 10.71 -16.51
N GLY A 29 2.39 11.39 -15.37
CA GLY A 29 2.79 12.78 -15.31
C GLY A 29 1.61 13.72 -15.45
N GLY A 30 0.40 13.17 -15.34
CA GLY A 30 -0.79 13.98 -15.46
C GLY A 30 -1.84 13.63 -14.43
N GLY A 31 -2.99 13.14 -14.89
CA GLY A 31 -4.06 12.77 -13.99
C GLY A 31 -4.81 13.98 -13.46
N GLY A 32 -6.09 14.07 -13.80
CA GLY A 32 -6.90 15.18 -13.34
C GLY A 32 -6.27 16.53 -13.65
N GLY A 33 -5.83 16.70 -14.90
CA GLY A 33 -5.20 17.95 -15.30
C GLY A 33 -3.76 18.04 -14.85
N GLY A 34 -3.53 17.91 -13.55
CA GLY A 34 -2.19 17.99 -13.00
C GLY A 34 -1.81 16.77 -12.21
N GLY A 35 -2.64 16.42 -11.22
CA GLY A 35 -2.36 15.26 -10.40
C GLY A 35 -3.28 15.19 -9.19
N GLU A 36 -4.52 15.64 -9.34
CA GLU A 36 -5.48 15.63 -8.25
C GLU A 36 -6.02 14.22 -8.02
N LEU A 37 -6.04 13.42 -9.07
CA LEU A 37 -6.54 12.04 -8.98
C LEU A 37 -5.50 11.14 -8.33
N MET A 38 -4.31 11.06 -8.93
CA MET A 38 -3.24 10.23 -8.40
C MET A 38 -2.93 10.59 -6.96
N LYS A 39 -3.21 11.84 -6.60
CA LYS A 39 -2.97 12.32 -5.23
C LYS A 39 -3.70 11.45 -4.21
N LEU A 40 -4.82 10.87 -4.64
CA LEU A 40 -5.62 10.01 -3.76
C LEU A 40 -4.94 8.66 -3.56
N CYS A 41 -4.43 8.09 -4.64
CA CYS A 41 -3.75 6.80 -4.57
C CYS A 41 -2.36 6.94 -3.95
N GLU A 42 -1.77 8.12 -4.10
CA GLU A 42 -0.44 8.38 -3.56
C GLU A 42 -0.40 8.11 -2.07
N GLU A 43 -1.56 8.21 -1.42
CA GLU A 43 -1.65 7.97 0.02
C GLU A 43 -1.09 6.60 0.38
N ALA A 44 -1.17 5.67 -0.56
CA ALA A 44 -0.67 4.32 -0.34
C ALA A 44 0.78 4.35 0.16
N ALA A 45 1.61 5.18 -0.47
CA ALA A 45 3.01 5.31 -0.08
C ALA A 45 3.15 6.11 1.21
N LYS A 46 2.17 6.96 1.49
CA LYS A 46 2.19 7.78 2.69
C LYS A 46 1.88 6.95 3.93
N LYS A 47 0.83 6.15 3.85
CA LYS A 47 0.43 5.29 4.96
C LYS A 47 1.56 4.36 5.37
N ALA A 48 2.32 3.88 4.38
CA ALA A 48 3.44 2.99 4.63
C ALA A 48 4.46 3.64 5.56
N GLU A 49 4.65 4.94 5.41
CA GLU A 49 5.60 5.67 6.24
C GLU A 49 5.02 5.95 7.62
N GLU A 50 3.72 6.20 7.67
CA GLU A 50 3.05 6.47 8.94
C GLU A 50 2.98 5.22 9.80
N LEU A 51 2.62 4.10 9.18
CA LEU A 51 2.52 2.83 9.90
C LEU A 51 3.90 2.28 10.24
N PHE A 52 4.90 2.71 9.47
CA PHE A 52 6.28 2.26 9.69
C PHE A 52 6.72 2.57 11.13
N LYS A 53 6.08 3.56 11.74
CA LYS A 53 6.40 3.95 13.10
C LYS A 53 6.38 2.75 14.04
N LEU A 54 5.39 1.89 13.87
CA LEU A 54 5.25 0.70 14.70
C LEU A 54 6.42 -0.25 14.48
N ALA A 55 6.98 -0.22 13.27
CA ALA A 55 8.10 -1.07 12.92
C ALA A 55 9.26 -0.90 13.90
N GLU A 56 9.36 0.31 14.46
CA GLU A 56 10.42 0.61 15.41
C GLU A 56 10.11 0.02 16.78
N GLU A 57 8.83 -0.19 17.05
CA GLU A 57 8.39 -0.75 18.33
C GLU A 57 8.93 -2.17 18.51
N ARG A 58 8.78 -2.99 17.48
CA ARG A 58 9.26 -4.37 17.52
C ARG A 58 10.76 -4.44 17.29
N LEU A 59 11.30 -3.40 16.65
CA LEU A 59 12.73 -3.34 16.37
C LEU A 59 13.50 -2.81 17.56
N LYS A 60 13.32 -1.52 17.86
CA LYS A 60 14.00 -0.89 18.98
C LYS A 60 13.00 -0.50 20.06
N LYS A 61 13.50 0.16 21.11
CA LYS A 61 12.65 0.59 22.21
C LYS A 61 12.12 2.00 21.97
N LEU A 62 12.90 2.81 21.27
CA LEU A 62 12.50 4.19 20.96
C LEU A 62 12.36 5.01 22.25
N MET B 1 -16.94 4.01 -20.92
CA MET B 1 -15.90 4.82 -21.54
C MET B 1 -14.52 4.28 -21.18
N LYS B 2 -14.20 3.09 -21.70
CA LYS B 2 -12.90 2.47 -21.43
C LYS B 2 -12.16 2.17 -22.74
N LYS B 3 -10.85 2.33 -22.71
CA LYS B 3 -10.03 2.07 -23.89
C LYS B 3 -8.70 1.42 -23.50
N LEU B 4 -7.83 2.20 -22.87
CA LEU B 4 -6.53 1.70 -22.43
C LEU B 4 -6.22 2.14 -21.02
N ARG B 5 -7.20 2.75 -20.35
CA ARG B 5 -7.04 3.21 -18.99
C ARG B 5 -6.96 2.04 -18.02
N GLU B 6 -7.65 0.96 -18.34
CA GLU B 6 -7.66 -0.24 -17.51
C GLU B 6 -6.23 -0.68 -17.18
N GLU B 7 -5.31 -0.34 -18.06
CA GLU B 7 -3.91 -0.70 -17.88
C GLU B 7 -3.40 -0.24 -16.50
N ALA B 8 -3.92 0.88 -16.04
CA ALA B 8 -3.54 1.43 -14.75
C ALA B 8 -4.19 0.67 -13.61
N ALA B 9 -5.35 0.08 -13.89
CA ALA B 9 -6.08 -0.69 -12.88
C ALA B 9 -5.25 -1.86 -12.38
N LYS B 10 -4.62 -2.58 -13.30
CA LYS B 10 -3.79 -3.72 -12.96
C LYS B 10 -2.72 -3.33 -11.94
N LEU B 11 -2.17 -2.13 -12.09
CA LEU B 11 -1.14 -1.65 -11.19
C LEU B 11 -1.59 -1.76 -9.73
N PHE B 12 -2.85 -1.40 -9.48
CA PHE B 12 -3.40 -1.45 -8.13
C PHE B 12 -3.63 -2.90 -7.71
N GLU B 13 -3.79 -3.78 -8.68
CA GLU B 13 -4.01 -5.20 -8.42
C GLU B 13 -2.85 -5.81 -7.64
N GLU B 14 -1.63 -5.41 -8.01
CA GLU B 14 -0.43 -5.91 -7.35
C GLU B 14 -0.25 -5.25 -5.99
N TRP B 15 -0.68 -4.00 -5.88
CA TRP B 15 -0.56 -3.26 -4.63
C TRP B 15 -1.18 -4.03 -3.47
N LYS B 16 -2.44 -4.39 -3.61
CA LYS B 16 -3.15 -5.15 -2.58
C LYS B 16 -2.58 -6.56 -2.45
N LYS B 17 -2.27 -7.17 -3.59
CA LYS B 17 -1.71 -8.52 -3.59
C LYS B 17 -0.45 -8.59 -2.74
N LEU B 18 0.48 -7.68 -2.99
CA LEU B 18 1.74 -7.64 -2.24
C LEU B 18 1.47 -7.56 -0.74
N ALA B 19 0.46 -6.78 -0.37
CA ALA B 19 0.10 -6.62 1.04
C ALA B 19 -0.56 -7.87 1.58
N GLU B 20 -1.29 -8.57 0.72
CA GLU B 20 -1.98 -9.80 1.13
C GLU B 20 -0.99 -10.83 1.68
N GLU B 21 0.08 -11.06 0.94
CA GLU B 21 1.10 -12.02 1.35
C GLU B 21 1.95 -11.45 2.48
N ALA B 22 2.42 -10.22 2.30
CA ALA B 22 3.25 -9.56 3.31
C ALA B 22 2.53 -9.49 4.65
N ALA B 23 1.21 -9.42 4.61
CA ALA B 23 0.40 -9.34 5.82
C ALA B 23 0.39 -10.69 6.54
N LYS B 24 0.02 -11.74 5.82
CA LYS B 24 -0.05 -13.08 6.39
C LYS B 24 1.34 -13.53 6.85
N LEU B 25 2.36 -13.14 6.10
CA LEU B 25 3.73 -13.51 6.42
C LEU B 25 4.27 -12.66 7.58
N LEU B 26 3.89 -11.38 7.59
CA LEU B 26 4.33 -10.47 8.65
C LEU B 26 4.08 -11.07 10.02
N GLU B 27 2.85 -11.52 10.26
CA GLU B 27 2.48 -12.12 11.54
C GLU B 27 2.91 -13.58 11.60
N GLY B 28 3.27 -14.14 10.44
CA GLY B 28 3.69 -15.52 10.39
C GLY B 28 2.69 -16.46 11.03
N GLY B 29 1.43 -16.06 11.04
CA GLY B 29 0.39 -16.88 11.63
C GLY B 29 0.15 -16.56 13.09
N GLY B 30 0.14 -15.28 13.42
CA GLY B 30 -0.08 -14.86 14.79
C GLY B 30 -1.47 -14.29 15.01
N GLY B 31 -1.55 -12.99 15.25
CA GLY B 31 -2.83 -12.35 15.47
C GLY B 31 -3.24 -12.36 16.93
N GLY B 32 -3.66 -11.20 17.44
CA GLY B 32 -4.07 -11.10 18.82
C GLY B 32 -2.93 -11.38 19.79
N GLY B 33 -2.03 -10.41 19.94
CA GLY B 33 -0.90 -10.59 20.84
C GLY B 33 0.37 -10.96 20.10
N GLY B 34 0.23 -11.75 19.03
CA GLY B 34 1.39 -12.16 18.26
C GLY B 34 1.48 -11.44 16.93
N GLY B 35 0.37 -10.86 16.49
CA GLY B 35 0.35 -10.15 15.23
C GLY B 35 -0.81 -9.19 15.13
N GLU B 36 -1.31 -8.73 16.27
CA GLU B 36 -2.43 -7.81 16.30
C GLU B 36 -1.98 -6.40 15.93
N LEU B 37 -0.69 -6.14 16.08
CA LEU B 37 -0.13 -4.82 15.76
C LEU B 37 -0.10 -4.60 14.25
N MET B 38 0.47 -5.55 13.53
CA MET B 38 0.56 -5.46 12.08
C MET B 38 -0.82 -5.23 11.46
N LYS B 39 -1.86 -5.66 12.18
CA LYS B 39 -3.22 -5.50 11.70
C LYS B 39 -3.51 -4.05 11.33
N LEU B 40 -2.82 -3.12 11.99
CA LEU B 40 -3.00 -1.70 11.73
C LEU B 40 -2.35 -1.31 10.40
N CYS B 41 -1.22 -1.94 10.08
CA CYS B 41 -0.51 -1.65 8.84
C CYS B 41 -1.22 -2.28 7.65
N GLU B 42 -1.84 -3.43 7.88
CA GLU B 42 -2.56 -4.12 6.82
C GLU B 42 -3.61 -3.22 6.18
N GLU B 43 -4.08 -2.24 6.95
CA GLU B 43 -5.09 -1.31 6.46
C GLU B 43 -4.63 -0.63 5.17
N ALA B 44 -3.31 -0.55 5.00
CA ALA B 44 -2.74 0.07 3.81
C ALA B 44 -3.34 -0.51 2.54
N ALA B 45 -3.48 -1.85 2.50
CA ALA B 45 -4.04 -2.53 1.35
C ALA B 45 -5.56 -2.34 1.29
N LYS B 46 -6.16 -2.06 2.44
CA LYS B 46 -7.60 -1.86 2.52
C LYS B 46 -8.00 -0.56 1.83
N LYS B 47 -7.29 0.51 2.14
CA LYS B 47 -7.58 1.82 1.55
C LYS B 47 -7.49 1.76 0.03
N ALA B 48 -6.54 0.99 -0.48
CA ALA B 48 -6.36 0.84 -1.92
C ALA B 48 -7.64 0.35 -2.59
N GLU B 49 -8.39 -0.48 -1.88
CA GLU B 49 -9.63 -1.02 -2.41
C GLU B 49 -10.75 0.02 -2.36
N GLU B 50 -10.68 0.90 -1.36
CA GLU B 50 -11.67 1.95 -1.20
C GLU B 50 -11.63 2.94 -2.35
N LEU B 51 -10.41 3.37 -2.70
CA LEU B 51 -10.23 4.32 -3.79
C LEU B 51 -10.46 3.65 -5.14
N PHE B 52 -10.17 2.35 -5.21
CA PHE B 52 -10.34 1.59 -6.43
C PHE B 52 -11.80 1.51 -6.83
N LYS B 53 -12.69 1.66 -5.85
CA LYS B 53 -14.12 1.61 -6.08
C LYS B 53 -14.52 2.56 -7.21
N LEU B 54 -14.22 3.85 -7.04
CA LEU B 54 -14.55 4.85 -8.04
C LEU B 54 -13.59 4.76 -9.23
N ALA B 55 -12.41 4.22 -8.98
CA ALA B 55 -11.40 4.07 -10.03
C ALA B 55 -11.94 3.25 -11.19
N GLU B 56 -12.92 2.40 -10.90
CA GLU B 56 -13.51 1.54 -11.92
C GLU B 56 -14.46 2.34 -12.82
N GLU B 57 -15.01 3.42 -12.27
CA GLU B 57 -15.93 4.27 -13.02
C GLU B 57 -15.21 4.94 -14.19
N ARG B 58 -14.07 5.56 -13.91
CA ARG B 58 -13.29 6.24 -14.94
C ARG B 58 -12.49 5.23 -15.77
N LEU B 59 -12.33 4.03 -15.23
CA LEU B 59 -11.58 2.98 -15.93
C LEU B 59 -12.49 2.18 -16.83
N LYS B 60 -13.30 1.31 -16.23
CA LYS B 60 -14.23 0.47 -16.99
C LYS B 60 -15.66 0.98 -16.83
N LYS B 61 -16.61 0.25 -17.40
CA LYS B 61 -18.02 0.61 -17.33
C LYS B 61 -18.68 0.01 -16.10
N LEU B 62 -18.21 -1.17 -15.69
CA LEU B 62 -18.75 -1.86 -14.53
C LEU B 62 -20.22 -2.22 -14.76
F1 HLT C . 1.35 -1.34 -2.95
C2 HLT C . 1.06 -0.39 -2.01
F2 HLT C . 1.82 0.71 -2.27
F3 HLT C . -0.25 -0.06 -2.11
C1 HLT C . 1.41 -0.95 -0.56
BR HLT C . 1.08 0.37 0.74
CL HLT C . 0.47 -2.42 -0.28
HC1 HLT C . 2.47 -1.22 -0.53
N MET A 1 21.31 -3.47 15.55
CA MET A 1 21.67 -4.68 16.28
C MET A 1 20.59 -5.75 16.13
N LYS A 2 20.17 -5.98 14.90
CA LYS A 2 19.14 -6.98 14.61
C LYS A 2 18.95 -7.15 13.11
N LYS A 3 18.40 -8.29 12.71
CA LYS A 3 18.15 -8.58 11.30
C LYS A 3 16.82 -9.29 11.12
N LEU A 4 16.52 -10.22 12.02
CA LEU A 4 15.27 -10.97 11.95
C LEU A 4 14.07 -10.05 12.16
N ARG A 5 14.15 -9.21 13.19
CA ARG A 5 13.07 -8.29 13.50
C ARG A 5 13.01 -7.16 12.47
N GLU A 6 14.18 -6.67 12.07
CA GLU A 6 14.25 -5.59 11.09
C GLU A 6 13.48 -5.95 9.82
N GLU A 7 13.42 -7.24 9.53
CA GLU A 7 12.72 -7.72 8.34
C GLU A 7 11.29 -7.19 8.31
N ALA A 8 10.60 -7.28 9.44
CA ALA A 8 9.23 -6.81 9.55
C ALA A 8 9.12 -5.33 9.21
N ALA A 9 10.20 -4.60 9.44
CA ALA A 9 10.23 -3.16 9.17
C ALA A 9 10.34 -2.91 7.67
N LYS A 10 11.20 -3.67 6.99
CA LYS A 10 11.39 -3.53 5.55
C LYS A 10 10.07 -3.72 4.81
N LEU A 11 9.22 -4.59 5.34
CA LEU A 11 7.92 -4.86 4.73
C LEU A 11 7.16 -3.57 4.45
N PHE A 12 7.19 -2.67 5.42
CA PHE A 12 6.49 -1.39 5.28
C PHE A 12 7.26 -0.46 4.34
N GLU A 13 8.57 -0.67 4.24
CA GLU A 13 9.40 0.15 3.37
C GLU A 13 8.94 0.05 1.91
N GLU A 14 8.47 -1.13 1.53
CA GLU A 14 8.00 -1.35 0.16
C GLU A 14 6.63 -0.70 -0.05
N TRP A 15 5.85 -0.62 1.02
CA TRP A 15 4.51 -0.03 0.95
C TRP A 15 4.60 1.44 0.55
N LYS A 16 5.44 2.20 1.25
CA LYS A 16 5.62 3.62 0.97
C LYS A 16 6.45 3.82 -0.30
N LYS A 17 7.27 2.83 -0.64
CA LYS A 17 8.11 2.90 -1.83
C LYS A 17 7.28 2.73 -3.08
N LEU A 18 6.55 1.61 -3.17
CA LEU A 18 5.72 1.33 -4.33
C LEU A 18 4.73 2.46 -4.59
N ALA A 19 4.19 3.03 -3.51
CA ALA A 19 3.24 4.13 -3.62
C ALA A 19 3.86 5.30 -4.37
N GLU A 20 5.19 5.37 -4.38
CA GLU A 20 5.89 6.45 -5.06
C GLU A 20 5.82 6.27 -6.57
N GLU A 21 6.15 5.06 -7.03
CA GLU A 21 6.12 4.76 -8.46
C GLU A 21 4.69 4.64 -8.97
N ALA A 22 3.89 3.84 -8.28
CA ALA A 22 2.50 3.64 -8.65
C ALA A 22 1.77 4.97 -8.76
N ALA A 23 2.18 5.94 -7.97
CA ALA A 23 1.56 7.26 -7.98
C ALA A 23 1.90 8.02 -9.25
N LYS A 24 3.20 8.14 -9.54
CA LYS A 24 3.65 8.85 -10.73
C LYS A 24 3.18 8.13 -11.99
N LEU A 25 3.11 6.81 -11.93
CA LEU A 25 2.68 6.01 -13.07
C LEU A 25 1.16 6.07 -13.23
N LEU A 26 0.46 6.06 -12.11
CA LEU A 26 -1.00 6.12 -12.13
C LEU A 26 -1.49 7.27 -12.99
N GLU A 27 -0.97 8.46 -12.74
CA GLU A 27 -1.35 9.64 -13.50
C GLU A 27 -0.63 9.69 -14.85
N GLY A 28 0.36 8.82 -15.01
CA GLY A 28 1.11 8.77 -16.24
C GLY A 28 1.89 10.04 -16.51
N GLY A 29 2.12 10.82 -15.46
CA GLY A 29 2.85 12.07 -15.60
C GLY A 29 2.14 13.05 -16.52
N GLY A 30 0.85 12.83 -16.73
CA GLY A 30 0.08 13.71 -17.60
C GLY A 30 -0.92 12.95 -18.43
N GLY A 31 -1.79 12.20 -17.77
CA GLY A 31 -2.80 11.43 -18.47
C GLY A 31 -4.00 11.10 -17.61
N GLY A 32 -5.01 10.49 -18.20
CA GLY A 32 -6.21 10.13 -17.46
C GLY A 32 -6.80 11.31 -16.71
N GLY A 33 -7.49 11.03 -15.62
CA GLY A 33 -8.09 12.09 -14.81
C GLY A 33 -7.06 13.01 -14.20
N GLY A 34 -6.26 12.48 -13.29
CA GLY A 34 -5.24 13.28 -12.64
C GLY A 34 -5.82 14.37 -11.76
N GLY A 35 -5.11 14.73 -10.70
CA GLY A 35 -5.58 15.76 -9.80
C GLY A 35 -5.56 15.32 -8.35
N GLU A 36 -6.39 15.95 -7.53
CA GLU A 36 -6.45 15.62 -6.11
C GLU A 36 -6.94 14.19 -5.90
N LEU A 37 -7.76 13.70 -6.83
CA LEU A 37 -8.30 12.35 -6.76
C LEU A 37 -7.18 11.33 -6.56
N MET A 38 -6.03 11.60 -7.18
CA MET A 38 -4.88 10.70 -7.07
C MET A 38 -4.25 10.80 -5.69
N LYS A 39 -4.25 12.01 -5.13
CA LYS A 39 -3.67 12.25 -3.81
C LYS A 39 -4.26 11.29 -2.77
N LEU A 40 -5.52 10.90 -2.98
CA LEU A 40 -6.20 9.99 -2.07
C LEU A 40 -5.38 8.71 -1.87
N CYS A 41 -5.09 8.02 -2.96
CA CYS A 41 -4.31 6.79 -2.90
C CYS A 41 -2.89 7.06 -2.40
N GLU A 42 -2.35 8.22 -2.78
CA GLU A 42 -1.00 8.60 -2.38
C GLU A 42 -0.87 8.56 -0.84
N GLU A 43 -1.98 8.76 -0.16
CA GLU A 43 -1.99 8.75 1.30
C GLU A 43 -1.39 7.46 1.85
N ALA A 44 -1.48 6.40 1.05
CA ALA A 44 -0.95 5.11 1.45
C ALA A 44 0.51 5.22 1.88
N ALA A 45 1.30 5.94 1.10
CA ALA A 45 2.72 6.12 1.40
C ALA A 45 2.91 7.12 2.54
N LYS A 46 1.91 7.98 2.74
CA LYS A 46 1.96 8.99 3.79
C LYS A 46 1.73 8.35 5.15
N LYS A 47 0.69 7.54 5.25
CA LYS A 47 0.34 6.87 6.51
C LYS A 47 1.32 5.73 6.79
N ALA A 48 1.50 4.86 5.80
CA ALA A 48 2.41 3.73 5.95
C ALA A 48 3.79 4.18 6.41
N GLU A 49 4.15 5.41 6.06
CA GLU A 49 5.45 5.97 6.44
C GLU A 49 5.45 6.40 7.90
N GLU A 50 4.31 6.92 8.36
CA GLU A 50 4.18 7.37 9.74
C GLU A 50 4.06 6.19 10.69
N LEU A 51 3.11 5.29 10.40
CA LEU A 51 2.90 4.12 11.23
C LEU A 51 4.14 3.23 11.26
N PHE A 52 5.01 3.41 10.27
CA PHE A 52 6.23 2.62 10.18
C PHE A 52 7.01 2.68 11.48
N LYS A 53 6.77 3.73 12.27
CA LYS A 53 7.45 3.89 13.55
C LYS A 53 7.30 2.65 14.41
N LEU A 54 6.10 2.06 14.39
CA LEU A 54 5.83 0.87 15.17
C LEU A 54 6.83 -0.24 14.85
N ALA A 55 7.44 -0.15 13.67
CA ALA A 55 8.43 -1.14 13.24
C ALA A 55 9.68 -1.07 14.09
N GLU A 56 9.94 0.10 14.68
CA GLU A 56 11.11 0.29 15.52
C GLU A 56 10.92 -0.36 16.89
N GLU A 57 9.66 -0.47 17.30
CA GLU A 57 9.34 -1.07 18.60
C GLU A 57 9.78 -2.53 18.64
N ARG A 58 9.39 -3.29 17.62
CA ARG A 58 9.73 -4.70 17.53
C ARG A 58 11.18 -4.88 17.06
N LEU A 59 11.73 -3.84 16.45
CA LEU A 59 13.10 -3.89 15.94
C LEU A 59 14.09 -3.46 17.03
N LYS A 60 14.18 -2.16 17.27
CA LYS A 60 15.08 -1.63 18.28
C LYS A 60 14.33 -1.27 19.56
N LYS A 61 15.03 -0.69 20.52
CA LYS A 61 14.43 -0.30 21.78
C LYS A 61 14.57 1.21 22.01
N LEU A 62 13.85 1.99 21.21
CA LEU A 62 13.90 3.45 21.32
C LEU A 62 13.42 3.90 22.70
N MET B 1 -13.03 0.10 -26.43
CA MET B 1 -12.65 1.45 -26.08
C MET B 1 -11.80 1.46 -24.80
N LYS B 2 -10.78 0.61 -24.77
CA LYS B 2 -9.90 0.53 -23.61
C LYS B 2 -8.72 -0.41 -23.89
N LYS B 3 -7.58 -0.11 -23.27
CA LYS B 3 -6.38 -0.91 -23.45
C LYS B 3 -5.29 -0.49 -22.47
N LEU B 4 -5.01 0.80 -22.42
CA LEU B 4 -4.00 1.33 -21.52
C LEU B 4 -4.61 1.80 -20.21
N ARG B 5 -5.90 2.11 -20.25
CA ARG B 5 -6.61 2.57 -19.07
C ARG B 5 -6.68 1.48 -18.01
N GLU B 6 -6.92 0.24 -18.45
CA GLU B 6 -7.00 -0.90 -17.55
C GLU B 6 -5.74 -1.04 -16.72
N GLU B 7 -4.60 -0.68 -17.32
CA GLU B 7 -3.32 -0.76 -16.64
C GLU B 7 -3.36 -0.01 -15.31
N ALA B 8 -3.92 1.19 -15.33
CA ALA B 8 -4.02 2.00 -14.12
C ALA B 8 -4.80 1.27 -13.03
N ALA B 9 -5.69 0.38 -13.44
CA ALA B 9 -6.50 -0.39 -12.51
C ALA B 9 -5.67 -1.47 -11.83
N LYS B 10 -4.83 -2.15 -12.60
CA LYS B 10 -3.98 -3.21 -12.07
C LYS B 10 -3.04 -2.67 -11.00
N LEU B 11 -2.64 -1.41 -11.16
CA LEU B 11 -1.73 -0.78 -10.21
C LEU B 11 -2.25 -0.92 -8.78
N PHE B 12 -3.55 -0.69 -8.61
CA PHE B 12 -4.18 -0.79 -7.30
C PHE B 12 -4.34 -2.25 -6.89
N GLU B 13 -4.41 -3.14 -7.87
CA GLU B 13 -4.56 -4.56 -7.60
C GLU B 13 -3.40 -5.09 -6.77
N GLU B 14 -2.20 -4.54 -7.02
CA GLU B 14 -1.01 -4.95 -6.30
C GLU B 14 -1.00 -4.39 -4.88
N TRP B 15 -1.62 -3.22 -4.72
CA TRP B 15 -1.69 -2.58 -3.41
C TRP B 15 -2.45 -3.45 -2.41
N LYS B 16 -3.63 -3.91 -2.80
CA LYS B 16 -4.45 -4.75 -1.94
C LYS B 16 -3.89 -6.17 -1.89
N LYS B 17 -3.17 -6.56 -2.94
CA LYS B 17 -2.58 -7.89 -3.01
C LYS B 17 -1.40 -8.02 -2.05
N LEU B 18 -0.42 -7.14 -2.21
CA LEU B 18 0.76 -7.15 -1.35
C LEU B 18 0.37 -7.08 0.12
N ALA B 19 -0.63 -6.27 0.43
CA ALA B 19 -1.11 -6.13 1.80
C ALA B 19 -1.54 -7.46 2.38
N GLU B 20 -1.88 -8.41 1.50
CA GLU B 20 -2.30 -9.73 1.94
C GLU B 20 -1.12 -10.54 2.44
N GLU B 21 -0.05 -10.58 1.66
CA GLU B 21 1.14 -11.32 2.03
C GLU B 21 1.91 -10.61 3.14
N ALA B 22 2.15 -9.32 2.94
CA ALA B 22 2.88 -8.52 3.92
C ALA B 22 2.22 -8.60 5.29
N ALA B 23 0.90 -8.78 5.29
CA ALA B 23 0.15 -8.87 6.53
C ALA B 23 0.43 -10.18 7.25
N LYS B 24 0.26 -11.30 6.55
CA LYS B 24 0.49 -12.62 7.11
C LYS B 24 1.96 -12.79 7.47
N LEU B 25 2.84 -12.19 6.69
CA LEU B 25 4.28 -12.28 6.93
C LEU B 25 4.69 -11.36 8.08
N LEU B 26 4.09 -10.18 8.13
CA LEU B 26 4.40 -9.21 9.18
C LEU B 26 4.32 -9.86 10.56
N GLU B 27 3.20 -10.53 10.84
CA GLU B 27 3.01 -11.19 12.12
C GLU B 27 3.75 -12.53 12.15
N GLY B 28 4.22 -12.97 10.99
CA GLY B 28 4.95 -14.23 10.91
C GLY B 28 4.08 -15.42 11.27
N GLY B 29 2.77 -15.24 11.19
CA GLY B 29 1.85 -16.31 11.52
C GLY B 29 1.98 -16.77 12.95
N GLY B 30 2.57 -15.92 13.79
CA GLY B 30 2.75 -16.27 15.19
C GLY B 30 4.08 -15.79 15.74
N GLY B 31 4.34 -14.50 15.61
CA GLY B 31 5.58 -13.93 16.10
C GLY B 31 5.48 -12.45 16.39
N GLY B 32 6.54 -11.88 16.94
CA GLY B 32 6.54 -10.46 17.26
C GLY B 32 5.35 -10.06 18.10
N GLY B 33 4.94 -8.80 17.98
CA GLY B 33 3.81 -8.31 18.74
C GLY B 33 2.52 -9.00 18.37
N GLY B 34 2.06 -8.79 17.14
CA GLY B 34 0.83 -9.40 16.69
C GLY B 34 -0.39 -8.89 17.43
N GLY B 35 -1.53 -8.87 16.75
CA GLY B 35 -2.75 -8.39 17.37
C GLY B 35 -3.47 -7.36 16.52
N GLU B 36 -4.27 -6.52 17.16
CA GLU B 36 -5.01 -5.48 16.46
C GLU B 36 -4.06 -4.47 15.84
N LEU B 37 -2.91 -4.28 16.46
CA LEU B 37 -1.91 -3.34 15.96
C LEU B 37 -1.60 -3.60 14.49
N MET B 38 -1.62 -4.86 14.10
CA MET B 38 -1.35 -5.24 12.72
C MET B 38 -2.53 -4.88 11.81
N LYS B 39 -3.74 -5.00 12.35
CA LYS B 39 -4.94 -4.68 11.59
C LYS B 39 -4.87 -3.27 11.01
N LEU B 40 -4.18 -2.39 11.72
CA LEU B 40 -4.03 -1.00 11.28
C LEU B 40 -3.48 -0.94 9.85
N CYS B 41 -2.32 -1.54 9.65
CA CYS B 41 -1.69 -1.56 8.33
C CYS B 41 -2.53 -2.34 7.33
N GLU B 42 -3.19 -3.38 7.81
CA GLU B 42 -4.04 -4.21 6.96
C GLU B 42 -5.10 -3.36 6.27
N GLU B 43 -5.46 -2.24 6.88
CA GLU B 43 -6.47 -1.35 6.32
C GLU B 43 -6.09 -0.93 4.90
N ALA B 44 -4.79 -0.95 4.60
CA ALA B 44 -4.30 -0.57 3.28
C ALA B 44 -5.02 -1.36 2.20
N ALA B 45 -5.15 -2.66 2.39
CA ALA B 45 -5.82 -3.52 1.43
C ALA B 45 -7.33 -3.34 1.47
N LYS B 46 -7.83 -2.86 2.61
CA LYS B 46 -9.25 -2.64 2.79
C LYS B 46 -9.71 -1.38 2.04
N LYS B 47 -8.98 -0.29 2.23
CA LYS B 47 -9.30 0.97 1.56
C LYS B 47 -8.94 0.92 0.08
N ALA B 48 -7.70 0.53 -0.21
CA ALA B 48 -7.22 0.43 -1.58
C ALA B 48 -8.16 -0.42 -2.42
N GLU B 49 -8.85 -1.36 -1.78
CA GLU B 49 -9.78 -2.24 -2.48
C GLU B 49 -11.08 -1.52 -2.77
N GLU B 50 -11.51 -0.67 -1.85
CA GLU B 50 -12.76 0.09 -2.01
C GLU B 50 -12.57 1.21 -3.02
N LEU B 51 -11.55 2.04 -2.79
CA LEU B 51 -11.27 3.17 -3.68
C LEU B 51 -10.94 2.69 -5.08
N PHE B 52 -10.57 1.41 -5.20
CA PHE B 52 -10.23 0.83 -6.48
C PHE B 52 -11.34 1.07 -7.50
N LYS B 53 -12.56 1.30 -7.00
CA LYS B 53 -13.70 1.54 -7.86
C LYS B 53 -13.41 2.67 -8.85
N LEU B 54 -12.74 3.71 -8.38
CA LEU B 54 -12.40 4.85 -9.21
C LEU B 54 -11.62 4.40 -10.45
N ALA B 55 -11.00 3.23 -10.37
CA ALA B 55 -10.23 2.67 -11.48
C ALA B 55 -11.15 2.30 -12.64
N GLU B 56 -12.41 2.03 -12.33
CA GLU B 56 -13.38 1.65 -13.35
C GLU B 56 -13.84 2.87 -14.15
N GLU B 57 -13.78 4.04 -13.51
CA GLU B 57 -14.19 5.28 -14.16
C GLU B 57 -13.30 5.58 -15.36
N ARG B 58 -11.99 5.52 -15.15
CA ARG B 58 -11.03 5.80 -16.21
C ARG B 58 -10.89 4.59 -17.14
N LEU B 59 -11.30 3.43 -16.65
CA LEU B 59 -11.22 2.20 -17.43
C LEU B 59 -12.48 2.01 -18.28
N LYS B 60 -13.56 1.57 -17.66
CA LYS B 60 -14.82 1.35 -18.35
C LYS B 60 -15.78 2.51 -18.10
N LYS B 61 -17.00 2.37 -18.61
CA LYS B 61 -18.02 3.40 -18.44
C LYS B 61 -19.24 2.85 -17.70
N LEU B 62 -19.06 2.55 -16.42
CA LEU B 62 -20.14 2.01 -15.60
C LEU B 62 -21.30 3.01 -15.52
F1 HLT C . -0.45 -0.04 1.20
C2 HLT C . -0.19 -1.08 0.36
F2 HLT C . -0.19 -2.23 1.09
F3 HLT C . -1.17 -1.16 -0.58
C1 HLT C . 1.24 -0.88 -0.32
BR HLT C . 1.65 -2.34 -1.42
CL HLT C . 1.24 0.66 -1.20
HC1 HLT C . 1.99 -0.82 0.48
N MET A 1 21.93 -4.27 14.31
CA MET A 1 21.24 -4.83 15.47
C MET A 1 19.93 -5.49 15.05
N LYS A 2 20.04 -6.54 14.24
CA LYS A 2 18.87 -7.27 13.77
C LYS A 2 18.59 -8.48 14.66
N LYS A 3 17.74 -9.37 14.18
CA LYS A 3 17.38 -10.58 14.92
C LYS A 3 16.38 -11.42 14.16
N LEU A 4 15.28 -10.80 13.73
CA LEU A 4 14.25 -11.49 12.97
C LEU A 4 13.07 -10.57 12.67
N ARG A 5 12.82 -9.64 13.59
CA ARG A 5 11.72 -8.69 13.41
C ARG A 5 12.03 -7.69 12.30
N GLU A 6 13.32 -7.50 12.03
CA GLU A 6 13.74 -6.57 10.98
C GLU A 6 13.07 -6.89 9.65
N GLU A 7 12.79 -8.18 9.43
CA GLU A 7 12.15 -8.61 8.19
C GLU A 7 10.83 -7.88 7.99
N ALA A 8 9.97 -7.93 9.00
CA ALA A 8 8.66 -7.27 8.92
C ALA A 8 8.82 -5.80 8.56
N ALA A 9 9.96 -5.22 8.93
CA ALA A 9 10.23 -3.82 8.64
C ALA A 9 10.37 -3.58 7.14
N LYS A 10 11.04 -4.52 6.46
CA LYS A 10 11.24 -4.40 5.02
C LYS A 10 9.91 -4.43 4.28
N LEU A 11 8.95 -5.17 4.82
CA LEU A 11 7.62 -5.28 4.21
C LEU A 11 7.05 -3.90 3.93
N PHE A 12 7.17 -2.99 4.89
CA PHE A 12 6.66 -1.64 4.74
C PHE A 12 7.55 -0.82 3.81
N GLU A 13 8.81 -1.22 3.68
CA GLU A 13 9.75 -0.53 2.82
C GLU A 13 9.25 -0.50 1.38
N GLU A 14 8.64 -1.60 0.95
CA GLU A 14 8.12 -1.70 -0.41
C GLU A 14 6.83 -0.89 -0.55
N TRP A 15 6.03 -0.87 0.52
CA TRP A 15 4.77 -0.14 0.51
C TRP A 15 4.97 1.31 0.09
N LYS A 16 5.96 1.96 0.70
CA LYS A 16 6.26 3.35 0.38
C LYS A 16 7.03 3.47 -0.93
N LYS A 17 7.71 2.38 -1.30
CA LYS A 17 8.48 2.36 -2.54
C LYS A 17 7.56 2.34 -3.75
N LEU A 18 6.55 1.48 -3.72
CA LEU A 18 5.60 1.37 -4.82
C LEU A 18 4.95 2.71 -5.11
N ALA A 19 4.78 3.53 -4.08
CA ALA A 19 4.17 4.84 -4.22
C ALA A 19 5.10 5.79 -4.97
N GLU A 20 6.40 5.47 -4.96
CA GLU A 20 7.40 6.29 -5.63
C GLU A 20 7.20 6.26 -7.15
N GLU A 21 7.07 5.06 -7.69
CA GLU A 21 6.87 4.89 -9.13
C GLU A 21 5.48 5.34 -9.55
N ALA A 22 4.52 5.17 -8.66
CA ALA A 22 3.15 5.57 -8.93
C ALA A 22 2.98 7.09 -8.83
N ALA A 23 3.73 7.70 -7.93
CA ALA A 23 3.68 9.15 -7.73
C ALA A 23 4.28 9.89 -8.92
N LYS A 24 5.50 9.49 -9.30
CA LYS A 24 6.19 10.11 -10.42
C LYS A 24 5.41 9.93 -11.72
N LEU A 25 4.81 8.76 -11.87
CA LEU A 25 4.02 8.46 -13.07
C LEU A 25 2.66 9.15 -13.03
N LEU A 26 2.06 9.19 -11.84
CA LEU A 26 0.76 9.83 -11.66
C LEU A 26 0.76 11.23 -12.25
N GLU A 27 1.83 11.98 -12.00
CA GLU A 27 1.95 13.34 -12.50
C GLU A 27 2.86 13.39 -13.73
N GLY A 28 3.17 12.21 -14.28
CA GLY A 28 4.03 12.14 -15.45
C GLY A 28 3.50 12.97 -16.60
N GLY A 29 2.23 13.33 -16.54
CA GLY A 29 1.62 14.12 -17.60
C GLY A 29 0.17 13.75 -17.84
N GLY A 30 -0.55 13.48 -16.77
CA GLY A 30 -1.96 13.12 -16.89
C GLY A 30 -2.82 13.79 -15.83
N GLY A 31 -2.63 13.41 -14.58
CA GLY A 31 -3.40 13.99 -13.50
C GLY A 31 -4.20 12.96 -12.75
N GLY A 32 -5.01 12.19 -13.47
CA GLY A 32 -5.83 11.17 -12.84
C GLY A 32 -6.65 11.70 -11.68
N GLY A 33 -7.29 10.80 -10.94
CA GLY A 33 -8.10 11.21 -9.81
C GLY A 33 -9.56 10.85 -9.98
N GLY A 34 -10.33 11.78 -10.57
CA GLY A 34 -11.75 11.52 -10.79
C GLY A 34 -12.52 11.43 -9.49
N GLY A 35 -11.94 11.97 -8.41
CA GLY A 35 -12.60 11.93 -7.13
C GLY A 35 -11.62 11.85 -5.97
N GLU A 36 -11.99 11.13 -4.92
CA GLU A 36 -11.13 10.99 -3.76
C GLU A 36 -9.98 10.02 -4.05
N LEU A 37 -10.06 9.33 -5.18
CA LEU A 37 -9.04 8.37 -5.57
C LEU A 37 -7.65 9.01 -5.49
N MET A 38 -7.50 10.16 -6.15
CA MET A 38 -6.22 10.87 -6.16
C MET A 38 -5.72 11.09 -4.73
N LYS A 39 -6.63 11.46 -3.83
CA LYS A 39 -6.27 11.71 -2.45
C LYS A 39 -5.91 10.41 -1.74
N LEU A 40 -6.47 9.31 -2.21
CA LEU A 40 -6.20 7.99 -1.63
C LEU A 40 -4.81 7.50 -2.01
N CYS A 41 -4.35 7.91 -3.20
CA CYS A 41 -3.04 7.50 -3.68
C CYS A 41 -1.94 8.03 -2.76
N GLU A 42 -2.15 9.22 -2.21
CA GLU A 42 -1.17 9.83 -1.32
C GLU A 42 -1.15 9.12 0.03
N GLU A 43 -2.30 8.58 0.43
CA GLU A 43 -2.42 7.88 1.70
C GLU A 43 -1.45 6.70 1.76
N ALA A 44 -1.22 6.07 0.61
CA ALA A 44 -0.32 4.93 0.53
C ALA A 44 1.03 5.25 1.15
N ALA A 45 1.54 6.45 0.88
CA ALA A 45 2.82 6.88 1.41
C ALA A 45 2.70 7.25 2.89
N LYS A 46 1.49 7.59 3.30
CA LYS A 46 1.23 7.97 4.69
C LYS A 46 1.18 6.73 5.59
N LYS A 47 0.44 5.72 5.15
CA LYS A 47 0.30 4.48 5.91
C LYS A 47 1.65 3.80 6.08
N ALA A 48 2.33 3.57 4.96
CA ALA A 48 3.63 2.91 4.99
C ALA A 48 4.62 3.69 5.85
N GLU A 49 4.71 5.00 5.62
CA GLU A 49 5.61 5.86 6.37
C GLU A 49 5.29 5.80 7.86
N GLU A 50 4.00 5.74 8.18
CA GLU A 50 3.56 5.68 9.57
C GLU A 50 3.84 4.31 10.18
N LEU A 51 3.75 3.27 9.35
CA LEU A 51 3.99 1.91 9.80
C LEU A 51 5.48 1.67 10.04
N PHE A 52 6.30 2.12 9.10
CA PHE A 52 7.74 1.96 9.21
C PHE A 52 8.26 2.52 10.53
N LYS A 53 7.57 3.53 11.04
CA LYS A 53 7.96 4.16 12.30
C LYS A 53 7.90 3.17 13.44
N LEU A 54 6.83 2.38 13.50
CA LEU A 54 6.65 1.39 14.54
C LEU A 54 7.66 0.25 14.39
N ALA A 55 8.10 0.02 13.16
CA ALA A 55 9.07 -1.03 12.88
C ALA A 55 10.31 -0.88 13.77
N GLU A 56 10.60 0.35 14.17
CA GLU A 56 11.76 0.62 15.02
C GLU A 56 11.60 -0.04 16.38
N GLU A 57 10.41 0.10 16.96
CA GLU A 57 10.14 -0.49 18.28
C GLU A 57 10.14 -2.01 18.20
N ARG A 58 9.62 -2.55 17.10
CA ARG A 58 9.55 -3.99 16.90
C ARG A 58 10.91 -4.54 16.48
N LEU A 59 11.78 -3.66 15.99
CA LEU A 59 13.11 -4.06 15.54
C LEU A 59 14.15 -3.73 16.61
N LYS A 60 14.55 -2.46 16.68
CA LYS A 60 15.53 -2.01 17.65
C LYS A 60 14.85 -1.46 18.90
N LYS A 61 15.65 -0.92 19.81
CA LYS A 61 15.13 -0.35 21.05
C LYS A 61 15.02 1.17 20.94
N LEU A 62 13.88 1.64 20.42
CA LEU A 62 13.65 3.07 20.27
C LEU A 62 13.92 3.81 21.57
N MET B 1 -13.02 -4.55 -22.59
CA MET B 1 -13.17 -3.14 -22.96
C MET B 1 -12.03 -2.31 -22.40
N LYS B 2 -10.81 -2.62 -22.83
CA LYS B 2 -9.63 -1.89 -22.38
C LYS B 2 -9.27 -0.77 -23.34
N LYS B 3 -8.07 -0.22 -23.18
CA LYS B 3 -7.60 0.86 -24.04
C LYS B 3 -6.19 1.30 -23.65
N LEU B 4 -6.01 1.61 -22.37
CA LEU B 4 -4.70 2.04 -21.86
C LEU B 4 -4.79 2.39 -20.38
N ARG B 5 -5.94 2.89 -19.96
CA ARG B 5 -6.14 3.27 -18.57
C ARG B 5 -6.22 2.03 -17.68
N GLU B 6 -6.58 0.90 -18.27
CA GLU B 6 -6.69 -0.34 -17.53
C GLU B 6 -5.39 -0.65 -16.78
N GLU B 7 -4.27 -0.25 -17.37
CA GLU B 7 -2.96 -0.48 -16.76
C GLU B 7 -2.90 0.11 -15.36
N ALA B 8 -3.23 1.38 -15.25
CA ALA B 8 -3.21 2.06 -13.95
C ALA B 8 -4.05 1.31 -12.93
N ALA B 9 -5.06 0.60 -13.41
CA ALA B 9 -5.94 -0.17 -12.54
C ALA B 9 -5.20 -1.33 -11.89
N LYS B 10 -4.36 -2.00 -12.67
CA LYS B 10 -3.57 -3.13 -12.16
C LYS B 10 -2.61 -2.68 -11.07
N LEU B 11 -2.13 -1.45 -11.18
CA LEU B 11 -1.21 -0.90 -10.19
C LEU B 11 -1.76 -1.05 -8.78
N PHE B 12 -3.04 -0.73 -8.62
CA PHE B 12 -3.68 -0.85 -7.31
C PHE B 12 -3.94 -2.30 -6.95
N GLU B 13 -4.05 -3.15 -7.96
CA GLU B 13 -4.29 -4.58 -7.75
C GLU B 13 -3.21 -5.18 -6.87
N GLU B 14 -1.97 -4.76 -7.09
CA GLU B 14 -0.84 -5.27 -6.31
C GLU B 14 -0.83 -4.67 -4.91
N TRP B 15 -1.26 -3.42 -4.81
CA TRP B 15 -1.30 -2.73 -3.53
C TRP B 15 -2.08 -3.53 -2.50
N LYS B 16 -3.26 -3.99 -2.89
CA LYS B 16 -4.10 -4.78 -2.00
C LYS B 16 -3.60 -6.21 -1.89
N LYS B 17 -2.88 -6.66 -2.91
CA LYS B 17 -2.34 -8.01 -2.93
C LYS B 17 -1.20 -8.15 -1.92
N LEU B 18 -0.30 -7.17 -1.91
CA LEU B 18 0.84 -7.18 -0.99
C LEU B 18 0.37 -7.33 0.45
N ALA B 19 -0.86 -6.89 0.72
CA ALA B 19 -1.42 -6.99 2.05
C ALA B 19 -1.57 -8.45 2.50
N GLU B 20 -1.78 -9.33 1.52
CA GLU B 20 -1.93 -10.75 1.82
C GLU B 20 -0.63 -11.35 2.33
N GLU B 21 0.46 -11.07 1.62
CA GLU B 21 1.78 -11.59 2.01
C GLU B 21 2.32 -10.83 3.21
N ALA B 22 1.96 -9.56 3.32
CA ALA B 22 2.40 -8.71 4.43
C ALA B 22 1.64 -9.05 5.71
N ALA B 23 0.39 -9.48 5.55
CA ALA B 23 -0.43 -9.83 6.70
C ALA B 23 0.05 -11.12 7.35
N LYS B 24 0.21 -12.16 6.55
CA LYS B 24 0.66 -13.45 7.04
C LYS B 24 2.06 -13.35 7.63
N LEU B 25 2.90 -12.53 7.01
CA LEU B 25 4.26 -12.33 7.48
C LEU B 25 4.30 -11.42 8.71
N LEU B 26 3.43 -10.43 8.72
CA LEU B 26 3.35 -9.48 9.84
C LEU B 26 3.26 -10.22 11.16
N GLU B 27 2.37 -11.21 11.23
CA GLU B 27 2.19 -11.99 12.44
C GLU B 27 2.98 -13.29 12.38
N GLY B 28 3.88 -13.39 11.40
CA GLY B 28 4.70 -14.57 11.25
C GLY B 28 5.55 -14.86 12.47
N GLY B 29 5.66 -13.87 13.36
CA GLY B 29 6.45 -14.05 14.56
C GLY B 29 7.14 -12.76 14.98
N GLY B 30 6.37 -11.67 15.05
CA GLY B 30 6.94 -10.40 15.45
C GLY B 30 6.40 -9.91 16.78
N GLY B 31 5.16 -10.29 17.09
CA GLY B 31 4.54 -9.87 18.34
C GLY B 31 3.04 -9.93 18.28
N GLY B 32 2.48 -9.66 17.10
CA GLY B 32 1.04 -9.67 16.95
C GLY B 32 0.37 -8.48 17.62
N GLY B 33 -0.71 -8.75 18.34
CA GLY B 33 -1.44 -7.70 19.02
C GLY B 33 -2.89 -8.04 19.28
N GLY B 34 -3.67 -8.11 18.21
CA GLY B 34 -5.08 -8.44 18.33
C GLY B 34 -5.93 -7.22 18.63
N GLY B 35 -5.85 -6.21 17.77
CA GLY B 35 -6.61 -5.00 17.97
C GLY B 35 -6.42 -3.99 16.85
N GLU B 36 -6.30 -2.72 17.21
CA GLU B 36 -6.11 -1.66 16.23
C GLU B 36 -4.76 -1.81 15.53
N LEU B 37 -3.89 -2.62 16.11
CA LEU B 37 -2.56 -2.85 15.54
C LEU B 37 -2.66 -3.28 14.08
N MET B 38 -3.34 -4.40 13.85
CA MET B 38 -3.52 -4.92 12.50
C MET B 38 -4.41 -4.00 11.67
N LYS B 39 -5.34 -3.31 12.34
CA LYS B 39 -6.25 -2.40 11.67
C LYS B 39 -5.48 -1.32 10.90
N LEU B 40 -4.30 -0.97 11.41
CA LEU B 40 -3.47 0.04 10.77
C LEU B 40 -2.86 -0.49 9.47
N CYS B 41 -2.38 -1.73 9.52
CA CYS B 41 -1.78 -2.36 8.35
C CYS B 41 -2.85 -2.78 7.34
N GLU B 42 -4.04 -3.08 7.84
CA GLU B 42 -5.15 -3.49 6.98
C GLU B 42 -5.59 -2.34 6.08
N GLU B 43 -5.35 -1.11 6.54
CA GLU B 43 -5.73 0.07 5.78
C GLU B 43 -5.14 0.02 4.36
N ALA B 44 -3.95 -0.55 4.25
CA ALA B 44 -3.28 -0.66 2.95
C ALA B 44 -4.18 -1.30 1.92
N ALA B 45 -4.90 -2.34 2.33
CA ALA B 45 -5.82 -3.04 1.43
C ALA B 45 -7.08 -2.23 1.19
N LYS B 46 -7.40 -1.33 2.13
CA LYS B 46 -8.58 -0.48 2.02
C LYS B 46 -8.38 0.61 0.97
N LYS B 47 -7.22 1.26 1.03
CA LYS B 47 -6.90 2.33 0.08
C LYS B 47 -6.90 1.80 -1.35
N ALA B 48 -6.13 0.74 -1.59
CA ALA B 48 -6.03 0.15 -2.92
C ALA B 48 -7.40 -0.32 -3.40
N GLU B 49 -8.10 -1.06 -2.55
CA GLU B 49 -9.42 -1.57 -2.90
C GLU B 49 -10.38 -0.43 -3.25
N GLU B 50 -10.24 0.69 -2.55
CA GLU B 50 -11.09 1.85 -2.79
C GLU B 50 -10.68 2.55 -4.09
N LEU B 51 -9.39 2.50 -4.40
CA LEU B 51 -8.87 3.14 -5.61
C LEU B 51 -9.30 2.36 -6.85
N PHE B 52 -9.18 1.03 -6.78
CA PHE B 52 -9.54 0.17 -7.90
C PHE B 52 -10.97 0.46 -8.36
N LYS B 53 -11.80 0.91 -7.43
CA LYS B 53 -13.20 1.22 -7.73
C LYS B 53 -13.29 2.30 -8.81
N LEU B 54 -12.48 3.35 -8.68
CA LEU B 54 -12.46 4.44 -9.64
C LEU B 54 -11.90 3.98 -10.98
N ALA B 55 -11.06 2.95 -10.94
CA ALA B 55 -10.46 2.41 -12.15
C ALA B 55 -11.52 2.07 -13.19
N GLU B 56 -12.72 1.75 -12.72
CA GLU B 56 -13.82 1.41 -13.62
C GLU B 56 -14.21 2.60 -14.48
N GLU B 57 -14.33 3.77 -13.86
CA GLU B 57 -14.70 4.99 -14.57
C GLU B 57 -13.60 5.40 -15.55
N ARG B 58 -12.36 5.22 -15.14
CA ARG B 58 -11.21 5.57 -15.98
C ARG B 58 -10.98 4.50 -17.05
N LEU B 59 -11.53 3.32 -16.83
CA LEU B 59 -11.38 2.22 -17.78
C LEU B 59 -12.61 2.07 -18.64
N LYS B 60 -13.66 1.46 -18.08
CA LYS B 60 -14.91 1.26 -18.81
C LYS B 60 -15.90 2.38 -18.49
N LYS B 61 -17.12 2.23 -19.00
CA LYS B 61 -18.17 3.22 -18.77
C LYS B 61 -19.10 2.79 -17.65
N LEU B 62 -18.72 3.10 -16.42
CA LEU B 62 -19.54 2.74 -15.25
C LEU B 62 -20.99 3.17 -15.44
F1 HLT C . 0.77 1.68 -1.77
C2 HLT C . 1.27 0.63 -1.05
F2 HLT C . 2.31 0.10 -1.75
F3 HLT C . 1.74 1.11 0.13
C1 HLT C . 0.15 -0.46 -0.82
BR HLT C . 0.85 -1.92 0.11
CL HLT C . -1.23 0.28 0.02
HC1 HLT C . -0.20 -0.81 -1.81
N MET A 1 17.57 -2.28 21.51
CA MET A 1 17.88 -2.19 20.09
C MET A 1 17.35 -3.40 19.33
N LYS A 2 17.15 -3.25 18.03
CA LYS A 2 16.64 -4.33 17.19
C LYS A 2 17.46 -5.59 17.39
N LYS A 3 16.78 -6.74 17.41
CA LYS A 3 17.45 -8.03 17.58
C LYS A 3 17.20 -8.93 16.38
N LEU A 4 16.05 -8.76 15.75
CA LEU A 4 15.69 -9.57 14.58
C LEU A 4 14.37 -9.11 13.99
N ARG A 5 13.48 -8.62 14.85
CA ARG A 5 12.17 -8.14 14.42
C ARG A 5 12.30 -7.15 13.26
N GLU A 6 13.44 -6.46 13.22
CA GLU A 6 13.69 -5.48 12.18
C GLU A 6 13.47 -6.09 10.79
N GLU A 7 13.65 -7.40 10.70
CA GLU A 7 13.48 -8.11 9.43
C GLU A 7 12.12 -7.81 8.82
N ALA A 8 11.11 -7.66 9.67
CA ALA A 8 9.76 -7.35 9.20
C ALA A 8 9.63 -5.89 8.80
N ALA A 9 10.46 -5.04 9.39
CA ALA A 9 10.44 -3.61 9.09
C ALA A 9 10.76 -3.36 7.62
N LYS A 10 11.73 -4.10 7.10
CA LYS A 10 12.12 -3.97 5.70
C LYS A 10 10.92 -4.16 4.77
N LEU A 11 10.01 -5.04 5.16
CA LEU A 11 8.82 -5.31 4.36
C LEU A 11 8.09 -4.02 4.01
N PHE A 12 7.98 -3.13 4.99
CA PHE A 12 7.31 -1.85 4.79
C PHE A 12 8.17 -0.90 3.97
N GLU A 13 9.48 -1.10 4.04
CA GLU A 13 10.41 -0.26 3.29
C GLU A 13 10.19 -0.39 1.79
N GLU A 14 10.09 -1.63 1.32
CA GLU A 14 9.88 -1.88 -0.10
C GLU A 14 8.44 -1.59 -0.50
N TRP A 15 7.52 -1.73 0.47
CA TRP A 15 6.11 -1.47 0.22
C TRP A 15 5.89 -0.08 -0.33
N LYS A 16 6.37 0.93 0.41
CA LYS A 16 6.22 2.31 0.00
C LYS A 16 7.09 2.62 -1.23
N LYS A 17 8.11 1.80 -1.43
CA LYS A 17 9.01 1.98 -2.57
C LYS A 17 8.35 1.50 -3.86
N LEU A 18 7.68 0.36 -3.80
CA LEU A 18 7.00 -0.19 -4.96
C LEU A 18 5.98 0.79 -5.52
N ALA A 19 5.51 1.69 -4.67
CA ALA A 19 4.53 2.71 -5.07
C ALA A 19 5.17 3.76 -5.98
N GLU A 20 6.50 3.72 -6.06
CA GLU A 20 7.22 4.67 -6.89
C GLU A 20 6.97 4.43 -8.38
N GLU A 21 7.10 3.17 -8.79
CA GLU A 21 6.87 2.81 -10.19
C GLU A 21 5.50 3.28 -10.66
N ALA A 22 4.53 3.27 -9.75
CA ALA A 22 3.17 3.69 -10.07
C ALA A 22 3.07 5.22 -10.12
N ALA A 23 3.88 5.88 -9.29
CA ALA A 23 3.88 7.33 -9.23
C ALA A 23 4.53 7.94 -10.48
N LYS A 24 5.67 7.38 -10.86
CA LYS A 24 6.39 7.86 -12.05
C LYS A 24 5.61 7.56 -13.32
N LEU A 25 4.95 6.40 -13.34
CA LEU A 25 4.17 5.99 -14.50
C LEU A 25 2.84 6.74 -14.55
N LEU A 26 2.24 6.96 -13.38
CA LEU A 26 0.97 7.66 -13.29
C LEU A 26 1.02 8.98 -14.05
N GLU A 27 2.10 9.74 -13.86
CA GLU A 27 2.28 11.01 -14.54
C GLU A 27 3.18 10.87 -15.76
N GLY A 28 3.45 9.62 -16.14
CA GLY A 28 4.30 9.37 -17.29
C GLY A 28 3.76 9.99 -18.56
N GLY A 29 2.50 10.41 -18.53
CA GLY A 29 1.88 11.02 -19.69
C GLY A 29 0.47 10.52 -19.93
N GLY A 30 -0.31 10.43 -18.86
CA GLY A 30 -1.68 9.96 -18.98
C GLY A 30 -2.47 10.12 -17.69
N GLY A 31 -2.55 11.36 -17.20
CA GLY A 31 -3.27 11.63 -15.98
C GLY A 31 -3.36 13.11 -15.66
N GLY A 32 -2.83 13.50 -14.51
CA GLY A 32 -2.87 14.90 -14.11
C GLY A 32 -4.28 15.43 -14.01
N GLY A 33 -5.22 14.56 -13.68
CA GLY A 33 -6.61 14.97 -13.56
C GLY A 33 -6.88 15.68 -12.25
N GLY A 34 -6.18 16.78 -12.01
CA GLY A 34 -6.36 17.53 -10.78
C GLY A 34 -5.36 17.14 -9.71
N GLY A 35 -4.77 15.96 -9.86
CA GLY A 35 -3.79 15.50 -8.88
C GLY A 35 -4.40 14.55 -7.86
N GLU A 36 -5.73 14.58 -7.75
CA GLU A 36 -6.43 13.72 -6.82
C GLU A 36 -6.09 12.26 -7.06
N LEU A 37 -5.92 11.90 -8.32
CA LEU A 37 -5.59 10.53 -8.70
C LEU A 37 -4.32 10.06 -8.00
N MET A 38 -3.28 10.88 -8.05
CA MET A 38 -2.01 10.56 -7.41
C MET A 38 -2.15 10.52 -5.89
N LYS A 39 -3.06 11.34 -5.37
CA LYS A 39 -3.30 11.40 -3.93
C LYS A 39 -3.77 10.05 -3.40
N LEU A 40 -4.43 9.28 -4.26
CA LEU A 40 -4.93 7.96 -3.89
C LEU A 40 -3.79 6.99 -3.62
N CYS A 41 -2.97 6.77 -4.64
CA CYS A 41 -1.83 5.86 -4.52
C CYS A 41 -0.87 6.34 -3.44
N GLU A 42 -0.88 7.64 -3.19
CA GLU A 42 0.01 8.23 -2.18
C GLU A 42 -0.29 7.66 -0.80
N GLU A 43 -1.52 7.19 -0.60
CA GLU A 43 -1.94 6.62 0.67
C GLU A 43 -0.99 5.50 1.10
N ALA A 44 -0.50 4.74 0.13
CA ALA A 44 0.41 3.64 0.40
C ALA A 44 1.59 4.10 1.25
N ALA A 45 2.16 5.25 0.89
CA ALA A 45 3.29 5.81 1.63
C ALA A 45 2.84 6.42 2.94
N LYS A 46 1.56 6.78 3.01
CA LYS A 46 1.00 7.40 4.22
C LYS A 46 0.77 6.34 5.29
N LYS A 47 0.10 5.26 4.91
CA LYS A 47 -0.19 4.18 5.85
C LYS A 47 1.09 3.49 6.31
N ALA A 48 2.02 3.32 5.38
CA ALA A 48 3.29 2.68 5.69
C ALA A 48 4.14 3.56 6.61
N GLU A 49 4.22 4.84 6.29
CA GLU A 49 5.00 5.79 7.09
C GLU A 49 4.30 6.07 8.41
N GLU A 50 2.97 5.95 8.43
CA GLU A 50 2.19 6.19 9.63
C GLU A 50 2.41 5.08 10.65
N LEU A 51 2.28 3.84 10.20
CA LEU A 51 2.46 2.68 11.08
C LEU A 51 3.93 2.48 11.42
N PHE A 52 4.80 2.80 10.47
CA PHE A 52 6.23 2.66 10.67
C PHE A 52 6.72 3.55 11.80
N LYS A 53 6.03 4.68 11.99
CA LYS A 53 6.39 5.63 13.04
C LYS A 53 6.34 4.97 14.41
N LEU A 54 5.18 4.44 14.76
CA LEU A 54 5.00 3.78 16.05
C LEU A 54 5.65 2.40 16.05
N ALA A 55 5.50 1.68 14.95
CA ALA A 55 6.08 0.34 14.82
C ALA A 55 7.60 0.40 14.92
N GLU A 56 8.16 1.55 14.58
CA GLU A 56 9.61 1.73 14.63
C GLU A 56 10.17 1.34 16.00
N GLU A 57 9.31 1.42 17.02
CA GLU A 57 9.72 1.07 18.38
C GLU A 57 9.79 -0.45 18.55
N ARG A 58 8.69 -1.12 18.26
CA ARG A 58 8.62 -2.57 18.39
C ARG A 58 9.51 -3.25 17.34
N LEU A 59 9.98 -2.47 16.38
CA LEU A 59 10.84 -2.99 15.32
C LEU A 59 12.31 -2.68 15.60
N LYS A 60 12.63 -1.39 15.61
CA LYS A 60 14.00 -0.95 15.86
C LYS A 60 14.23 -0.76 17.36
N LYS A 61 13.60 0.27 17.92
CA LYS A 61 13.73 0.56 19.35
C LYS A 61 12.89 1.78 19.74
N LEU A 62 13.20 2.91 19.11
CA LEU A 62 12.47 4.15 19.40
C LEU A 62 12.44 4.43 20.89
N MET B 1 -17.70 0.95 -21.25
CA MET B 1 -16.64 0.00 -20.90
C MET B 1 -15.27 0.66 -21.04
N LYS B 2 -14.29 0.09 -20.34
CA LYS B 2 -12.93 0.62 -20.37
C LYS B 2 -12.44 0.76 -21.82
N LYS B 3 -11.70 1.84 -22.08
CA LYS B 3 -11.18 2.09 -23.42
C LYS B 3 -9.65 2.12 -23.41
N LEU B 4 -9.08 2.52 -22.28
CA LEU B 4 -7.63 2.59 -22.13
C LEU B 4 -7.25 2.98 -20.71
N ARG B 5 -8.09 3.78 -20.07
CA ARG B 5 -7.83 4.23 -18.70
C ARG B 5 -7.52 3.05 -17.80
N GLU B 6 -8.06 1.88 -18.15
CA GLU B 6 -7.84 0.67 -17.36
C GLU B 6 -6.35 0.43 -17.12
N GLU B 7 -5.53 0.94 -18.03
CA GLU B 7 -4.09 0.79 -17.92
C GLU B 7 -3.59 1.25 -16.56
N ALA B 8 -4.23 2.29 -16.02
CA ALA B 8 -3.85 2.83 -14.72
C ALA B 8 -4.34 1.94 -13.59
N ALA B 9 -5.42 1.20 -13.84
CA ALA B 9 -5.99 0.31 -12.84
C ALA B 9 -4.98 -0.77 -12.45
N LYS B 10 -4.26 -1.28 -13.43
CA LYS B 10 -3.26 -2.32 -13.18
C LYS B 10 -2.25 -1.87 -12.14
N LEU B 11 -1.94 -0.58 -12.14
CA LEU B 11 -0.99 -0.01 -11.19
C LEU B 11 -1.36 -0.38 -9.76
N PHE B 12 -2.65 -0.29 -9.45
CA PHE B 12 -3.14 -0.63 -8.12
C PHE B 12 -3.13 -2.13 -7.89
N GLU B 13 -3.21 -2.89 -8.98
CA GLU B 13 -3.23 -4.35 -8.91
C GLU B 13 -2.03 -4.85 -8.11
N GLU B 14 -0.89 -4.20 -8.29
CA GLU B 14 0.33 -4.60 -7.59
C GLU B 14 0.19 -4.36 -6.08
N TRP B 15 -0.66 -3.41 -5.72
CA TRP B 15 -0.89 -3.08 -4.31
C TRP B 15 -1.49 -4.28 -3.57
N LYS B 16 -2.62 -4.77 -4.07
CA LYS B 16 -3.29 -5.90 -3.44
C LYS B 16 -2.51 -7.20 -3.68
N LYS B 17 -1.72 -7.22 -4.76
CA LYS B 17 -0.92 -8.39 -5.09
C LYS B 17 0.29 -8.49 -4.16
N LEU B 18 1.17 -7.50 -4.23
CA LEU B 18 2.37 -7.48 -3.40
C LEU B 18 2.01 -7.54 -1.91
N ALA B 19 0.79 -7.11 -1.59
CA ALA B 19 0.33 -7.12 -0.21
C ALA B 19 -0.02 -8.54 0.24
N GLU B 20 -0.03 -9.47 -0.71
CA GLU B 20 -0.34 -10.87 -0.41
C GLU B 20 0.82 -11.54 0.32
N GLU B 21 2.03 -11.39 -0.21
CA GLU B 21 3.22 -11.97 0.39
C GLU B 21 3.34 -11.56 1.86
N ALA B 22 2.91 -10.34 2.16
CA ALA B 22 2.98 -9.84 3.52
C ALA B 22 1.85 -10.41 4.38
N ALA B 23 0.71 -10.67 3.75
CA ALA B 23 -0.44 -11.22 4.44
C ALA B 23 -0.21 -12.68 4.83
N LYS B 24 0.29 -13.46 3.88
CA LYS B 24 0.57 -14.88 4.13
C LYS B 24 1.71 -15.05 5.12
N LEU B 25 2.70 -14.16 5.03
CA LEU B 25 3.85 -14.22 5.92
C LEU B 25 3.50 -13.67 7.31
N LEU B 26 2.68 -12.63 7.33
CA LEU B 26 2.26 -12.01 8.58
C LEU B 26 1.74 -13.06 9.56
N GLU B 27 0.87 -13.94 9.06
CA GLU B 27 0.31 -14.99 9.90
C GLU B 27 1.02 -16.31 9.66
N GLY B 28 2.16 -16.25 8.98
CA GLY B 28 2.94 -17.45 8.70
C GLY B 28 3.35 -18.17 9.97
N GLY B 29 3.25 -17.49 11.11
CA GLY B 29 3.64 -18.09 12.37
C GLY B 29 4.46 -17.15 13.22
N GLY B 30 4.04 -15.89 13.30
CA GLY B 30 4.75 -14.91 14.09
C GLY B 30 4.00 -13.60 14.22
N GLY B 31 2.82 -13.66 14.83
CA GLY B 31 2.02 -12.46 15.01
C GLY B 31 0.82 -12.69 15.91
N GLY B 32 -0.37 -12.37 15.40
CA GLY B 32 -1.58 -12.55 16.18
C GLY B 32 -1.52 -11.82 17.51
N GLY B 33 -0.76 -10.73 17.55
CA GLY B 33 -0.65 -9.96 18.77
C GLY B 33 -1.84 -9.05 19.01
N GLY B 34 -3.03 -9.64 19.07
CA GLY B 34 -4.24 -8.87 19.29
C GLY B 34 -4.90 -8.46 17.99
N GLY B 35 -4.13 -8.45 16.90
CA GLY B 35 -4.67 -8.07 15.61
C GLY B 35 -4.42 -6.60 15.29
N GLU B 36 -4.17 -5.81 16.32
CA GLU B 36 -3.91 -4.39 16.14
C GLU B 36 -2.72 -4.15 15.21
N LEU B 37 -1.71 -4.99 15.35
CA LEU B 37 -0.50 -4.87 14.53
C LEU B 37 -0.85 -5.03 13.04
N MET B 38 -1.62 -6.06 12.73
CA MET B 38 -2.03 -6.33 11.35
C MET B 38 -2.94 -5.21 10.83
N LYS B 39 -3.73 -4.64 11.74
CA LYS B 39 -4.65 -3.57 11.38
C LYS B 39 -3.90 -2.39 10.77
N LEU B 40 -2.67 -2.19 11.21
CA LEU B 40 -1.84 -1.10 10.72
C LEU B 40 -1.47 -1.31 9.26
N CYS B 41 -0.77 -2.42 8.98
CA CYS B 41 -0.37 -2.74 7.62
C CYS B 41 -1.57 -3.01 6.73
N GLU B 42 -2.68 -3.40 7.36
CA GLU B 42 -3.90 -3.68 6.62
C GLU B 42 -4.47 -2.42 5.98
N GLU B 43 -4.14 -1.27 6.57
CA GLU B 43 -4.62 0.01 6.06
C GLU B 43 -4.25 0.17 4.59
N ALA B 44 -3.01 -0.17 4.25
CA ALA B 44 -2.53 -0.06 2.88
C ALA B 44 -3.49 -0.74 1.91
N ALA B 45 -3.95 -1.93 2.27
CA ALA B 45 -4.86 -2.68 1.44
C ALA B 45 -6.27 -2.11 1.51
N LYS B 46 -6.55 -1.39 2.58
CA LYS B 46 -7.87 -0.78 2.78
C LYS B 46 -8.03 0.46 1.90
N LYS B 47 -7.02 1.33 1.93
CA LYS B 47 -7.05 2.56 1.14
C LYS B 47 -7.10 2.23 -0.35
N ALA B 48 -6.37 1.20 -0.75
CA ALA B 48 -6.33 0.80 -2.15
C ALA B 48 -7.67 0.21 -2.58
N GLU B 49 -8.23 -0.66 -1.75
CA GLU B 49 -9.51 -1.29 -2.05
C GLU B 49 -10.65 -0.28 -1.97
N GLU B 50 -10.47 0.74 -1.14
CA GLU B 50 -11.48 1.77 -0.96
C GLU B 50 -11.54 2.69 -2.18
N LEU B 51 -10.38 3.17 -2.61
CA LEU B 51 -10.29 4.05 -3.77
C LEU B 51 -10.58 3.30 -5.05
N PHE B 52 -10.20 2.03 -5.09
CA PHE B 52 -10.43 1.19 -6.26
C PHE B 52 -11.92 1.00 -6.52
N LYS B 53 -12.70 1.02 -5.44
CA LYS B 53 -14.15 0.85 -5.54
C LYS B 53 -14.77 1.94 -6.41
N LEU B 54 -14.53 3.19 -6.03
CA LEU B 54 -15.06 4.33 -6.77
C LEU B 54 -14.29 4.54 -8.08
N ALA B 55 -12.97 4.41 -8.00
CA ALA B 55 -12.12 4.59 -9.17
C ALA B 55 -12.45 3.54 -10.24
N GLU B 56 -12.98 2.41 -9.81
CA GLU B 56 -13.33 1.33 -10.73
C GLU B 56 -14.22 1.85 -11.85
N GLU B 57 -14.94 2.93 -11.58
CA GLU B 57 -15.84 3.52 -12.57
C GLU B 57 -15.05 4.30 -13.62
N ARG B 58 -14.25 5.25 -13.16
CA ARG B 58 -13.43 6.07 -14.05
C ARG B 58 -12.35 5.25 -14.72
N LEU B 59 -12.15 4.03 -14.22
CA LEU B 59 -11.14 3.13 -14.76
C LEU B 59 -11.76 2.10 -15.69
N LYS B 60 -12.61 1.24 -15.14
CA LYS B 60 -13.28 0.21 -15.92
C LYS B 60 -14.59 0.72 -16.50
N LYS B 61 -15.56 0.97 -15.62
CA LYS B 61 -16.86 1.47 -16.05
C LYS B 61 -17.79 1.66 -14.85
N LEU B 62 -18.05 0.57 -14.14
CA LEU B 62 -18.93 0.61 -12.97
C LEU B 62 -20.25 1.29 -13.30
F1 HLT C . 2.53 -2.92 -3.79
C2 HLT C . 2.72 -2.54 -2.50
F2 HLT C . 2.04 -3.41 -1.70
F3 HLT C . 4.04 -2.62 -2.20
C1 HLT C . 2.17 -1.06 -2.27
BR HLT C . 2.37 -0.56 -0.48
CL HLT C . 3.02 0.03 -3.39
HC1 HLT C . 1.10 -1.05 -2.53
N MET A 1 19.91 -1.65 12.81
CA MET A 1 19.82 -3.08 12.55
C MET A 1 20.13 -3.89 13.80
N LYS A 2 19.38 -4.97 14.00
CA LYS A 2 19.56 -5.83 15.15
C LYS A 2 20.06 -7.21 14.74
N LYS A 3 19.17 -8.02 14.18
CA LYS A 3 19.51 -9.36 13.73
C LYS A 3 18.74 -9.73 12.47
N LEU A 4 17.46 -10.03 12.63
CA LEU A 4 16.60 -10.40 11.52
C LEU A 4 15.21 -9.79 11.67
N ARG A 5 15.04 -8.98 12.70
CA ARG A 5 13.75 -8.33 12.95
C ARG A 5 13.48 -7.24 11.92
N GLU A 6 14.54 -6.62 11.43
CA GLU A 6 14.42 -5.55 10.44
C GLU A 6 13.63 -6.02 9.22
N GLU A 7 13.66 -7.33 8.98
CA GLU A 7 12.95 -7.92 7.84
C GLU A 7 11.48 -7.51 7.86
N ALA A 8 10.94 -7.34 9.07
CA ALA A 8 9.54 -6.97 9.23
C ALA A 8 9.33 -5.49 8.90
N ALA A 9 10.37 -4.68 9.10
CA ALA A 9 10.31 -3.26 8.83
C ALA A 9 10.33 -3.00 7.32
N LYS A 10 11.13 -3.77 6.60
CA LYS A 10 11.24 -3.62 5.15
C LYS A 10 9.91 -3.88 4.47
N LEU A 11 9.10 -4.75 5.07
CA LEU A 11 7.79 -5.09 4.51
C LEU A 11 6.98 -3.83 4.22
N PHE A 12 7.00 -2.89 5.17
CA PHE A 12 6.26 -1.64 5.02
C PHE A 12 6.97 -0.71 4.03
N GLU A 13 8.28 -0.87 3.91
CA GLU A 13 9.07 -0.05 3.00
C GLU A 13 8.51 -0.11 1.58
N GLU A 14 7.95 -1.26 1.23
CA GLU A 14 7.38 -1.45 -0.10
C GLU A 14 6.10 -0.62 -0.26
N TRP A 15 5.34 -0.49 0.81
CA TRP A 15 4.10 0.27 0.79
C TRP A 15 4.38 1.75 0.54
N LYS A 16 5.40 2.28 1.20
CA LYS A 16 5.77 3.69 1.05
C LYS A 16 6.54 3.90 -0.24
N LYS A 17 7.24 2.87 -0.69
CA LYS A 17 8.02 2.93 -1.92
C LYS A 17 7.12 2.90 -3.15
N LEU A 18 6.28 1.86 -3.23
CA LEU A 18 5.36 1.71 -4.34
C LEU A 18 4.50 2.96 -4.52
N ALA A 19 4.17 3.60 -3.40
CA ALA A 19 3.36 4.81 -3.43
C ALA A 19 4.09 5.95 -4.13
N GLU A 20 5.41 5.91 -4.08
CA GLU A 20 6.23 6.94 -4.71
C GLU A 20 6.22 6.80 -6.23
N GLU A 21 6.47 5.59 -6.71
CA GLU A 21 6.47 5.33 -8.14
C GLU A 21 5.06 5.34 -8.71
N ALA A 22 4.16 4.61 -8.07
CA ALA A 22 2.77 4.54 -8.51
C ALA A 22 2.16 5.92 -8.60
N ALA A 23 2.62 6.84 -7.75
CA ALA A 23 2.12 8.20 -7.74
C ALA A 23 2.58 8.97 -8.98
N LYS A 24 3.89 8.99 -9.20
CA LYS A 24 4.46 9.68 -10.35
C LYS A 24 3.98 9.07 -11.66
N LEU A 25 3.79 7.75 -11.64
CA LEU A 25 3.32 7.04 -12.83
C LEU A 25 1.83 7.24 -13.04
N LEU A 26 1.08 7.24 -11.95
CA LEU A 26 -0.37 7.44 -12.01
C LEU A 26 -0.72 8.66 -12.84
N GLU A 27 -0.06 9.78 -12.55
CA GLU A 27 -0.30 11.02 -13.27
C GLU A 27 0.64 11.15 -14.46
N GLY A 28 1.31 10.06 -14.80
CA GLY A 28 2.24 10.08 -15.91
C GLY A 28 1.54 10.12 -17.25
N GLY A 29 0.75 11.16 -17.48
CA GLY A 29 0.03 11.29 -18.74
C GLY A 29 -0.77 10.05 -19.07
N GLY A 30 -1.39 9.45 -18.06
CA GLY A 30 -2.18 8.26 -18.29
C GLY A 30 -3.63 8.57 -18.59
N GLY A 31 -4.25 9.39 -17.74
CA GLY A 31 -5.64 9.76 -17.95
C GLY A 31 -6.02 11.03 -17.22
N GLY A 32 -5.64 11.14 -15.96
CA GLY A 32 -5.95 12.32 -15.18
C GLY A 32 -5.29 12.31 -13.82
N GLY A 33 -6.11 12.16 -12.77
CA GLY A 33 -5.58 12.14 -11.42
C GLY A 33 -5.16 13.51 -10.94
N GLY A 34 -5.82 14.01 -9.90
CA GLY A 34 -5.49 15.32 -9.36
C GLY A 34 -6.52 15.81 -8.36
N GLY A 35 -6.36 15.39 -7.10
CA GLY A 35 -7.29 15.80 -6.06
C GLY A 35 -7.53 14.71 -5.05
N GLU A 36 -8.81 14.47 -4.73
CA GLU A 36 -9.18 13.44 -3.77
C GLU A 36 -8.94 12.05 -4.34
N LEU A 37 -9.19 11.90 -5.64
CA LEU A 37 -9.00 10.62 -6.31
C LEU A 37 -7.61 10.05 -6.04
N MET A 38 -6.59 10.83 -6.37
CA MET A 38 -5.21 10.42 -6.16
C MET A 38 -4.86 10.40 -4.68
N LYS A 39 -5.57 11.21 -3.90
CA LYS A 39 -5.35 11.29 -2.47
C LYS A 39 -5.43 9.91 -1.83
N LEU A 40 -6.21 9.02 -2.44
CA LEU A 40 -6.37 7.66 -1.94
C LEU A 40 -5.10 6.85 -2.12
N CYS A 41 -4.36 7.16 -3.18
CA CYS A 41 -3.11 6.46 -3.47
C CYS A 41 -2.00 6.91 -2.53
N GLU A 42 -1.89 8.22 -2.34
CA GLU A 42 -0.86 8.78 -1.47
C GLU A 42 -0.98 8.19 -0.06
N GLU A 43 -2.17 7.74 0.30
CA GLU A 43 -2.40 7.17 1.61
C GLU A 43 -1.43 6.01 1.88
N ALA A 44 -1.10 5.28 0.83
CA ALA A 44 -0.18 4.15 0.94
C ALA A 44 1.11 4.56 1.66
N ALA A 45 1.62 5.74 1.32
CA ALA A 45 2.84 6.24 1.93
C ALA A 45 2.57 6.74 3.35
N LYS A 46 1.32 7.09 3.63
CA LYS A 46 0.93 7.58 4.95
C LYS A 46 0.88 6.44 5.96
N LYS A 47 0.23 5.34 5.58
CA LYS A 47 0.11 4.18 6.45
C LYS A 47 1.49 3.63 6.82
N ALA A 48 2.27 3.27 5.79
CA ALA A 48 3.60 2.73 6.01
C ALA A 48 4.43 3.64 6.92
N GLU A 49 4.20 4.95 6.80
CA GLU A 49 4.92 5.92 7.62
C GLU A 49 4.57 5.76 9.09
N GLU A 50 3.27 5.60 9.37
CA GLU A 50 2.80 5.45 10.74
C GLU A 50 3.15 4.05 11.28
N LEU A 51 3.09 3.06 10.39
CA LEU A 51 3.39 1.68 10.78
C LEU A 51 4.89 1.50 11.01
N PHE A 52 5.69 2.22 10.24
CA PHE A 52 7.15 2.13 10.37
C PHE A 52 7.58 2.44 11.80
N LYS A 53 6.79 3.23 12.50
CA LYS A 53 7.09 3.59 13.88
C LYS A 53 7.32 2.36 14.73
N LEU A 54 6.43 1.38 14.60
CA LEU A 54 6.53 0.14 15.36
C LEU A 54 7.68 -0.72 14.84
N ALA A 55 7.98 -0.59 13.55
CA ALA A 55 9.06 -1.35 12.94
C ALA A 55 10.37 -1.15 13.69
N GLU A 56 10.52 0.01 14.32
CA GLU A 56 11.73 0.31 15.08
C GLU A 56 11.73 -0.41 16.42
N GLU A 57 10.53 -0.61 16.98
CA GLU A 57 10.39 -1.29 18.26
C GLU A 57 10.95 -2.70 18.20
N ARG A 58 10.62 -3.42 17.12
CA ARG A 58 11.07 -4.79 16.93
C ARG A 58 12.52 -4.82 16.43
N LEU A 59 12.91 -3.73 15.76
CA LEU A 59 14.27 -3.63 15.22
C LEU A 59 15.24 -3.13 16.28
N LYS A 60 15.16 -1.85 16.60
CA LYS A 60 16.03 -1.24 17.60
C LYS A 60 15.28 -1.03 18.91
N LYS A 61 15.94 -0.39 19.87
CA LYS A 61 15.33 -0.11 21.17
C LYS A 61 14.81 1.32 21.23
N LEU A 62 15.38 2.19 20.42
CA LEU A 62 14.96 3.60 20.39
C LEU A 62 15.20 4.28 21.73
N MET B 1 -12.55 -3.73 -20.54
CA MET B 1 -11.27 -3.39 -21.14
C MET B 1 -11.45 -2.36 -22.25
N LYS B 2 -10.51 -1.41 -22.31
CA LYS B 2 -10.56 -0.37 -23.33
C LYS B 2 -9.39 -0.49 -24.30
N LYS B 3 -8.20 -0.11 -23.83
CA LYS B 3 -7.01 -0.18 -24.66
C LYS B 3 -5.78 -0.52 -23.82
N LEU B 4 -5.30 0.46 -23.05
CA LEU B 4 -4.15 0.27 -22.20
C LEU B 4 -4.33 0.98 -20.86
N ARG B 5 -5.51 1.56 -20.67
CA ARG B 5 -5.81 2.27 -19.42
C ARG B 5 -5.98 1.29 -18.26
N GLU B 6 -6.44 0.09 -18.57
CA GLU B 6 -6.65 -0.94 -17.56
C GLU B 6 -5.37 -1.18 -16.75
N GLU B 7 -4.24 -0.91 -17.38
CA GLU B 7 -2.94 -1.10 -16.72
C GLU B 7 -2.89 -0.34 -15.40
N ALA B 8 -3.58 0.79 -15.35
CA ALA B 8 -3.62 1.61 -14.14
C ALA B 8 -4.51 0.98 -13.08
N ALA B 9 -5.49 0.20 -13.52
CA ALA B 9 -6.41 -0.46 -12.61
C ALA B 9 -5.74 -1.63 -11.89
N LYS B 10 -4.90 -2.36 -12.62
CA LYS B 10 -4.20 -3.50 -12.06
C LYS B 10 -3.25 -3.05 -10.95
N LEU B 11 -2.74 -1.83 -11.05
CA LEU B 11 -1.84 -1.29 -10.05
C LEU B 11 -2.41 -1.43 -8.65
N PHE B 12 -3.69 -1.12 -8.51
CA PHE B 12 -4.37 -1.22 -7.22
C PHE B 12 -4.64 -2.67 -6.85
N GLU B 13 -4.84 -3.50 -7.87
CA GLU B 13 -5.11 -4.92 -7.66
C GLU B 13 -3.97 -5.58 -6.87
N GLU B 14 -2.75 -5.23 -7.22
CA GLU B 14 -1.57 -5.79 -6.56
C GLU B 14 -1.39 -5.16 -5.18
N TRP B 15 -1.81 -3.91 -5.05
CA TRP B 15 -1.69 -3.19 -3.78
C TRP B 15 -2.46 -3.90 -2.68
N LYS B 16 -3.70 -4.28 -2.98
CA LYS B 16 -4.55 -4.97 -2.02
C LYS B 16 -4.13 -6.43 -1.88
N LYS B 17 -3.53 -6.97 -2.92
CA LYS B 17 -3.08 -8.36 -2.92
C LYS B 17 -1.88 -8.55 -1.99
N LEU B 18 -0.85 -7.73 -2.20
CA LEU B 18 0.36 -7.80 -1.38
C LEU B 18 0.02 -7.67 0.10
N ALA B 19 -1.02 -6.91 0.40
CA ALA B 19 -1.45 -6.71 1.79
C ALA B 19 -1.90 -8.03 2.41
N GLU B 20 -2.26 -8.98 1.56
CA GLU B 20 -2.72 -10.29 2.04
C GLU B 20 -1.55 -11.11 2.57
N GLU B 21 -0.48 -11.19 1.79
CA GLU B 21 0.71 -11.95 2.18
C GLU B 21 1.47 -11.22 3.28
N ALA B 22 1.72 -9.93 3.07
CA ALA B 22 2.44 -9.13 4.06
C ALA B 22 1.75 -9.17 5.42
N ALA B 23 0.43 -9.32 5.40
CA ALA B 23 -0.35 -9.38 6.64
C ALA B 23 -0.10 -10.69 7.37
N LYS B 24 -0.31 -11.79 6.68
CA LYS B 24 -0.11 -13.12 7.27
C LYS B 24 1.34 -13.32 7.68
N LEU B 25 2.26 -12.75 6.90
CA LEU B 25 3.68 -12.87 7.20
C LEU B 25 4.08 -11.93 8.33
N LEU B 26 3.51 -10.74 8.34
CA LEU B 26 3.80 -9.75 9.38
C LEU B 26 3.66 -10.37 10.77
N GLU B 27 2.55 -11.05 11.00
CA GLU B 27 2.29 -11.68 12.29
C GLU B 27 2.79 -13.13 12.30
N GLY B 28 3.59 -13.47 11.28
CA GLY B 28 4.13 -14.82 11.19
C GLY B 28 5.23 -15.08 12.19
N GLY B 29 4.89 -14.96 13.48
CA GLY B 29 5.87 -15.19 14.52
C GLY B 29 7.14 -14.38 14.33
N GLY B 30 6.97 -13.14 13.88
CA GLY B 30 8.12 -12.28 13.65
C GLY B 30 8.49 -11.48 14.88
N GLY B 31 7.51 -10.83 15.49
CA GLY B 31 7.76 -10.03 16.68
C GLY B 31 6.52 -9.85 17.53
N GLY B 32 5.40 -9.52 16.89
CA GLY B 32 4.16 -9.32 17.62
C GLY B 32 2.98 -9.12 16.70
N GLY B 33 2.42 -7.91 16.69
CA GLY B 33 1.28 -7.61 15.85
C GLY B 33 0.00 -8.24 16.36
N GLY B 34 -0.97 -7.41 16.72
CA GLY B 34 -2.24 -7.92 17.23
C GLY B 34 -3.10 -6.82 17.82
N GLY B 35 -3.85 -6.14 16.96
CA GLY B 35 -4.72 -5.07 17.41
C GLY B 35 -4.77 -3.91 16.44
N GLU B 36 -4.61 -2.70 16.97
CA GLU B 36 -4.65 -1.50 16.13
C GLU B 36 -3.41 -1.41 15.25
N LEU B 37 -2.28 -1.87 15.78
CA LEU B 37 -1.02 -1.85 15.04
C LEU B 37 -1.19 -2.49 13.67
N MET B 38 -1.66 -3.73 13.66
CA MET B 38 -1.86 -4.46 12.42
C MET B 38 -3.02 -3.86 11.62
N LYS B 39 -3.95 -3.23 12.31
CA LYS B 39 -5.10 -2.60 11.68
C LYS B 39 -4.66 -1.62 10.60
N LEU B 40 -3.48 -1.03 10.79
CA LEU B 40 -2.94 -0.08 9.83
C LEU B 40 -2.49 -0.77 8.56
N CYS B 41 -2.13 -2.04 8.68
CA CYS B 41 -1.67 -2.83 7.53
C CYS B 41 -2.85 -3.22 6.65
N GLU B 42 -3.93 -3.67 7.28
CA GLU B 42 -5.11 -4.09 6.55
C GLU B 42 -5.62 -2.97 5.63
N GLU B 43 -5.28 -1.73 5.98
CA GLU B 43 -5.70 -0.57 5.19
C GLU B 43 -5.27 -0.73 3.74
N ALA B 44 -4.12 -1.37 3.54
CA ALA B 44 -3.59 -1.59 2.20
C ALA B 44 -4.64 -2.21 1.29
N ALA B 45 -5.37 -3.18 1.82
CA ALA B 45 -6.41 -3.86 1.04
C ALA B 45 -7.65 -2.99 0.91
N LYS B 46 -7.80 -2.03 1.83
CA LYS B 46 -8.95 -1.13 1.81
C LYS B 46 -8.75 -0.03 0.76
N LYS B 47 -7.59 0.60 0.79
CA LYS B 47 -7.28 1.67 -0.15
C LYS B 47 -7.44 1.18 -1.60
N ALA B 48 -6.65 0.18 -1.96
CA ALA B 48 -6.70 -0.39 -3.31
C ALA B 48 -8.11 -0.82 -3.66
N GLU B 49 -8.85 -1.31 -2.66
CA GLU B 49 -10.22 -1.76 -2.89
C GLU B 49 -11.13 -0.58 -3.25
N GLU B 50 -10.96 0.53 -2.54
CA GLU B 50 -11.77 1.72 -2.79
C GLU B 50 -11.35 2.39 -4.10
N LEU B 51 -10.05 2.37 -4.38
CA LEU B 51 -9.52 2.98 -5.59
C LEU B 51 -9.88 2.15 -6.82
N PHE B 52 -9.99 0.84 -6.63
CA PHE B 52 -10.33 -0.06 -7.72
C PHE B 52 -11.65 0.34 -8.37
N LYS B 53 -12.48 1.04 -7.62
CA LYS B 53 -13.78 1.49 -8.11
C LYS B 53 -13.60 2.52 -9.22
N LEU B 54 -12.75 3.51 -8.99
CA LEU B 54 -12.50 4.55 -9.97
C LEU B 54 -11.73 3.99 -11.17
N ALA B 55 -10.99 2.92 -10.94
CA ALA B 55 -10.22 2.29 -12.01
C ALA B 55 -11.10 1.92 -13.19
N GLU B 56 -12.39 1.69 -12.91
CA GLU B 56 -13.34 1.33 -13.96
C GLU B 56 -13.74 2.55 -14.78
N GLU B 57 -13.73 3.72 -14.14
CA GLU B 57 -14.10 4.96 -14.80
C GLU B 57 -13.15 5.25 -15.96
N ARG B 58 -11.85 5.07 -15.73
CA ARG B 58 -10.85 5.30 -16.75
C ARG B 58 -10.77 4.13 -17.73
N LEU B 59 -11.16 2.96 -17.25
CA LEU B 59 -11.13 1.75 -18.07
C LEU B 59 -12.38 1.64 -18.92
N LYS B 60 -13.51 1.31 -18.28
CA LYS B 60 -14.77 1.18 -18.98
C LYS B 60 -15.67 2.39 -18.71
N LYS B 61 -16.91 2.33 -19.21
CA LYS B 61 -17.86 3.41 -19.02
C LYS B 61 -18.80 3.12 -17.86
N LEU B 62 -18.99 1.83 -17.57
CA LEU B 62 -19.87 1.42 -16.49
C LEU B 62 -21.32 1.84 -16.77
F1 HLT C . 3.97 -3.36 1.53
C2 HLT C . 3.23 -3.60 0.41
F2 HLT C . 4.00 -3.35 -0.67
F3 HLT C . 2.87 -4.91 0.41
C1 HLT C . 1.94 -2.66 0.41
BR HLT C . 0.95 -2.95 -1.16
CL HLT C . 0.99 -2.97 1.88
HC1 HLT C . 2.28 -1.62 0.42
N MET A 1 20.68 -3.02 18.71
CA MET A 1 19.40 -3.36 19.32
C MET A 1 18.46 -4.01 18.31
N LYS A 2 18.79 -5.24 17.91
CA LYS A 2 17.98 -5.98 16.96
C LYS A 2 18.50 -7.40 16.79
N LYS A 3 17.65 -8.27 16.24
CA LYS A 3 18.03 -9.66 16.03
C LYS A 3 17.56 -10.15 14.66
N LEU A 4 16.26 -10.39 14.53
CA LEU A 4 15.68 -10.84 13.28
C LEU A 4 14.33 -10.17 13.02
N ARG A 5 13.96 -9.24 13.90
CA ARG A 5 12.70 -8.53 13.76
C ARG A 5 12.75 -7.55 12.59
N GLU A 6 13.90 -6.91 12.41
CA GLU A 6 14.08 -5.94 11.33
C GLU A 6 13.71 -6.57 9.98
N GLU A 7 13.87 -7.88 9.89
CA GLU A 7 13.57 -8.60 8.66
C GLU A 7 12.14 -8.29 8.20
N ALA A 8 11.24 -8.11 9.16
CA ALA A 8 9.85 -7.82 8.85
C ALA A 8 9.68 -6.37 8.39
N ALA A 9 10.57 -5.50 8.86
CA ALA A 9 10.53 -4.09 8.50
C ALA A 9 10.58 -3.90 6.98
N LYS A 10 11.43 -4.67 6.33
CA LYS A 10 11.57 -4.59 4.88
C LYS A 10 10.24 -4.81 4.18
N LEU A 11 9.41 -5.67 4.78
CA LEU A 11 8.10 -5.98 4.21
C LEU A 11 7.31 -4.70 3.95
N PHE A 12 7.35 -3.79 4.91
CA PHE A 12 6.64 -2.51 4.78
C PHE A 12 7.35 -1.59 3.80
N GLU A 13 8.65 -1.80 3.63
CA GLU A 13 9.45 -0.99 2.71
C GLU A 13 8.83 -0.96 1.32
N GLU A 14 8.23 -2.08 0.92
CA GLU A 14 7.60 -2.19 -0.39
C GLU A 14 6.42 -1.23 -0.50
N TRP A 15 5.73 -1.01 0.61
CA TRP A 15 4.58 -0.11 0.64
C TRP A 15 5.01 1.33 0.36
N LYS A 16 6.06 1.77 1.03
CA LYS A 16 6.57 3.12 0.85
C LYS A 16 7.35 3.25 -0.46
N LYS A 17 7.91 2.13 -0.91
CA LYS A 17 8.68 2.11 -2.16
C LYS A 17 7.75 2.16 -3.36
N LEU A 18 6.86 1.18 -3.46
CA LEU A 18 5.91 1.11 -4.57
C LEU A 18 5.11 2.40 -4.67
N ALA A 19 4.95 3.09 -3.54
CA ALA A 19 4.20 4.34 -3.51
C ALA A 19 4.98 5.46 -4.21
N GLU A 20 6.29 5.33 -4.25
CA GLU A 20 7.14 6.33 -4.88
C GLU A 20 7.04 6.25 -6.40
N GLU A 21 7.17 5.04 -6.94
CA GLU A 21 7.09 4.83 -8.38
C GLU A 21 5.65 4.98 -8.87
N ALA A 22 4.74 4.25 -8.21
CA ALA A 22 3.33 4.29 -8.58
C ALA A 22 2.81 5.73 -8.59
N ALA A 23 3.38 6.56 -7.73
CA ALA A 23 2.97 7.97 -7.65
C ALA A 23 3.41 8.75 -8.88
N LYS A 24 4.71 8.69 -9.19
CA LYS A 24 5.25 9.38 -10.35
C LYS A 24 4.67 8.83 -11.64
N LEU A 25 4.40 7.53 -11.65
CA LEU A 25 3.83 6.88 -12.83
C LEU A 25 2.35 7.19 -12.97
N LEU A 26 1.65 7.20 -11.84
CA LEU A 26 0.22 7.49 -11.83
C LEU A 26 -0.09 8.77 -12.60
N GLU A 27 0.64 9.83 -12.28
CA GLU A 27 0.45 11.12 -12.95
C GLU A 27 1.36 11.24 -14.17
N GLY A 28 1.95 10.12 -14.58
CA GLY A 28 2.83 10.12 -15.72
C GLY A 28 2.15 10.61 -16.99
N GLY A 29 0.81 10.65 -16.95
CA GLY A 29 0.06 11.11 -18.10
C GLY A 29 -1.20 10.28 -18.32
N GLY A 30 -1.99 10.11 -17.27
CA GLY A 30 -3.21 9.34 -17.37
C GLY A 30 -4.42 10.20 -17.66
N GLY A 31 -4.29 11.11 -18.61
CA GLY A 31 -5.38 12.00 -18.95
C GLY A 31 -5.96 12.72 -17.74
N GLY A 32 -7.12 13.33 -17.91
CA GLY A 32 -7.75 14.05 -16.82
C GLY A 32 -9.17 13.60 -16.58
N GLY A 33 -9.46 13.15 -15.37
CA GLY A 33 -10.80 12.69 -15.04
C GLY A 33 -10.91 12.23 -13.60
N GLY A 34 -10.15 12.86 -12.71
CA GLY A 34 -10.18 12.48 -11.31
C GLY A 34 -9.66 13.60 -10.41
N GLY A 35 -8.38 13.91 -10.53
CA GLY A 35 -7.78 14.94 -9.72
C GLY A 35 -7.56 14.50 -8.29
N GLU A 36 -8.58 14.66 -7.45
CA GLU A 36 -8.48 14.27 -6.05
C GLU A 36 -8.14 12.79 -5.92
N LEU A 37 -8.38 12.04 -6.97
CA LEU A 37 -8.10 10.61 -6.97
C LEU A 37 -6.68 10.33 -6.51
N MET A 38 -5.79 11.30 -6.75
CA MET A 38 -4.39 11.17 -6.36
C MET A 38 -4.26 11.00 -4.84
N LYS A 39 -5.09 11.74 -4.10
CA LYS A 39 -5.07 11.68 -2.65
C LYS A 39 -5.30 10.25 -2.16
N LEU A 40 -6.01 9.46 -2.95
CA LEU A 40 -6.29 8.08 -2.60
C LEU A 40 -5.05 7.20 -2.77
N CYS A 41 -4.29 7.46 -3.83
CA CYS A 41 -3.07 6.70 -4.10
C CYS A 41 -1.97 7.08 -3.13
N GLU A 42 -1.93 8.36 -2.75
CA GLU A 42 -0.92 8.84 -1.81
C GLU A 42 -1.06 8.17 -0.45
N GLU A 43 -2.28 7.72 -0.15
CA GLU A 43 -2.56 7.06 1.12
C GLU A 43 -1.61 5.89 1.34
N ALA A 44 -1.35 5.13 0.28
CA ALA A 44 -0.47 3.98 0.36
C ALA A 44 0.87 4.36 0.99
N ALA A 45 1.40 5.51 0.60
CA ALA A 45 2.67 5.98 1.13
C ALA A 45 2.51 6.53 2.55
N LYS A 46 1.28 6.92 2.89
CA LYS A 46 0.99 7.45 4.21
C LYS A 46 0.93 6.33 5.25
N LYS A 47 0.21 5.27 4.91
CA LYS A 47 0.06 4.12 5.81
C LYS A 47 1.44 3.60 6.25
N ALA A 48 2.28 3.28 5.28
CA ALA A 48 3.61 2.77 5.56
C ALA A 48 4.39 3.73 6.47
N GLU A 49 4.19 5.03 6.24
CA GLU A 49 4.87 6.04 7.04
C GLU A 49 4.48 5.93 8.52
N GLU A 50 3.20 5.66 8.76
CA GLU A 50 2.69 5.54 10.12
C GLU A 50 3.14 4.22 10.74
N LEU A 51 3.05 3.15 9.97
CA LEU A 51 3.45 1.82 10.44
C LEU A 51 4.93 1.79 10.78
N PHE A 52 5.76 2.11 9.78
CA PHE A 52 7.21 2.11 9.97
C PHE A 52 7.60 3.00 11.14
N LYS A 53 6.80 4.04 11.39
CA LYS A 53 7.07 4.97 12.48
C LYS A 53 7.21 4.23 13.81
N LEU A 54 6.17 3.50 14.20
CA LEU A 54 6.19 2.75 15.43
C LEU A 54 7.03 1.48 15.30
N ALA A 55 7.15 1.00 14.08
CA ALA A 55 7.93 -0.21 13.81
C ALA A 55 9.37 -0.05 14.30
N GLU A 56 9.87 1.18 14.28
CA GLU A 56 11.22 1.46 14.74
C GLU A 56 11.39 1.11 16.21
N GLU A 57 10.29 1.21 16.96
CA GLU A 57 10.31 0.90 18.39
C GLU A 57 10.42 -0.59 18.62
N ARG A 58 9.60 -1.37 17.91
CA ARG A 58 9.60 -2.82 18.03
C ARG A 58 10.77 -3.43 17.27
N LEU A 59 11.39 -2.63 16.40
CA LEU A 59 12.52 -3.09 15.61
C LEU A 59 13.84 -2.51 16.13
N LYS A 60 13.74 -1.60 17.09
CA LYS A 60 14.91 -0.97 17.67
C LYS A 60 14.69 -0.67 19.15
N LYS A 61 15.55 0.16 19.72
CA LYS A 61 15.47 0.53 21.12
C LYS A 61 14.66 1.83 21.29
N LEU A 62 15.09 2.87 20.58
CA LEU A 62 14.41 4.15 20.65
C LEU A 62 14.22 4.60 22.09
N MET B 1 -14.79 0.29 -23.93
CA MET B 1 -14.54 1.62 -23.39
C MET B 1 -13.22 1.66 -22.62
N LYS B 2 -12.11 1.55 -23.35
CA LYS B 2 -10.78 1.57 -22.75
C LYS B 2 -9.69 1.57 -23.81
N LYS B 3 -8.50 1.96 -23.42
CA LYS B 3 -7.36 2.01 -24.34
C LYS B 3 -6.10 1.46 -23.68
N LEU B 4 -5.52 2.24 -22.79
CA LEU B 4 -4.30 1.83 -22.09
C LEU B 4 -4.35 2.25 -20.62
N ARG B 5 -5.48 2.83 -20.21
CA ARG B 5 -5.66 3.27 -18.83
C ARG B 5 -5.79 2.07 -17.88
N GLU B 6 -6.48 1.04 -18.34
CA GLU B 6 -6.69 -0.16 -17.53
C GLU B 6 -5.35 -0.71 -17.04
N GLU B 7 -4.30 -0.46 -17.80
CA GLU B 7 -2.96 -0.93 -17.45
C GLU B 7 -2.59 -0.49 -16.03
N ALA B 8 -3.05 0.69 -15.64
CA ALA B 8 -2.77 1.23 -14.33
C ALA B 8 -3.61 0.53 -13.26
N ALA B 9 -4.78 0.03 -13.67
CA ALA B 9 -5.67 -0.65 -12.75
C ALA B 9 -4.99 -1.83 -12.08
N LYS B 10 -4.22 -2.60 -12.87
CA LYS B 10 -3.51 -3.75 -12.36
C LYS B 10 -2.60 -3.36 -11.19
N LEU B 11 -2.05 -2.16 -11.26
CA LEU B 11 -1.17 -1.67 -10.20
C LEU B 11 -1.82 -1.82 -8.84
N PHE B 12 -3.10 -1.47 -8.75
CA PHE B 12 -3.83 -1.57 -7.50
C PHE B 12 -4.15 -3.02 -7.16
N GLU B 13 -4.28 -3.85 -8.20
CA GLU B 13 -4.59 -5.26 -8.01
C GLU B 13 -3.51 -5.94 -7.16
N GLU B 14 -2.26 -5.68 -7.49
CA GLU B 14 -1.14 -6.26 -6.75
C GLU B 14 -0.96 -5.58 -5.40
N TRP B 15 -1.35 -4.31 -5.33
CA TRP B 15 -1.23 -3.55 -4.10
C TRP B 15 -1.94 -4.26 -2.95
N LYS B 16 -3.22 -4.56 -3.13
CA LYS B 16 -4.01 -5.23 -2.12
C LYS B 16 -3.60 -6.69 -1.99
N LYS B 17 -2.93 -7.21 -3.02
CA LYS B 17 -2.49 -8.60 -3.02
C LYS B 17 -1.33 -8.79 -2.04
N LEU B 18 -0.29 -7.97 -2.19
CA LEU B 18 0.88 -8.06 -1.32
C LEU B 18 0.47 -7.93 0.14
N ALA B 19 -0.65 -7.24 0.39
CA ALA B 19 -1.14 -7.05 1.74
C ALA B 19 -1.72 -8.34 2.30
N GLU B 20 -2.17 -9.22 1.42
CA GLU B 20 -2.75 -10.49 1.83
C GLU B 20 -1.67 -11.45 2.32
N GLU B 21 -0.62 -11.59 1.54
CA GLU B 21 0.48 -12.48 1.89
C GLU B 21 1.32 -11.89 3.02
N ALA B 22 1.73 -10.64 2.85
CA ALA B 22 2.53 -9.95 3.86
C ALA B 22 1.85 -9.98 5.22
N ALA B 23 0.52 -9.99 5.21
CA ALA B 23 -0.25 -10.03 6.45
C ALA B 23 -0.14 -11.39 7.13
N LYS B 24 -0.44 -12.44 6.39
CA LYS B 24 -0.36 -13.80 6.93
C LYS B 24 1.07 -14.16 7.29
N LEU B 25 2.03 -13.64 6.53
CA LEU B 25 3.43 -13.91 6.77
C LEU B 25 3.95 -13.08 7.95
N LEU B 26 3.50 -11.84 8.03
CA LEU B 26 3.92 -10.95 9.10
C LEU B 26 3.73 -11.61 10.46
N GLU B 27 2.54 -12.16 10.69
CA GLU B 27 2.24 -12.83 11.95
C GLU B 27 2.58 -14.32 11.87
N GLY B 28 3.29 -14.70 10.81
CA GLY B 28 3.67 -16.09 10.64
C GLY B 28 4.48 -16.62 11.80
N GLY B 29 5.00 -15.72 12.62
CA GLY B 29 5.80 -16.13 13.76
C GLY B 29 7.05 -15.28 13.92
N GLY B 30 6.90 -13.98 13.75
CA GLY B 30 8.04 -13.08 13.89
C GLY B 30 8.05 -12.35 15.21
N GLY B 31 8.01 -13.11 16.30
CA GLY B 31 8.01 -12.52 17.63
C GLY B 31 6.86 -11.57 17.84
N GLY B 32 7.10 -10.48 18.56
CA GLY B 32 6.05 -9.51 18.83
C GLY B 32 6.15 -8.29 17.94
N GLY B 33 5.11 -8.05 17.16
CA GLY B 33 5.09 -6.92 16.26
C GLY B 33 3.88 -6.90 15.35
N GLY B 34 2.76 -7.37 15.87
CA GLY B 34 1.54 -7.39 15.09
C GLY B 34 0.29 -7.22 15.94
N GLY B 35 -0.29 -8.35 16.37
CA GLY B 35 -1.48 -8.29 17.20
C GLY B 35 -2.56 -7.41 16.59
N GLU B 36 -3.02 -6.43 17.37
CA GLU B 36 -4.06 -5.53 16.91
C GLU B 36 -3.49 -4.49 15.94
N LEU B 37 -2.20 -4.23 16.07
CA LEU B 37 -1.52 -3.25 15.21
C LEU B 37 -1.62 -3.68 13.74
N MET B 38 -1.81 -4.97 13.52
CA MET B 38 -1.92 -5.50 12.16
C MET B 38 -3.01 -4.77 11.38
N LYS B 39 -3.99 -4.23 12.10
CA LYS B 39 -5.09 -3.50 11.47
C LYS B 39 -4.56 -2.41 10.55
N LEU B 40 -3.38 -1.89 10.86
CA LEU B 40 -2.76 -0.83 10.07
C LEU B 40 -2.28 -1.37 8.72
N CYS B 41 -1.80 -2.61 8.72
CA CYS B 41 -1.32 -3.24 7.50
C CYS B 41 -2.47 -3.60 6.58
N GLU B 42 -3.60 -3.97 7.17
CA GLU B 42 -4.78 -4.34 6.40
C GLU B 42 -5.24 -3.18 5.51
N GLU B 43 -4.88 -1.96 5.91
CA GLU B 43 -5.26 -0.77 5.16
C GLU B 43 -4.80 -0.89 3.70
N ALA B 44 -3.63 -1.49 3.51
CA ALA B 44 -3.08 -1.66 2.16
C ALA B 44 -4.09 -2.31 1.23
N ALA B 45 -4.79 -3.32 1.74
CA ALA B 45 -5.79 -4.03 0.96
C ALA B 45 -7.07 -3.21 0.82
N LYS B 46 -7.27 -2.28 1.76
CA LYS B 46 -8.45 -1.43 1.75
C LYS B 46 -8.29 -0.31 0.73
N LYS B 47 -7.11 0.30 0.68
CA LYS B 47 -6.85 1.38 -0.25
C LYS B 47 -7.14 0.95 -1.69
N ALA B 48 -6.49 -0.13 -2.12
CA ALA B 48 -6.69 -0.65 -3.47
C ALA B 48 -8.16 -0.96 -3.73
N GLU B 49 -8.85 -1.48 -2.71
CA GLU B 49 -10.26 -1.83 -2.83
C GLU B 49 -11.09 -0.58 -3.10
N GLU B 50 -10.77 0.50 -2.41
CA GLU B 50 -11.50 1.75 -2.56
C GLU B 50 -11.13 2.43 -3.88
N LEU B 51 -9.84 2.43 -4.20
CA LEU B 51 -9.36 3.05 -5.43
C LEU B 51 -9.95 2.35 -6.65
N PHE B 52 -9.84 1.03 -6.69
CA PHE B 52 -10.36 0.25 -7.81
C PHE B 52 -11.84 0.55 -8.03
N LYS B 53 -12.55 0.89 -6.97
CA LYS B 53 -13.96 1.21 -7.06
C LYS B 53 -14.21 2.35 -8.04
N LEU B 54 -13.60 3.49 -7.77
CA LEU B 54 -13.74 4.66 -8.63
C LEU B 54 -12.91 4.51 -9.90
N ALA B 55 -11.87 3.68 -9.82
CA ALA B 55 -11.00 3.44 -10.96
C ALA B 55 -11.80 2.93 -12.16
N GLU B 56 -12.85 2.18 -11.88
CA GLU B 56 -13.69 1.61 -12.94
C GLU B 56 -14.31 2.72 -13.79
N GLU B 57 -14.50 3.89 -13.19
CA GLU B 57 -15.06 5.03 -13.89
C GLU B 57 -14.06 5.64 -14.87
N ARG B 58 -12.84 5.83 -14.40
CA ARG B 58 -11.79 6.41 -15.23
C ARG B 58 -11.18 5.34 -16.15
N LEU B 59 -11.49 4.08 -15.87
CA LEU B 59 -10.99 2.97 -16.67
C LEU B 59 -12.09 2.39 -17.56
N LYS B 60 -13.31 2.86 -17.35
CA LYS B 60 -14.46 2.39 -18.13
C LYS B 60 -15.47 3.51 -18.34
N LYS B 61 -16.67 3.14 -18.77
CA LYS B 61 -17.72 4.12 -19.03
C LYS B 61 -18.60 4.30 -17.80
N LEU B 62 -19.14 3.20 -17.29
CA LEU B 62 -20.00 3.23 -16.12
C LEU B 62 -21.10 4.28 -16.27
F1 HLT C . 2.32 -4.20 -0.40
C2 HLT C . 2.44 -3.26 -1.39
F2 HLT C . 3.78 -3.06 -1.62
F3 HLT C . 1.87 -3.74 -2.52
C1 HLT C . 1.77 -1.91 -0.92
BR HLT C . 1.99 -0.59 -2.23
CL HLT C . 0.07 -2.21 -0.54
HC1 HLT C . 2.26 -1.57 0.01
N MET A 1 20.15 -1.95 15.49
CA MET A 1 19.99 -3.25 16.14
C MET A 1 18.92 -4.08 15.45
N LYS A 2 18.88 -5.37 15.75
CA LYS A 2 17.90 -6.27 15.15
C LYS A 2 17.63 -7.47 16.07
N LYS A 3 16.97 -8.48 15.54
CA LYS A 3 16.65 -9.68 16.30
C LYS A 3 15.90 -10.69 15.45
N LEU A 4 14.82 -10.23 14.82
CA LEU A 4 14.01 -11.10 13.96
C LEU A 4 12.80 -10.34 13.42
N ARG A 5 12.29 -9.40 14.21
CA ARG A 5 11.13 -8.62 13.81
C ARG A 5 11.48 -7.67 12.66
N GLU A 6 12.76 -7.35 12.54
CA GLU A 6 13.23 -6.45 11.48
C GLU A 6 12.80 -6.97 10.12
N GLU A 7 12.61 -8.29 10.01
CA GLU A 7 12.19 -8.91 8.76
C GLU A 7 10.92 -8.25 8.22
N ALA A 8 10.08 -7.78 9.14
CA ALA A 8 8.83 -7.14 8.75
C ALA A 8 9.07 -5.74 8.20
N ALA A 9 10.17 -5.13 8.62
CA ALA A 9 10.53 -3.79 8.16
C ALA A 9 10.68 -3.76 6.65
N LYS A 10 11.45 -4.68 6.10
CA LYS A 10 11.67 -4.76 4.67
C LYS A 10 10.35 -4.87 3.92
N LEU A 11 9.46 -5.72 4.42
CA LEU A 11 8.15 -5.92 3.79
C LEU A 11 7.45 -4.59 3.57
N PHE A 12 7.55 -3.69 4.55
CA PHE A 12 6.93 -2.38 4.47
C PHE A 12 7.70 -1.48 3.49
N GLU A 13 8.99 -1.74 3.34
CA GLU A 13 9.84 -0.96 2.45
C GLU A 13 9.24 -0.91 1.04
N GLU A 14 8.48 -1.95 0.69
CA GLU A 14 7.86 -2.02 -0.62
C GLU A 14 6.68 -1.05 -0.72
N TRP A 15 6.00 -0.85 0.39
CA TRP A 15 4.86 0.07 0.43
C TRP A 15 5.29 1.50 0.14
N LYS A 16 6.36 1.92 0.80
CA LYS A 16 6.89 3.28 0.61
C LYS A 16 7.66 3.39 -0.69
N LYS A 17 8.23 2.27 -1.13
CA LYS A 17 9.00 2.25 -2.38
C LYS A 17 8.06 2.29 -3.59
N LEU A 18 7.23 1.27 -3.72
CA LEU A 18 6.29 1.18 -4.84
C LEU A 18 5.40 2.42 -4.89
N ALA A 19 5.22 3.07 -3.74
CA ALA A 19 4.39 4.26 -3.65
C ALA A 19 5.08 5.45 -4.30
N GLU A 20 6.41 5.45 -4.28
CA GLU A 20 7.19 6.54 -4.87
C GLU A 20 7.16 6.47 -6.39
N GLU A 21 7.44 5.29 -6.92
CA GLU A 21 7.44 5.09 -8.37
C GLU A 21 6.10 5.45 -8.97
N ALA A 22 5.02 4.97 -8.35
CA ALA A 22 3.67 5.25 -8.82
C ALA A 22 3.36 6.74 -8.73
N ALA A 23 3.93 7.41 -7.73
CA ALA A 23 3.71 8.83 -7.55
C ALA A 23 4.40 9.65 -8.64
N LYS A 24 5.67 9.33 -8.88
CA LYS A 24 6.45 10.03 -9.90
C LYS A 24 5.90 9.73 -11.30
N LEU A 25 5.44 8.51 -11.50
CA LEU A 25 4.89 8.10 -12.80
C LEU A 25 3.48 8.65 -12.98
N LEU A 26 2.72 8.67 -11.91
CA LEU A 26 1.34 9.17 -11.96
C LEU A 26 1.29 10.55 -12.61
N GLU A 27 2.14 11.45 -12.15
CA GLU A 27 2.20 12.80 -12.70
C GLU A 27 3.24 12.90 -13.81
N GLY A 28 3.73 11.75 -14.26
CA GLY A 28 4.72 11.72 -15.32
C GLY A 28 4.23 12.38 -16.59
N GLY A 29 2.93 12.61 -16.68
CA GLY A 29 2.36 13.23 -17.87
C GLY A 29 1.10 12.52 -18.34
N GLY A 30 0.23 12.18 -17.39
CA GLY A 30 -1.01 11.50 -17.74
C GLY A 30 -2.23 12.35 -17.47
N GLY A 31 -2.71 12.32 -16.22
CA GLY A 31 -3.88 13.10 -15.86
C GLY A 31 -4.53 12.61 -14.58
N GLY A 32 -5.45 13.39 -14.04
CA GLY A 32 -6.14 13.00 -12.82
C GLY A 32 -7.46 13.73 -12.64
N GLY A 33 -8.27 13.26 -11.70
CA GLY A 33 -9.55 13.88 -11.45
C GLY A 33 -9.62 14.55 -10.09
N GLY A 34 -9.81 15.87 -10.09
CA GLY A 34 -9.88 16.61 -8.85
C GLY A 34 -8.62 16.49 -8.02
N GLY A 35 -8.75 16.06 -6.78
CA GLY A 35 -7.61 15.93 -5.91
C GLY A 35 -7.79 14.82 -4.88
N GLU A 36 -8.74 15.01 -3.97
CA GLU A 36 -9.02 14.03 -2.93
C GLU A 36 -9.25 12.64 -3.54
N LEU A 37 -9.87 12.62 -4.71
CA LEU A 37 -10.16 11.37 -5.40
C LEU A 37 -8.88 10.55 -5.59
N MET A 38 -7.90 11.13 -6.25
CA MET A 38 -6.63 10.45 -6.50
C MET A 38 -5.83 10.33 -5.21
N LYS A 39 -6.05 11.26 -4.29
CA LYS A 39 -5.34 11.26 -3.01
C LYS A 39 -5.52 9.92 -2.30
N LEU A 40 -6.63 9.26 -2.56
CA LEU A 40 -6.92 7.96 -1.94
C LEU A 40 -5.77 6.98 -2.19
N CYS A 41 -5.26 6.97 -3.41
CA CYS A 41 -4.16 6.08 -3.77
C CYS A 41 -2.84 6.58 -3.19
N GLU A 42 -2.64 7.88 -3.23
CA GLU A 42 -1.41 8.48 -2.70
C GLU A 42 -1.20 8.09 -1.25
N GLU A 43 -2.30 7.77 -0.56
CA GLU A 43 -2.23 7.37 0.84
C GLU A 43 -1.26 6.22 1.05
N ALA A 44 -1.04 5.44 -0.02
CA ALA A 44 -0.13 4.31 0.04
C ALA A 44 1.23 4.73 0.61
N ALA A 45 1.74 5.87 0.14
CA ALA A 45 3.03 6.37 0.61
C ALA A 45 2.91 6.97 2.01
N LYS A 46 1.70 7.37 2.37
CA LYS A 46 1.45 7.96 3.68
C LYS A 46 1.42 6.88 4.77
N LYS A 47 0.65 5.83 4.53
CA LYS A 47 0.53 4.74 5.48
C LYS A 47 1.82 3.92 5.54
N ALA A 48 2.56 3.93 4.44
CA ALA A 48 3.83 3.21 4.37
C ALA A 48 4.87 3.82 5.29
N GLU A 49 5.04 5.13 5.18
CA GLU A 49 6.02 5.84 6.00
C GLU A 49 5.48 6.05 7.42
N GLU A 50 4.16 6.11 7.54
CA GLU A 50 3.53 6.31 8.84
C GLU A 50 3.74 5.10 9.74
N LEU A 51 3.43 3.92 9.22
CA LEU A 51 3.60 2.68 9.98
C LEU A 51 5.07 2.31 10.11
N PHE A 52 5.83 2.59 9.05
CA PHE A 52 7.26 2.28 9.04
C PHE A 52 7.99 3.09 10.11
N LYS A 53 7.42 4.24 10.48
CA LYS A 53 8.02 5.10 11.48
C LYS A 53 8.04 4.42 12.84
N LEU A 54 6.86 4.05 13.34
CA LEU A 54 6.75 3.39 14.64
C LEU A 54 7.19 1.94 14.54
N ALA A 55 7.11 1.37 13.35
CA ALA A 55 7.51 -0.01 13.12
C ALA A 55 8.94 -0.25 13.58
N GLU A 56 9.74 0.82 13.59
CA GLU A 56 11.14 0.71 14.00
C GLU A 56 11.24 0.62 15.52
N GLU A 57 10.27 1.21 16.22
CA GLU A 57 10.27 1.19 17.68
C GLU A 57 10.09 -0.22 18.21
N ARG A 58 9.17 -0.97 17.60
CA ARG A 58 8.92 -2.34 18.02
C ARG A 58 9.97 -3.29 17.46
N LEU A 59 10.53 -2.93 16.31
CA LEU A 59 11.56 -3.75 15.68
C LEU A 59 12.91 -3.55 16.36
N LYS A 60 13.44 -2.34 16.28
CA LYS A 60 14.72 -2.01 16.89
C LYS A 60 14.55 -0.98 18.01
N LYS A 61 14.42 0.29 17.61
CA LYS A 61 14.24 1.38 18.56
C LYS A 61 14.17 2.72 17.85
N LEU A 62 14.94 2.86 16.77
CA LEU A 62 14.96 4.09 15.99
C LEU A 62 15.52 5.25 16.83
N MET B 1 -13.95 -3.04 -21.22
CA MET B 1 -13.42 -2.03 -22.14
C MET B 1 -12.12 -1.44 -21.59
N LYS B 2 -11.39 -0.74 -22.44
CA LYS B 2 -10.14 -0.11 -22.05
C LYS B 2 -9.83 1.11 -22.91
N LYS B 3 -8.60 1.59 -22.83
CA LYS B 3 -8.18 2.75 -23.61
C LYS B 3 -6.71 3.09 -23.34
N LEU B 4 -6.38 3.23 -22.06
CA LEU B 4 -5.01 3.54 -21.66
C LEU B 4 -4.90 3.73 -20.16
N ARG B 5 -5.98 4.21 -19.54
CA ARG B 5 -6.01 4.43 -18.10
C ARG B 5 -5.98 3.10 -17.36
N GLU B 6 -6.44 2.04 -18.02
CA GLU B 6 -6.46 0.72 -17.41
C GLU B 6 -5.08 0.33 -16.89
N GLU B 7 -4.04 0.88 -17.52
CA GLU B 7 -2.67 0.59 -17.12
C GLU B 7 -2.46 0.87 -15.65
N ALA B 8 -3.20 1.85 -15.12
CA ALA B 8 -3.09 2.22 -13.72
C ALA B 8 -3.75 1.16 -12.82
N ALA B 9 -4.73 0.46 -13.37
CA ALA B 9 -5.44 -0.57 -12.63
C ALA B 9 -4.48 -1.64 -12.12
N LYS B 10 -3.65 -2.16 -13.03
CA LYS B 10 -2.69 -3.19 -12.69
C LYS B 10 -1.78 -2.73 -11.55
N LEU B 11 -1.32 -1.49 -11.64
CA LEU B 11 -0.44 -0.92 -10.62
C LEU B 11 -1.04 -1.10 -9.23
N PHE B 12 -2.35 -0.91 -9.12
CA PHE B 12 -3.05 -1.05 -7.85
C PHE B 12 -3.19 -2.51 -7.47
N GLU B 13 -3.23 -3.38 -8.48
CA GLU B 13 -3.37 -4.81 -8.25
C GLU B 13 -2.27 -5.33 -7.32
N GLU B 14 -1.13 -4.65 -7.34
CA GLU B 14 -0.01 -5.04 -6.50
C GLU B 14 -0.26 -4.67 -5.04
N TRP B 15 -0.94 -3.55 -4.83
CA TRP B 15 -1.25 -3.10 -3.47
C TRP B 15 -2.16 -4.09 -2.76
N LYS B 16 -3.19 -4.55 -3.46
CA LYS B 16 -4.13 -5.50 -2.89
C LYS B 16 -3.54 -6.92 -2.87
N LYS B 17 -2.65 -7.18 -3.82
CA LYS B 17 -2.01 -8.49 -3.90
C LYS B 17 -0.96 -8.66 -2.80
N LEU B 18 0.06 -7.81 -2.83
CA LEU B 18 1.13 -7.86 -1.84
C LEU B 18 0.56 -7.74 -0.43
N ALA B 19 -0.61 -7.11 -0.32
CA ALA B 19 -1.25 -6.93 0.97
C ALA B 19 -1.82 -8.25 1.49
N GLU B 20 -2.20 -9.12 0.57
CA GLU B 20 -2.77 -10.42 0.93
C GLU B 20 -1.69 -11.36 1.47
N GLU B 21 -0.59 -11.46 0.73
CA GLU B 21 0.52 -12.33 1.13
C GLU B 21 1.04 -11.94 2.51
N ALA B 22 1.24 -10.63 2.72
CA ALA B 22 1.74 -10.13 3.99
C ALA B 22 0.73 -10.41 5.11
N ALA B 23 -0.54 -10.39 4.77
CA ALA B 23 -1.60 -10.64 5.75
C ALA B 23 -1.62 -12.10 6.18
N LYS B 24 -1.58 -13.00 5.20
CA LYS B 24 -1.60 -14.44 5.47
C LYS B 24 -0.31 -14.87 6.18
N LEU B 25 0.80 -14.24 5.80
CA LEU B 25 2.09 -14.56 6.39
C LEU B 25 2.22 -13.94 7.77
N LEU B 26 1.71 -12.73 7.92
CA LEU B 26 1.75 -12.03 9.20
C LEU B 26 1.26 -12.91 10.34
N GLU B 27 0.10 -13.53 10.14
CA GLU B 27 -0.49 -14.41 11.14
C GLU B 27 -0.08 -15.86 10.89
N GLY B 28 0.90 -16.06 10.02
CA GLY B 28 1.36 -17.39 9.71
C GLY B 28 1.88 -18.12 10.94
N GLY B 29 2.12 -17.37 12.01
CA GLY B 29 2.64 -17.97 13.23
C GLY B 29 3.75 -17.16 13.85
N GLY B 30 3.56 -15.84 13.90
CA GLY B 30 4.57 -14.97 14.47
C GLY B 30 4.11 -14.30 15.74
N GLY B 31 3.36 -13.20 15.60
CA GLY B 31 2.85 -12.49 16.76
C GLY B 31 2.43 -11.08 16.43
N GLY B 32 1.69 -10.45 17.34
CA GLY B 32 1.22 -9.10 17.11
C GLY B 32 0.83 -8.39 18.40
N GLY B 33 0.63 -7.09 18.32
CA GLY B 33 0.25 -6.32 19.50
C GLY B 33 -1.16 -5.77 19.40
N GLY B 34 -2.03 -6.21 20.30
CA GLY B 34 -3.40 -5.74 20.30
C GLY B 34 -4.12 -6.09 19.01
N GLY B 35 -4.68 -5.09 18.36
CA GLY B 35 -5.41 -5.31 17.12
C GLY B 35 -5.33 -4.12 16.17
N GLU B 36 -5.92 -3.01 16.57
CA GLU B 36 -5.91 -1.80 15.76
C GLU B 36 -4.49 -1.43 15.35
N LEU B 37 -3.54 -1.68 16.24
CA LEU B 37 -2.14 -1.37 15.98
C LEU B 37 -1.67 -2.03 14.69
N MET B 38 -1.81 -3.34 14.61
CA MET B 38 -1.40 -4.08 13.42
C MET B 38 -2.33 -3.78 12.25
N LYS B 39 -3.57 -3.42 12.56
CA LYS B 39 -4.56 -3.11 11.54
C LYS B 39 -4.02 -2.05 10.58
N LEU B 40 -3.13 -1.19 11.08
CA LEU B 40 -2.55 -0.13 10.27
C LEU B 40 -1.92 -0.70 9.00
N CYS B 41 -1.25 -1.83 9.14
CA CYS B 41 -0.59 -2.48 8.00
C CYS B 41 -1.63 -3.14 7.09
N GLU B 42 -2.58 -3.84 7.70
CA GLU B 42 -3.62 -4.53 6.95
C GLU B 42 -4.37 -3.55 6.05
N GLU B 43 -4.35 -2.27 6.42
CA GLU B 43 -5.02 -1.24 5.63
C GLU B 43 -4.56 -1.27 4.17
N ALA B 44 -3.36 -1.78 3.96
CA ALA B 44 -2.80 -1.86 2.61
C ALA B 44 -3.78 -2.54 1.66
N ALA B 45 -4.36 -3.65 2.10
CA ALA B 45 -5.32 -4.39 1.29
C ALA B 45 -6.66 -3.68 1.23
N LYS B 46 -6.92 -2.84 2.23
CA LYS B 46 -8.18 -2.09 2.30
C LYS B 46 -8.17 -0.94 1.31
N LYS B 47 -7.12 -0.13 1.35
CA LYS B 47 -6.99 1.01 0.45
C LYS B 47 -6.81 0.56 -0.99
N ALA B 48 -6.22 -0.63 -1.16
CA ALA B 48 -5.99 -1.18 -2.49
C ALA B 48 -7.30 -1.56 -3.17
N GLU B 49 -8.14 -2.30 -2.45
CA GLU B 49 -9.43 -2.72 -2.98
C GLU B 49 -10.44 -1.58 -2.95
N GLU B 50 -10.26 -0.65 -2.01
CA GLU B 50 -11.15 0.48 -1.88
C GLU B 50 -11.03 1.42 -3.09
N LEU B 51 -9.81 1.79 -3.41
CA LEU B 51 -9.55 2.67 -4.54
C LEU B 51 -9.74 1.94 -5.87
N PHE B 52 -9.37 0.66 -5.88
CA PHE B 52 -9.51 -0.17 -7.08
C PHE B 52 -10.97 -0.29 -7.50
N LYS B 53 -11.87 -0.12 -6.54
CA LYS B 53 -13.30 -0.21 -6.81
C LYS B 53 -13.75 0.90 -7.76
N LEU B 54 -13.54 2.15 -7.34
CA LEU B 54 -13.92 3.30 -8.16
C LEU B 54 -12.93 3.49 -9.32
N ALA B 55 -11.72 2.98 -9.15
CA ALA B 55 -10.70 3.10 -10.18
C ALA B 55 -11.18 2.50 -11.50
N GLU B 56 -12.14 1.58 -11.42
CA GLU B 56 -12.68 0.94 -12.61
C GLU B 56 -13.67 1.86 -13.31
N GLU B 57 -14.32 2.73 -12.54
CA GLU B 57 -15.29 3.67 -13.09
C GLU B 57 -14.63 4.67 -14.03
N ARG B 58 -13.48 5.20 -13.61
CA ARG B 58 -12.75 6.16 -14.41
C ARG B 58 -11.97 5.45 -15.53
N LEU B 59 -11.57 4.22 -15.27
CA LEU B 59 -10.83 3.44 -16.25
C LEU B 59 -11.75 2.89 -17.33
N LYS B 60 -12.66 2.01 -16.93
CA LYS B 60 -13.61 1.41 -17.86
C LYS B 60 -15.04 1.82 -17.52
N LYS B 61 -15.61 1.16 -16.52
CA LYS B 61 -16.98 1.46 -16.09
C LYS B 61 -17.40 0.53 -14.97
N LEU B 62 -16.93 -0.71 -15.01
CA LEU B 62 -17.26 -1.69 -13.98
C LEU B 62 -18.76 -2.01 -14.00
F1 HLT C . 1.80 -3.53 -1.64
C2 HLT C . 2.39 -2.30 -1.64
F2 HLT C . 2.18 -1.72 -0.43
F3 HLT C . 3.72 -2.46 -1.84
C1 HLT C . 1.74 -1.40 -2.78
BR HLT C . 2.50 0.31 -2.76
CL HLT C . 1.95 -2.21 -4.34
HC1 HLT C . 0.67 -1.32 -2.58
N MET A 1 16.18 -3.56 21.97
CA MET A 1 16.82 -3.39 20.67
C MET A 1 16.21 -4.33 19.63
N LYS A 2 15.76 -5.50 20.08
CA LYS A 2 15.15 -6.47 19.19
C LYS A 2 16.13 -6.89 18.09
N LYS A 3 15.68 -7.80 17.22
CA LYS A 3 16.51 -8.28 16.12
C LYS A 3 15.72 -9.20 15.20
N LEU A 4 14.84 -9.99 15.79
CA LEU A 4 14.02 -10.92 15.03
C LEU A 4 12.81 -10.21 14.43
N ARG A 5 12.40 -9.12 15.07
CA ARG A 5 11.25 -8.35 14.60
C ARG A 5 11.58 -7.64 13.29
N GLU A 6 12.86 -7.40 13.05
CA GLU A 6 13.30 -6.73 11.84
C GLU A 6 12.75 -7.42 10.60
N GLU A 7 12.49 -8.72 10.73
CA GLU A 7 11.96 -9.51 9.62
C GLU A 7 10.71 -8.86 9.03
N ALA A 8 9.89 -8.27 9.91
CA ALA A 8 8.67 -7.61 9.48
C ALA A 8 8.97 -6.28 8.80
N ALA A 9 10.09 -5.67 9.16
CA ALA A 9 10.50 -4.40 8.59
C ALA A 9 10.56 -4.47 7.07
N LYS A 10 11.14 -5.55 6.56
CA LYS A 10 11.26 -5.76 5.12
C LYS A 10 9.90 -5.67 4.44
N LEU A 11 8.90 -6.30 5.06
CA LEU A 11 7.56 -6.31 4.51
C LEU A 11 7.07 -4.88 4.22
N PHE A 12 7.41 -3.96 5.12
CA PHE A 12 7.01 -2.57 4.96
C PHE A 12 7.86 -1.89 3.89
N GLU A 13 9.06 -2.41 3.67
CA GLU A 13 9.97 -1.86 2.67
C GLU A 13 9.29 -1.74 1.32
N GLU A 14 8.38 -2.66 1.04
CA GLU A 14 7.65 -2.66 -0.23
C GLU A 14 6.59 -1.57 -0.24
N TRP A 15 5.97 -1.34 0.90
CA TRP A 15 4.94 -0.32 1.02
C TRP A 15 5.42 1.02 0.48
N LYS A 16 6.59 1.44 0.95
CA LYS A 16 7.17 2.72 0.51
C LYS A 16 7.79 2.58 -0.89
N LYS A 17 7.99 1.34 -1.31
CA LYS A 17 8.57 1.08 -2.63
C LYS A 17 7.58 1.38 -3.74
N LEU A 18 6.42 0.73 -3.68
CA LEU A 18 5.38 0.94 -4.69
C LEU A 18 5.02 2.42 -4.81
N ALA A 19 5.16 3.15 -3.71
CA ALA A 19 4.86 4.57 -3.70
C ALA A 19 5.84 5.34 -4.58
N GLU A 20 7.05 4.81 -4.74
CA GLU A 20 8.07 5.45 -5.55
C GLU A 20 7.75 5.30 -7.04
N GLU A 21 7.46 4.07 -7.45
CA GLU A 21 7.13 3.79 -8.84
C GLU A 21 5.75 4.33 -9.20
N ALA A 22 4.76 3.98 -8.39
CA ALA A 22 3.39 4.42 -8.61
C ALA A 22 3.31 5.94 -8.69
N ALA A 23 4.30 6.61 -8.10
CA ALA A 23 4.34 8.06 -8.10
C ALA A 23 4.78 8.60 -9.46
N LYS A 24 5.92 8.14 -9.93
CA LYS A 24 6.45 8.58 -11.22
C LYS A 24 5.56 8.09 -12.36
N LEU A 25 4.91 6.95 -12.16
CA LEU A 25 4.03 6.38 -13.17
C LEU A 25 2.69 7.11 -13.19
N LEU A 26 2.16 7.41 -12.01
CA LEU A 26 0.88 8.10 -11.90
C LEU A 26 0.87 9.36 -12.77
N GLU A 27 1.91 10.17 -12.64
CA GLU A 27 2.02 11.41 -13.41
C GLU A 27 2.73 11.15 -14.74
N GLY A 28 2.92 9.88 -15.07
CA GLY A 28 3.59 9.53 -16.31
C GLY A 28 2.94 10.16 -17.53
N GLY A 29 1.69 10.61 -17.36
CA GLY A 29 0.98 11.24 -18.47
C GLY A 29 -0.51 11.33 -18.21
N GLY A 30 -0.88 11.61 -16.96
CA GLY A 30 -2.29 11.71 -16.62
C GLY A 30 -2.52 12.67 -15.46
N GLY A 31 -2.75 13.94 -15.79
CA GLY A 31 -3.00 14.94 -14.76
C GLY A 31 -4.38 14.81 -14.14
N GLY A 32 -4.52 13.82 -13.26
CA GLY A 32 -5.80 13.61 -12.60
C GLY A 32 -6.53 12.39 -13.12
N GLY A 33 -7.30 11.74 -12.25
CA GLY A 33 -8.03 10.55 -12.65
C GLY A 33 -9.48 10.59 -12.22
N GLY A 34 -9.78 9.95 -11.09
CA GLY A 34 -11.14 9.94 -10.59
C GLY A 34 -11.37 10.92 -9.46
N GLY A 35 -10.28 11.27 -8.77
CA GLY A 35 -10.38 12.21 -7.67
C GLY A 35 -9.28 12.01 -6.65
N GLU A 36 -9.66 11.81 -5.39
CA GLU A 36 -8.69 11.62 -4.32
C GLU A 36 -8.11 10.20 -4.35
N LEU A 37 -8.84 9.30 -4.98
CA LEU A 37 -8.42 7.90 -5.08
C LEU A 37 -6.98 7.82 -5.59
N MET A 38 -6.58 8.78 -6.41
CA MET A 38 -5.23 8.82 -6.95
C MET A 38 -4.21 9.14 -5.87
N LYS A 39 -4.46 10.22 -5.12
CA LYS A 39 -3.56 10.62 -4.05
C LYS A 39 -3.54 9.58 -2.93
N LEU A 40 -4.63 8.85 -2.79
CA LEU A 40 -4.73 7.82 -1.76
C LEU A 40 -3.57 6.84 -1.84
N CYS A 41 -3.14 6.55 -3.08
CA CYS A 41 -2.03 5.64 -3.30
C CYS A 41 -0.70 6.30 -2.96
N GLU A 42 -0.46 7.45 -3.57
CA GLU A 42 0.79 8.19 -3.33
C GLU A 42 1.02 8.41 -1.85
N GLU A 43 -0.07 8.41 -1.08
CA GLU A 43 0.01 8.61 0.37
C GLU A 43 0.87 7.53 1.02
N ALA A 44 1.08 6.43 0.30
CA ALA A 44 1.88 5.33 0.80
C ALA A 44 3.23 5.82 1.31
N ALA A 45 3.92 6.60 0.49
CA ALA A 45 5.22 7.14 0.86
C ALA A 45 5.09 8.18 1.97
N LYS A 46 3.91 8.77 2.09
CA LYS A 46 3.65 9.78 3.11
C LYS A 46 3.48 9.14 4.48
N LYS A 47 2.58 8.16 4.56
CA LYS A 47 2.31 7.46 5.81
C LYS A 47 3.46 6.53 6.16
N ALA A 48 4.20 6.10 5.14
CA ALA A 48 5.34 5.19 5.34
C ALA A 48 6.37 5.81 6.27
N GLU A 49 6.77 7.04 5.96
CA GLU A 49 7.76 7.75 6.76
C GLU A 49 7.20 8.09 8.14
N GLU A 50 5.89 8.25 8.21
CA GLU A 50 5.23 8.58 9.47
C GLU A 50 5.18 7.37 10.40
N LEU A 51 4.73 6.24 9.85
CA LEU A 51 4.64 5.01 10.63
C LEU A 51 6.02 4.42 10.89
N PHE A 52 6.88 4.45 9.86
CA PHE A 52 8.23 3.92 9.98
C PHE A 52 8.95 4.53 11.17
N LYS A 53 8.57 5.74 11.54
CA LYS A 53 9.18 6.44 12.67
C LYS A 53 9.17 5.55 13.91
N LEU A 54 7.98 5.18 14.36
CA LEU A 54 7.84 4.33 15.54
C LEU A 54 8.16 2.87 15.21
N ALA A 55 7.96 2.50 13.95
CA ALA A 55 8.23 1.14 13.51
C ALA A 55 9.65 0.73 13.86
N GLU A 56 10.58 1.67 13.75
CA GLU A 56 11.98 1.39 14.05
C GLU A 56 12.17 1.12 15.54
N GLU A 57 11.28 1.66 16.36
CA GLU A 57 11.35 1.47 17.80
C GLU A 57 11.04 0.03 18.18
N ARG A 58 9.92 -0.48 17.65
CA ARG A 58 9.51 -1.86 17.94
C ARG A 58 10.31 -2.85 17.10
N LEU A 59 11.00 -2.33 16.08
CA LEU A 59 11.79 -3.17 15.20
C LEU A 59 13.24 -3.26 15.69
N LYS A 60 13.96 -2.14 15.59
CA LYS A 60 15.35 -2.07 16.01
C LYS A 60 15.53 -1.05 17.12
N LYS A 61 15.64 0.22 16.73
CA LYS A 61 15.83 1.31 17.69
C LYS A 61 15.96 2.65 16.98
N LEU A 62 17.07 2.83 16.27
CA LEU A 62 17.32 4.07 15.55
C LEU A 62 17.12 5.28 16.45
N MET B 1 -15.80 4.79 -22.09
CA MET B 1 -15.21 3.47 -21.92
C MET B 1 -13.72 3.58 -21.60
N LYS B 2 -13.07 4.61 -22.14
CA LYS B 2 -11.66 4.82 -21.91
C LYS B 2 -10.83 3.63 -22.39
N LYS B 3 -9.52 3.72 -22.25
CA LYS B 3 -8.62 2.65 -22.67
C LYS B 3 -7.19 2.95 -22.25
N LEU B 4 -6.80 4.22 -22.32
CA LEU B 4 -5.46 4.63 -21.95
C LEU B 4 -5.33 4.78 -20.44
N ARG B 5 -6.46 5.05 -19.78
CA ARG B 5 -6.47 5.23 -18.34
C ARG B 5 -6.21 3.90 -17.62
N GLU B 6 -6.53 2.80 -18.31
CA GLU B 6 -6.33 1.48 -17.74
C GLU B 6 -4.89 1.29 -17.25
N GLU B 7 -3.97 2.02 -17.88
CA GLU B 7 -2.55 1.94 -17.51
C GLU B 7 -2.37 2.19 -16.02
N ALA B 8 -3.19 3.09 -15.47
CA ALA B 8 -3.11 3.43 -14.06
C ALA B 8 -3.70 2.32 -13.20
N ALA B 9 -4.63 1.57 -13.77
CA ALA B 9 -5.28 0.47 -13.06
C ALA B 9 -4.25 -0.53 -12.54
N LYS B 10 -3.30 -0.88 -13.40
CA LYS B 10 -2.26 -1.84 -13.02
C LYS B 10 -1.51 -1.37 -11.78
N LEU B 11 -1.22 -0.07 -11.73
CA LEU B 11 -0.51 0.51 -10.59
C LEU B 11 -1.18 0.12 -9.28
N PHE B 12 -2.50 0.21 -9.25
CA PHE B 12 -3.28 -0.13 -8.05
C PHE B 12 -3.33 -1.64 -7.85
N GLU B 13 -3.12 -2.38 -8.93
CA GLU B 13 -3.15 -3.84 -8.88
C GLU B 13 -2.07 -4.37 -7.93
N GLU B 14 -0.85 -3.88 -8.10
CA GLU B 14 0.26 -4.30 -7.26
C GLU B 14 0.03 -3.88 -5.81
N TRP B 15 -0.58 -2.72 -5.62
CA TRP B 15 -0.86 -2.21 -4.29
C TRP B 15 -1.58 -3.26 -3.44
N LYS B 16 -2.70 -3.77 -3.96
CA LYS B 16 -3.48 -4.77 -3.26
C LYS B 16 -2.84 -6.15 -3.38
N LYS B 17 -1.90 -6.27 -4.32
CA LYS B 17 -1.21 -7.54 -4.54
C LYS B 17 -0.31 -7.88 -3.36
N LEU B 18 0.68 -7.04 -3.12
CA LEU B 18 1.61 -7.24 -2.01
C LEU B 18 0.87 -7.36 -0.69
N ALA B 19 -0.28 -6.70 -0.60
CA ALA B 19 -1.08 -6.73 0.62
C ALA B 19 -1.67 -8.12 0.85
N GLU B 20 -1.63 -8.95 -0.19
CA GLU B 20 -2.16 -10.30 -0.10
C GLU B 20 -1.27 -11.18 0.77
N GLU B 21 0.03 -11.15 0.50
CA GLU B 21 1.00 -11.95 1.26
C GLU B 21 1.09 -11.46 2.70
N ALA B 22 1.30 -10.15 2.86
CA ALA B 22 1.41 -9.56 4.19
C ALA B 22 0.14 -9.79 5.00
N ALA B 23 -0.96 -10.03 4.31
CA ALA B 23 -2.23 -10.28 4.97
C ALA B 23 -2.29 -11.68 5.55
N LYS B 24 -2.05 -12.68 4.71
CA LYS B 24 -2.07 -14.07 5.13
C LYS B 24 -0.95 -14.35 6.14
N LEU B 25 0.15 -13.64 5.99
CA LEU B 25 1.29 -13.80 6.88
C LEU B 25 1.05 -13.11 8.22
N LEU B 26 0.47 -11.91 8.17
CA LEU B 26 0.18 -11.14 9.37
C LEU B 26 -0.58 -11.99 10.38
N GLU B 27 -1.63 -12.66 9.92
CA GLU B 27 -2.43 -13.51 10.79
C GLU B 27 -1.91 -14.94 10.80
N GLY B 28 -0.70 -15.13 10.26
CA GLY B 28 -0.11 -16.45 10.21
C GLY B 28 -0.05 -17.11 11.57
N GLY B 29 -0.17 -16.30 12.62
CA GLY B 29 -0.13 -16.84 13.98
C GLY B 29 0.01 -15.75 15.02
N GLY B 30 -0.80 -14.70 14.88
CA GLY B 30 -0.75 -13.61 15.83
C GLY B 30 -2.11 -12.97 16.05
N GLY B 31 -2.84 -13.47 17.05
CA GLY B 31 -4.16 -12.93 17.33
C GLY B 31 -4.11 -11.72 18.24
N GLY B 32 -3.29 -10.74 17.86
CA GLY B 32 -3.16 -9.54 18.66
C GLY B 32 -2.13 -9.68 19.77
N GLY B 33 -1.07 -8.89 19.69
CA GLY B 33 -0.02 -8.95 20.69
C GLY B 33 1.04 -7.89 20.49
N GLY B 34 2.26 -8.33 20.16
CA GLY B 34 3.35 -7.39 19.95
C GLY B 34 3.81 -7.36 18.50
N GLY B 35 2.91 -7.74 17.60
CA GLY B 35 3.24 -7.75 16.19
C GLY B 35 2.01 -7.69 15.30
N GLU B 36 0.96 -8.40 15.70
CA GLU B 36 -0.27 -8.43 14.93
C GLU B 36 -0.76 -7.02 14.62
N LEU B 37 -0.37 -6.07 15.47
CA LEU B 37 -0.76 -4.68 15.29
C LEU B 37 -0.43 -4.19 13.89
N MET B 38 0.57 -4.82 13.28
CA MET B 38 1.00 -4.45 11.93
C MET B 38 -0.16 -4.57 10.95
N LYS B 39 -1.16 -5.37 11.30
CA LYS B 39 -2.33 -5.57 10.45
C LYS B 39 -2.94 -4.22 10.05
N LEU B 40 -2.73 -3.21 10.89
CA LEU B 40 -3.25 -1.87 10.62
C LEU B 40 -2.88 -1.41 9.22
N CYS B 41 -1.70 -1.83 8.75
CA CYS B 41 -1.22 -1.46 7.43
C CYS B 41 -1.94 -2.26 6.35
N GLU B 42 -2.23 -3.52 6.64
CA GLU B 42 -2.92 -4.38 5.69
C GLU B 42 -4.21 -3.74 5.20
N GLU B 43 -4.76 -2.82 6.00
CA GLU B 43 -5.98 -2.13 5.64
C GLU B 43 -5.86 -1.46 4.27
N ALA B 44 -4.62 -1.23 3.85
CA ALA B 44 -4.36 -0.61 2.55
C ALA B 44 -5.14 -1.30 1.45
N ALA B 45 -5.08 -2.63 1.43
CA ALA B 45 -5.78 -3.42 0.43
C ALA B 45 -7.29 -3.39 0.66
N LYS B 46 -7.69 -3.12 1.89
CA LYS B 46 -9.11 -3.06 2.24
C LYS B 46 -9.79 -1.89 1.55
N LYS B 47 -9.18 -0.72 1.63
CA LYS B 47 -9.73 0.48 1.01
C LYS B 47 -9.55 0.44 -0.50
N ALA B 48 -8.47 -0.20 -0.95
CA ALA B 48 -8.18 -0.32 -2.37
C ALA B 48 -9.27 -1.08 -3.10
N GLU B 49 -9.71 -2.19 -2.51
CA GLU B 49 -10.76 -3.01 -3.10
C GLU B 49 -12.09 -2.26 -3.12
N GLU B 50 -12.26 -1.35 -2.16
CA GLU B 50 -13.49 -0.57 -2.08
C GLU B 50 -13.54 0.49 -3.17
N LEU B 51 -12.46 1.24 -3.31
CA LEU B 51 -12.37 2.30 -4.31
C LEU B 51 -12.24 1.71 -5.70
N PHE B 52 -11.55 0.58 -5.80
CA PHE B 52 -11.34 -0.09 -7.08
C PHE B 52 -12.67 -0.34 -7.78
N LYS B 53 -13.73 -0.48 -6.99
CA LYS B 53 -15.06 -0.73 -7.54
C LYS B 53 -15.41 0.31 -8.61
N LEU B 54 -15.40 1.59 -8.22
CA LEU B 54 -15.72 2.66 -9.14
C LEU B 54 -14.55 2.93 -10.09
N ALA B 55 -13.35 2.54 -9.66
CA ALA B 55 -12.16 2.73 -10.48
C ALA B 55 -12.33 2.12 -11.86
N GLU B 56 -13.05 1.00 -11.93
CA GLU B 56 -13.29 0.32 -13.20
C GLU B 56 -14.21 1.14 -14.09
N GLU B 57 -15.04 1.97 -13.47
CA GLU B 57 -15.98 2.81 -14.21
C GLU B 57 -15.23 3.89 -15.00
N ARG B 58 -14.34 4.60 -14.33
CA ARG B 58 -13.55 5.65 -14.96
C ARG B 58 -12.40 5.06 -15.77
N LEU B 59 -12.12 3.78 -15.54
CA LEU B 59 -11.04 3.11 -16.25
C LEU B 59 -11.56 2.40 -17.49
N LYS B 60 -12.38 1.37 -17.29
CA LYS B 60 -12.94 0.61 -18.40
C LYS B 60 -14.46 0.68 -18.38
N LYS B 61 -15.07 -0.17 -17.55
CA LYS B 61 -16.53 -0.20 -17.43
C LYS B 61 -16.96 -1.28 -16.44
N LEU B 62 -16.79 -2.54 -16.82
CA LEU B 62 -17.16 -3.66 -15.97
C LEU B 62 -18.60 -3.51 -15.47
F1 HLT C . -0.36 -1.94 0.93
C2 HLT C . 0.66 -2.83 0.79
F2 HLT C . 0.99 -3.29 2.03
F3 HLT C . 0.21 -3.88 0.05
C1 HLT C . 1.92 -2.13 0.12
BR HLT C . 3.34 -3.34 -0.02
CL HLT C . 1.42 -1.48 -1.46
HC1 HLT C . 2.22 -1.29 0.75
N MET A 1 21.80 -5.77 17.17
CA MET A 1 21.54 -5.49 15.76
C MET A 1 20.12 -5.91 15.37
N LYS A 2 19.74 -7.12 15.74
CA LYS A 2 18.42 -7.63 15.44
C LYS A 2 18.22 -7.75 13.93
N LYS A 3 17.26 -8.60 13.54
CA LYS A 3 16.97 -8.81 12.13
C LYS A 3 15.84 -9.83 11.95
N LEU A 4 15.79 -10.80 12.83
CA LEU A 4 14.76 -11.84 12.77
C LEU A 4 13.37 -11.21 12.69
N ARG A 5 12.98 -10.50 13.75
CA ARG A 5 11.68 -9.85 13.80
C ARG A 5 11.64 -8.64 12.86
N GLU A 6 12.75 -7.91 12.80
CA GLU A 6 12.84 -6.74 11.95
C GLU A 6 12.45 -7.07 10.51
N GLU A 7 12.68 -8.32 10.12
CA GLU A 7 12.35 -8.76 8.77
C GLU A 7 10.88 -8.50 8.45
N ALA A 8 10.04 -8.54 9.48
CA ALA A 8 8.62 -8.30 9.31
C ALA A 8 8.32 -6.81 9.11
N ALA A 9 9.17 -5.97 9.69
CA ALA A 9 9.01 -4.52 9.58
C ALA A 9 9.29 -4.04 8.15
N LYS A 10 10.28 -4.66 7.51
CA LYS A 10 10.65 -4.32 6.15
C LYS A 10 9.46 -4.42 5.21
N LEU A 11 8.50 -5.27 5.57
CA LEU A 11 7.31 -5.47 4.77
C LEU A 11 6.64 -4.14 4.46
N PHE A 12 6.50 -3.30 5.48
CA PHE A 12 5.87 -1.99 5.33
C PHE A 12 6.80 -1.03 4.58
N GLU A 13 8.10 -1.27 4.69
CA GLU A 13 9.09 -0.42 4.03
C GLU A 13 8.87 -0.40 2.52
N GLU A 14 8.48 -1.55 1.98
CA GLU A 14 8.24 -1.66 0.54
C GLU A 14 6.92 -1.00 0.16
N TRP A 15 5.94 -1.08 1.05
CA TRP A 15 4.63 -0.49 0.80
C TRP A 15 4.76 0.99 0.45
N LYS A 16 5.43 1.74 1.32
CA LYS A 16 5.62 3.17 1.11
C LYS A 16 6.60 3.42 -0.04
N LYS A 17 7.45 2.44 -0.30
CA LYS A 17 8.43 2.55 -1.38
C LYS A 17 7.75 2.49 -2.75
N LEU A 18 6.94 1.46 -2.96
CA LEU A 18 6.22 1.30 -4.22
C LEU A 18 5.41 2.54 -4.54
N ALA A 19 4.87 3.18 -3.52
CA ALA A 19 4.08 4.39 -3.70
C ALA A 19 4.90 5.50 -4.35
N GLU A 20 6.19 5.54 -4.02
CA GLU A 20 7.08 6.56 -4.56
C GLU A 20 7.08 6.51 -6.09
N GLU A 21 7.26 5.31 -6.64
CA GLU A 21 7.29 5.13 -8.09
C GLU A 21 5.88 5.25 -8.68
N ALA A 22 4.94 4.53 -8.09
CA ALA A 22 3.55 4.55 -8.55
C ALA A 22 3.01 5.97 -8.58
N ALA A 23 3.50 6.80 -7.67
CA ALA A 23 3.06 8.19 -7.58
C ALA A 23 3.58 9.00 -8.76
N LYS A 24 4.89 8.97 -8.96
CA LYS A 24 5.52 9.71 -10.05
C LYS A 24 5.04 9.19 -11.40
N LEU A 25 4.78 7.89 -11.49
CA LEU A 25 4.31 7.27 -12.72
C LEU A 25 2.83 7.57 -12.94
N LEU A 26 2.06 7.53 -11.86
CA LEU A 26 0.63 7.81 -11.93
C LEU A 26 0.36 9.09 -12.69
N GLU A 27 1.05 10.16 -12.31
CA GLU A 27 0.87 11.45 -12.97
C GLU A 27 1.86 11.62 -14.12
N GLY A 28 2.50 10.52 -14.50
CA GLY A 28 3.45 10.55 -15.59
C GLY A 28 2.84 11.02 -16.89
N GLY A 29 1.51 11.05 -16.94
CA GLY A 29 0.82 11.48 -18.14
C GLY A 29 -0.34 10.57 -18.51
N GLY A 30 -1.15 10.22 -17.51
CA GLY A 30 -2.29 9.34 -17.75
C GLY A 30 -3.18 9.20 -16.53
N GLY A 31 -2.60 8.78 -15.42
CA GLY A 31 -3.36 8.61 -14.20
C GLY A 31 -4.08 9.87 -13.79
N GLY A 32 -5.41 9.78 -13.66
CA GLY A 32 -6.20 10.94 -13.27
C GLY A 32 -5.99 11.32 -11.82
N GLY A 33 -7.06 11.28 -11.04
CA GLY A 33 -6.97 11.64 -9.63
C GLY A 33 -7.30 13.10 -9.38
N GLY A 34 -6.37 13.81 -8.76
CA GLY A 34 -6.58 15.22 -8.46
C GLY A 34 -7.83 15.45 -7.63
N GLY A 35 -7.68 15.42 -6.31
CA GLY A 35 -8.80 15.65 -5.43
C GLY A 35 -8.83 14.68 -4.26
N GLU A 36 -9.93 14.65 -3.54
CA GLU A 36 -10.07 13.76 -2.39
C GLU A 36 -9.77 12.31 -2.78
N LEU A 37 -10.09 11.96 -4.02
CA LEU A 37 -9.85 10.61 -4.52
C LEU A 37 -8.36 10.27 -4.48
N MET A 38 -7.55 11.07 -5.16
CA MET A 38 -6.12 10.85 -5.20
C MET A 38 -5.51 11.01 -3.81
N LYS A 39 -6.17 11.78 -2.96
CA LYS A 39 -5.69 12.01 -1.60
C LYS A 39 -5.51 10.69 -0.86
N LEU A 40 -6.28 9.68 -1.25
CA LEU A 40 -6.21 8.36 -0.62
C LEU A 40 -4.95 7.63 -1.06
N CYS A 41 -4.47 7.93 -2.26
CA CYS A 41 -3.27 7.31 -2.80
C CYS A 41 -2.05 7.68 -1.97
N GLU A 42 -1.99 8.94 -1.54
CA GLU A 42 -0.88 9.43 -0.74
C GLU A 42 -0.93 8.87 0.68
N GLU A 43 -2.13 8.52 1.12
CA GLU A 43 -2.33 7.98 2.46
C GLU A 43 -1.54 6.68 2.64
N ALA A 44 -1.34 5.95 1.55
CA ALA A 44 -0.60 4.71 1.58
C ALA A 44 0.76 4.89 2.24
N ALA A 45 1.44 5.97 1.90
CA ALA A 45 2.75 6.26 2.47
C ALA A 45 2.63 6.77 3.89
N LYS A 46 1.46 7.31 4.23
CA LYS A 46 1.22 7.82 5.58
C LYS A 46 1.08 6.69 6.58
N LYS A 47 0.31 5.67 6.22
CA LYS A 47 0.10 4.52 7.10
C LYS A 47 1.40 3.75 7.29
N ALA A 48 2.00 3.32 6.19
CA ALA A 48 3.25 2.57 6.24
C ALA A 48 4.30 3.31 7.05
N GLU A 49 4.44 4.60 6.78
CA GLU A 49 5.41 5.43 7.49
C GLU A 49 5.04 5.58 8.96
N GLU A 50 3.75 5.80 9.21
CA GLU A 50 3.26 5.97 10.57
C GLU A 50 3.56 4.73 11.41
N LEU A 51 3.22 3.56 10.88
CA LEU A 51 3.45 2.30 11.57
C LEU A 51 4.94 1.99 11.64
N PHE A 52 5.63 2.19 10.54
CA PHE A 52 7.07 1.92 10.46
C PHE A 52 7.83 2.79 11.47
N LYS A 53 7.36 4.03 11.63
CA LYS A 53 8.00 4.96 12.56
C LYS A 53 8.15 4.34 13.93
N LEU A 54 7.04 3.93 14.53
CA LEU A 54 7.05 3.30 15.85
C LEU A 54 7.59 1.88 15.78
N ALA A 55 7.48 1.27 14.60
CA ALA A 55 7.95 -0.09 14.40
C ALA A 55 9.43 -0.22 14.76
N GLU A 56 10.19 0.83 14.46
CA GLU A 56 11.62 0.83 14.74
C GLU A 56 11.88 0.57 16.23
N GLU A 57 10.88 0.86 17.06
CA GLU A 57 11.00 0.66 18.50
C GLU A 57 10.97 -0.82 18.85
N ARG A 58 9.93 -1.51 18.39
CA ARG A 58 9.78 -2.94 18.66
C ARG A 58 10.69 -3.76 17.74
N LEU A 59 11.07 -3.17 16.62
CA LEU A 59 11.94 -3.85 15.67
C LEU A 59 13.31 -3.16 15.59
N LYS A 60 14.14 -3.62 14.66
CA LYS A 60 15.47 -3.06 14.48
C LYS A 60 16.22 -3.01 15.80
N LYS A 61 17.36 -2.32 15.81
CA LYS A 61 18.18 -2.20 17.01
C LYS A 61 18.35 -0.73 17.40
N LEU A 62 18.32 0.14 16.41
CA LEU A 62 18.48 1.57 16.65
C LEU A 62 17.51 2.05 17.73
N MET B 1 -13.79 -1.83 -24.60
CA MET B 1 -12.98 -2.64 -23.70
C MET B 1 -11.94 -1.79 -22.98
N LYS B 2 -11.21 -0.98 -23.76
CA LYS B 2 -10.18 -0.11 -23.20
C LYS B 2 -9.07 -0.92 -22.55
N LYS B 3 -7.91 -0.29 -22.38
CA LYS B 3 -6.77 -0.96 -21.77
C LYS B 3 -5.58 -0.01 -21.65
N LEU B 4 -5.42 0.85 -22.66
CA LEU B 4 -4.32 1.82 -22.66
C LEU B 4 -4.30 2.62 -21.36
N ARG B 5 -5.37 3.38 -21.12
CA ARG B 5 -5.47 4.19 -19.92
C ARG B 5 -5.67 3.32 -18.68
N GLU B 6 -6.41 2.22 -18.85
CA GLU B 6 -6.67 1.30 -17.74
C GLU B 6 -5.36 0.85 -17.09
N GLU B 7 -4.29 0.86 -17.87
CA GLU B 7 -2.98 0.45 -17.37
C GLU B 7 -2.61 1.22 -16.10
N ALA B 8 -3.14 2.44 -15.99
CA ALA B 8 -2.87 3.28 -14.84
C ALA B 8 -3.66 2.82 -13.62
N ALA B 9 -4.85 2.26 -13.87
CA ALA B 9 -5.71 1.77 -12.80
C ALA B 9 -5.14 0.51 -12.16
N LYS B 10 -4.52 -0.33 -12.98
CA LYS B 10 -3.93 -1.58 -12.51
C LYS B 10 -2.93 -1.31 -11.39
N LEU B 11 -2.36 -0.10 -11.39
CA LEU B 11 -1.39 0.28 -10.37
C LEU B 11 -1.92 0.02 -8.97
N PHE B 12 -3.17 0.39 -8.74
CA PHE B 12 -3.80 0.19 -7.44
C PHE B 12 -4.15 -1.28 -7.22
N GLU B 13 -4.40 -1.99 -8.33
CA GLU B 13 -4.74 -3.41 -8.26
C GLU B 13 -3.65 -4.20 -7.55
N GLU B 14 -2.39 -3.81 -7.78
CA GLU B 14 -1.26 -4.48 -7.17
C GLU B 14 -1.14 -4.10 -5.69
N TRP B 15 -1.47 -2.86 -5.37
CA TRP B 15 -1.39 -2.37 -4.00
C TRP B 15 -2.18 -3.28 -3.06
N LYS B 16 -3.45 -3.50 -3.38
CA LYS B 16 -4.31 -4.34 -2.56
C LYS B 16 -3.89 -5.80 -2.66
N LYS B 17 -3.23 -6.15 -3.76
CA LYS B 17 -2.77 -7.52 -3.97
C LYS B 17 -1.62 -7.84 -3.03
N LEU B 18 -0.59 -7.00 -3.03
CA LEU B 18 0.57 -7.21 -2.18
C LEU B 18 0.15 -7.36 -0.72
N ALA B 19 -0.88 -6.63 -0.32
CA ALA B 19 -1.38 -6.68 1.05
C ALA B 19 -1.87 -8.09 1.40
N GLU B 20 -2.42 -8.78 0.42
CA GLU B 20 -2.92 -10.13 0.62
C GLU B 20 -1.82 -11.04 1.14
N GLU B 21 -0.67 -11.02 0.48
CA GLU B 21 0.46 -11.85 0.87
C GLU B 21 1.12 -11.31 2.13
N ALA B 22 1.42 -10.02 2.13
CA ALA B 22 2.04 -9.37 3.28
C ALA B 22 1.23 -9.59 4.55
N ALA B 23 -0.09 -9.70 4.39
CA ALA B 23 -0.98 -9.91 5.52
C ALA B 23 -0.82 -11.32 6.08
N LYS B 24 -0.96 -12.32 5.22
CA LYS B 24 -0.84 -13.71 5.64
C LYS B 24 0.57 -14.01 6.15
N LEU B 25 1.56 -13.35 5.54
CA LEU B 25 2.95 -13.54 5.94
C LEU B 25 3.25 -12.79 7.23
N LEU B 26 2.69 -11.60 7.36
CA LEU B 26 2.89 -10.78 8.55
C LEU B 26 2.62 -11.58 9.82
N GLU B 27 1.48 -12.25 9.85
CA GLU B 27 1.10 -13.06 11.01
C GLU B 27 1.58 -14.50 10.84
N GLY B 28 2.44 -14.72 9.86
CA GLY B 28 2.95 -16.06 9.60
C GLY B 28 3.69 -16.63 10.80
N GLY B 29 4.02 -15.77 11.75
CA GLY B 29 4.73 -16.21 12.94
C GLY B 29 5.88 -15.28 13.31
N GLY B 30 5.61 -13.98 13.31
CA GLY B 30 6.63 -13.01 13.65
C GLY B 30 6.07 -11.60 13.76
N GLY B 31 5.43 -11.13 12.71
CA GLY B 31 4.86 -9.79 12.71
C GLY B 31 3.89 -9.58 13.86
N GLY B 32 4.17 -8.58 14.68
CA GLY B 32 3.30 -8.28 15.81
C GLY B 32 1.97 -7.71 15.39
N GLY B 33 1.68 -6.49 15.85
CA GLY B 33 0.42 -5.85 15.50
C GLY B 33 -0.66 -6.09 16.54
N GLY B 34 -1.78 -6.64 16.11
CA GLY B 34 -2.87 -6.91 17.02
C GLY B 34 -3.35 -5.67 17.74
N GLY B 35 -4.32 -4.97 17.14
CA GLY B 35 -4.84 -3.76 17.75
C GLY B 35 -5.03 -2.65 16.73
N GLU B 36 -5.29 -1.44 17.24
CA GLU B 36 -5.50 -0.28 16.36
C GLU B 36 -4.32 -0.10 15.41
N LEU B 37 -3.12 -0.46 15.89
CA LEU B 37 -1.92 -0.33 15.08
C LEU B 37 -2.01 -1.20 13.82
N MET B 38 -2.21 -2.49 14.02
CA MET B 38 -2.32 -3.43 12.90
C MET B 38 -3.53 -3.10 12.03
N LYS B 39 -4.52 -2.45 12.62
CA LYS B 39 -5.72 -2.07 11.90
C LYS B 39 -5.38 -1.20 10.68
N LEU B 40 -4.26 -0.48 10.77
CA LEU B 40 -3.82 0.38 9.68
C LEU B 40 -3.31 -0.46 8.50
N CYS B 41 -2.78 -1.64 8.81
CA CYS B 41 -2.25 -2.53 7.79
C CYS B 41 -3.36 -3.01 6.86
N GLU B 42 -4.52 -3.31 7.44
CA GLU B 42 -5.66 -3.79 6.66
C GLU B 42 -6.28 -2.65 5.85
N GLU B 43 -6.10 -1.42 6.32
CA GLU B 43 -6.64 -0.25 5.64
C GLU B 43 -6.06 -0.14 4.22
N ALA B 44 -4.84 -0.62 4.05
CA ALA B 44 -4.18 -0.58 2.75
C ALA B 44 -5.07 -1.17 1.66
N ALA B 45 -5.69 -2.31 1.97
CA ALA B 45 -6.57 -2.98 1.03
C ALA B 45 -7.90 -2.25 0.89
N LYS B 46 -8.25 -1.47 1.91
CA LYS B 46 -9.50 -0.72 1.91
C LYS B 46 -9.42 0.44 0.94
N LYS B 47 -8.32 1.20 1.00
CA LYS B 47 -8.13 2.34 0.13
C LYS B 47 -8.01 1.91 -1.33
N ALA B 48 -7.06 1.02 -1.60
CA ALA B 48 -6.84 0.51 -2.95
C ALA B 48 -8.14 -0.04 -3.54
N GLU B 49 -8.86 -0.83 -2.75
CA GLU B 49 -10.12 -1.42 -3.21
C GLU B 49 -11.18 -0.34 -3.40
N GLU B 50 -11.25 0.60 -2.46
CA GLU B 50 -12.23 1.68 -2.51
C GLU B 50 -12.02 2.52 -3.77
N LEU B 51 -10.78 2.91 -4.02
CA LEU B 51 -10.45 3.72 -5.19
C LEU B 51 -10.58 2.90 -6.47
N PHE B 52 -10.12 1.66 -6.43
CA PHE B 52 -10.20 0.78 -7.59
C PHE B 52 -11.63 0.58 -8.03
N LYS B 53 -12.54 0.52 -7.07
CA LYS B 53 -13.96 0.34 -7.36
C LYS B 53 -14.45 1.37 -8.37
N LEU B 54 -14.31 2.64 -8.03
CA LEU B 54 -14.74 3.71 -8.91
C LEU B 54 -13.75 3.90 -10.05
N ALA B 55 -12.51 3.46 -9.83
CA ALA B 55 -11.47 3.58 -10.85
C ALA B 55 -11.88 2.91 -12.15
N GLU B 56 -12.68 1.85 -12.03
CA GLU B 56 -13.16 1.12 -13.21
C GLU B 56 -13.96 2.02 -14.13
N GLU B 57 -14.77 2.90 -13.53
CA GLU B 57 -15.59 3.82 -14.30
C GLU B 57 -14.75 4.57 -15.35
N ARG B 58 -13.70 5.23 -14.89
CA ARG B 58 -12.82 5.98 -15.77
C ARG B 58 -11.82 5.05 -16.44
N LEU B 59 -11.63 3.87 -15.87
CA LEU B 59 -10.70 2.89 -16.41
C LEU B 59 -11.31 1.49 -16.42
N LYS B 60 -12.23 1.27 -17.36
CA LYS B 60 -12.90 -0.02 -17.49
C LYS B 60 -12.09 -0.97 -18.36
N LYS B 61 -12.12 -2.25 -18.03
CA LYS B 61 -11.38 -3.26 -18.79
C LYS B 61 -11.85 -4.67 -18.41
N LEU B 62 -12.11 -4.88 -17.12
CA LEU B 62 -12.57 -6.17 -16.64
C LEU B 62 -13.75 -6.68 -17.45
F1 HLT C . 1.40 1.56 -0.31
C2 HLT C . 0.49 0.62 0.06
F2 HLT C . 0.33 0.69 1.42
F3 HLT C . -0.70 0.91 -0.53
C1 HLT C . 1.01 -0.83 -0.35
BR HLT C . -0.21 -2.13 0.22
CL HLT C . 1.28 -0.86 -2.10
HC1 HLT C . 1.97 -1.00 0.15
N MET A 1 22.64 -7.65 16.16
CA MET A 1 22.04 -8.92 16.52
C MET A 1 20.53 -8.90 16.29
N LYS A 2 20.12 -8.79 15.04
CA LYS A 2 18.71 -8.76 14.69
C LYS A 2 18.51 -9.08 13.21
N LYS A 3 17.32 -9.59 12.89
CA LYS A 3 17.00 -9.94 11.51
C LYS A 3 15.53 -10.34 11.39
N LEU A 4 15.04 -11.09 12.38
CA LEU A 4 13.65 -11.54 12.37
C LEU A 4 12.69 -10.35 12.42
N ARG A 5 12.97 -9.40 13.31
CA ARG A 5 12.13 -8.22 13.46
C ARG A 5 12.30 -7.28 12.26
N GLU A 6 13.54 -7.10 11.83
CA GLU A 6 13.84 -6.23 10.69
C GLU A 6 13.02 -6.64 9.47
N GLU A 7 12.71 -7.92 9.38
CA GLU A 7 11.93 -8.44 8.26
C GLU A 7 10.53 -7.84 8.25
N ALA A 8 9.81 -7.98 9.37
CA ALA A 8 8.46 -7.44 9.49
C ALA A 8 8.43 -5.96 9.17
N ALA A 9 9.55 -5.28 9.39
CA ALA A 9 9.66 -3.85 9.12
C ALA A 9 9.71 -3.57 7.62
N LYS A 10 10.46 -4.40 6.90
CA LYS A 10 10.61 -4.26 5.46
C LYS A 10 9.25 -4.32 4.77
N LEU A 11 8.34 -5.10 5.34
CA LEU A 11 7.00 -5.24 4.77
C LEU A 11 6.36 -3.88 4.53
N PHE A 12 6.50 -2.99 5.50
CA PHE A 12 5.94 -1.64 5.39
C PHE A 12 6.75 -0.79 4.42
N GLU A 13 8.03 -1.10 4.29
CA GLU A 13 8.92 -0.37 3.40
C GLU A 13 8.35 -0.32 1.99
N GLU A 14 7.56 -1.34 1.64
CA GLU A 14 6.95 -1.41 0.31
C GLU A 14 5.80 -0.43 0.19
N TRP A 15 5.06 -0.24 1.29
CA TRP A 15 3.93 0.66 1.30
C TRP A 15 4.37 2.09 0.96
N LYS A 16 5.41 2.55 1.61
CA LYS A 16 5.93 3.90 1.38
C LYS A 16 6.70 3.96 0.06
N LYS A 17 7.35 2.85 -0.29
CA LYS A 17 8.12 2.79 -1.54
C LYS A 17 7.21 2.93 -2.75
N LEU A 18 6.21 2.05 -2.85
CA LEU A 18 5.27 2.09 -3.97
C LEU A 18 4.63 3.46 -4.08
N ALA A 19 4.25 4.04 -2.94
CA ALA A 19 3.62 5.35 -2.91
C ALA A 19 4.51 6.40 -3.56
N GLU A 20 5.81 6.13 -3.56
CA GLU A 20 6.78 7.06 -4.15
C GLU A 20 6.70 7.04 -5.68
N GLU A 21 6.73 5.85 -6.25
CA GLU A 21 6.66 5.69 -7.70
C GLU A 21 5.24 5.97 -8.20
N ALA A 22 4.26 5.30 -7.59
CA ALA A 22 2.87 5.48 -7.99
C ALA A 22 2.47 6.95 -7.98
N ALA A 23 3.10 7.72 -7.10
CA ALA A 23 2.82 9.14 -6.99
C ALA A 23 3.34 9.90 -8.20
N LYS A 24 4.63 9.73 -8.49
CA LYS A 24 5.27 10.41 -9.61
C LYS A 24 4.67 9.92 -10.93
N LEU A 25 4.28 8.65 -10.96
CA LEU A 25 3.70 8.07 -12.17
C LEU A 25 2.25 8.51 -12.35
N LEU A 26 1.51 8.55 -11.24
CA LEU A 26 0.12 8.97 -11.27
C LEU A 26 -0.05 10.30 -12.01
N GLU A 27 0.78 11.28 -11.64
CA GLU A 27 0.72 12.59 -12.27
C GLU A 27 1.71 12.68 -13.43
N GLY A 28 2.24 11.52 -13.84
CA GLY A 28 3.18 11.49 -14.94
C GLY A 28 2.59 12.04 -16.23
N GLY A 29 1.28 12.18 -16.26
CA GLY A 29 0.62 12.69 -17.45
C GLY A 29 -0.62 11.90 -17.81
N GLY A 30 -1.43 11.58 -16.81
CA GLY A 30 -2.65 10.82 -17.04
C GLY A 30 -3.45 10.60 -15.79
N GLY A 31 -3.14 9.53 -15.06
CA GLY A 31 -3.84 9.23 -13.83
C GLY A 31 -5.34 9.13 -14.04
N GLY A 32 -6.07 10.11 -13.54
CA GLY A 32 -7.52 10.11 -13.67
C GLY A 32 -8.08 11.49 -13.93
N GLY A 33 -8.72 12.07 -12.92
CA GLY A 33 -9.30 13.39 -13.06
C GLY A 33 -8.58 14.43 -12.22
N GLY A 34 -8.18 14.05 -11.01
CA GLY A 34 -7.49 14.97 -10.13
C GLY A 34 -8.32 15.35 -8.92
N GLY A 35 -7.85 14.95 -7.75
CA GLY A 35 -8.57 15.26 -6.52
C GLY A 35 -8.47 14.15 -5.49
N GLU A 36 -9.60 13.84 -4.86
CA GLU A 36 -9.65 12.79 -3.85
C GLU A 36 -9.16 11.45 -4.43
N LEU A 37 -9.43 11.24 -5.71
CA LEU A 37 -9.03 10.01 -6.38
C LEU A 37 -7.50 9.90 -6.45
N MET A 38 -6.86 10.97 -6.88
CA MET A 38 -5.40 11.01 -6.98
C MET A 38 -4.76 11.03 -5.60
N LYS A 39 -5.29 11.88 -4.73
CA LYS A 39 -4.76 12.00 -3.37
C LYS A 39 -4.98 10.71 -2.59
N LEU A 40 -6.01 9.96 -2.95
CA LEU A 40 -6.31 8.70 -2.28
C LEU A 40 -5.10 7.77 -2.29
N CYS A 41 -4.40 7.75 -3.41
CA CYS A 41 -3.21 6.91 -3.55
C CYS A 41 -2.06 7.42 -2.68
N GLU A 42 -1.96 8.74 -2.58
CA GLU A 42 -0.91 9.36 -1.78
C GLU A 42 -0.97 8.88 -0.33
N GLU A 43 -2.15 8.44 0.09
CA GLU A 43 -2.33 7.96 1.45
C GLU A 43 -1.34 6.85 1.78
N ALA A 44 -0.94 6.10 0.75
CA ALA A 44 0.01 5.01 0.92
C ALA A 44 1.26 5.48 1.67
N ALA A 45 1.75 6.66 1.30
CA ALA A 45 2.94 7.22 1.94
C ALA A 45 2.61 7.76 3.32
N LYS A 46 1.34 8.08 3.54
CA LYS A 46 0.90 8.61 4.83
C LYS A 46 0.77 7.50 5.86
N LYS A 47 0.07 6.43 5.49
CA LYS A 47 -0.12 5.30 6.38
C LYS A 47 1.20 4.63 6.71
N ALA A 48 1.99 4.35 5.67
CA ALA A 48 3.30 3.71 5.86
C ALA A 48 4.14 4.47 6.88
N GLU A 49 4.03 5.79 6.88
CA GLU A 49 4.77 6.62 7.81
C GLU A 49 4.30 6.40 9.24
N GLU A 50 3.01 6.14 9.41
CA GLU A 50 2.44 5.90 10.73
C GLU A 50 2.81 4.52 11.24
N LEU A 51 2.80 3.54 10.36
CA LEU A 51 3.14 2.16 10.73
C LEU A 51 4.64 2.02 10.95
N PHE A 52 5.42 2.53 10.01
CA PHE A 52 6.87 2.47 10.11
C PHE A 52 7.36 3.05 11.42
N LYS A 53 6.58 3.97 11.99
CA LYS A 53 6.93 4.60 13.25
C LYS A 53 7.25 3.56 14.32
N LEU A 54 6.31 2.66 14.56
CA LEU A 54 6.49 1.60 15.55
C LEU A 54 7.42 0.51 15.02
N ALA A 55 7.54 0.43 13.71
CA ALA A 55 8.41 -0.56 13.07
C ALA A 55 9.82 -0.48 13.63
N GLU A 56 10.23 0.72 14.04
CA GLU A 56 11.56 0.93 14.58
C GLU A 56 11.66 0.41 16.02
N GLU A 57 10.51 0.37 16.70
CA GLU A 57 10.46 -0.11 18.08
C GLU A 57 10.87 -1.57 18.16
N ARG A 58 10.31 -2.39 17.28
CA ARG A 58 10.62 -3.81 17.26
C ARG A 58 11.91 -4.08 16.50
N LEU A 59 12.40 -3.07 15.78
CA LEU A 59 13.63 -3.19 15.00
C LEU A 59 14.66 -2.16 15.45
N LYS A 60 14.46 -0.91 15.02
CA LYS A 60 15.38 0.17 15.38
C LYS A 60 16.72 0.00 14.69
N LYS A 61 17.67 0.86 15.02
CA LYS A 61 19.01 0.81 14.43
C LYS A 61 18.95 1.14 12.94
N LEU A 62 17.90 1.84 12.53
CA LEU A 62 17.73 2.23 11.13
C LEU A 62 18.99 2.91 10.61
N MET B 1 -11.62 -2.09 -26.54
CA MET B 1 -10.90 -0.94 -27.06
C MET B 1 -10.35 -0.09 -25.92
N LYS B 2 -9.41 -0.65 -25.16
CA LYS B 2 -8.79 0.07 -24.05
C LYS B 2 -7.47 -0.58 -23.65
N LYS B 3 -6.59 0.21 -23.05
CA LYS B 3 -5.29 -0.28 -22.62
C LYS B 3 -4.54 0.79 -21.83
N LEU B 4 -4.64 2.03 -22.28
CA LEU B 4 -3.96 3.15 -21.62
C LEU B 4 -4.50 3.33 -20.20
N ARG B 5 -5.82 3.30 -20.07
CA ARG B 5 -6.45 3.47 -18.76
C ARG B 5 -6.23 2.25 -17.89
N GLU B 6 -6.36 1.06 -18.49
CA GLU B 6 -6.18 -0.19 -17.77
C GLU B 6 -4.83 -0.21 -17.06
N GLU B 7 -3.85 0.49 -17.64
CA GLU B 7 -2.51 0.54 -17.07
C GLU B 7 -2.53 1.21 -15.69
N ALA B 8 -3.08 2.42 -15.64
CA ALA B 8 -3.17 3.17 -14.39
C ALA B 8 -3.90 2.37 -13.32
N ALA B 9 -4.78 1.46 -13.75
CA ALA B 9 -5.54 0.63 -12.84
C ALA B 9 -4.65 -0.42 -12.18
N LYS B 10 -3.73 -0.98 -12.97
CA LYS B 10 -2.83 -1.99 -12.46
C LYS B 10 -2.05 -1.48 -11.25
N LEU B 11 -1.74 -0.19 -11.24
CA LEU B 11 -1.02 0.42 -10.14
C LEU B 11 -1.68 0.10 -8.80
N PHE B 12 -3.00 0.17 -8.77
CA PHE B 12 -3.75 -0.12 -7.55
C PHE B 12 -3.79 -1.62 -7.27
N GLU B 13 -3.68 -2.41 -8.33
CA GLU B 13 -3.70 -3.87 -8.20
C GLU B 13 -2.66 -4.34 -7.20
N GLU B 14 -1.54 -3.62 -7.14
CA GLU B 14 -0.45 -3.96 -6.23
C GLU B 14 -0.81 -3.58 -4.80
N TRP B 15 -1.64 -2.56 -4.65
CA TRP B 15 -2.05 -2.10 -3.32
C TRP B 15 -2.82 -3.19 -2.59
N LYS B 16 -3.83 -3.75 -3.25
CA LYS B 16 -4.65 -4.81 -2.65
C LYS B 16 -3.90 -6.13 -2.68
N LYS B 17 -3.08 -6.33 -3.70
CA LYS B 17 -2.31 -7.56 -3.84
C LYS B 17 -1.40 -7.77 -2.63
N LEU B 18 -0.47 -6.84 -2.43
CA LEU B 18 0.46 -6.93 -1.31
C LEU B 18 -0.29 -7.06 0.02
N ALA B 19 -1.35 -6.27 0.17
CA ALA B 19 -2.15 -6.30 1.38
C ALA B 19 -2.71 -7.69 1.64
N GLU B 20 -2.78 -8.50 0.58
CA GLU B 20 -3.30 -9.85 0.70
C GLU B 20 -2.30 -10.76 1.40
N GLU B 21 -1.05 -10.72 0.95
CA GLU B 21 0.00 -11.54 1.53
C GLU B 21 0.37 -11.03 2.93
N ALA B 22 0.66 -9.74 3.01
CA ALA B 22 1.04 -9.12 4.28
C ALA B 22 -0.02 -9.39 5.36
N ALA B 23 -1.27 -9.53 4.93
CA ALA B 23 -2.36 -9.79 5.86
C ALA B 23 -2.29 -11.20 6.40
N LYS B 24 -2.22 -12.19 5.49
CA LYS B 24 -2.16 -13.58 5.88
C LYS B 24 -0.86 -13.88 6.63
N LEU B 25 0.21 -13.18 6.27
CA LEU B 25 1.50 -13.36 6.90
C LEU B 25 1.54 -12.67 8.26
N LEU B 26 0.95 -11.49 8.33
CA LEU B 26 0.91 -10.73 9.58
C LEU B 26 0.41 -11.59 10.73
N GLU B 27 -0.73 -12.26 10.51
CA GLU B 27 -1.32 -13.12 11.52
C GLU B 27 -0.88 -14.57 11.32
N GLY B 28 0.11 -14.77 10.48
CA GLY B 28 0.60 -16.11 10.21
C GLY B 28 1.10 -16.80 11.46
N GLY B 29 1.32 -16.03 12.52
CA GLY B 29 1.80 -16.59 13.76
C GLY B 29 2.91 -15.76 14.38
N GLY B 30 2.72 -14.44 14.42
CA GLY B 30 3.72 -13.57 14.99
C GLY B 30 3.27 -12.11 15.00
N GLY B 31 3.52 -11.41 13.90
CA GLY B 31 3.14 -10.01 13.82
C GLY B 31 3.71 -9.18 14.94
N GLY B 32 2.85 -8.79 15.88
CA GLY B 32 3.30 -7.98 17.01
C GLY B 32 2.63 -8.38 18.31
N GLY B 33 1.70 -7.55 18.78
CA GLY B 33 1.00 -7.84 20.01
C GLY B 33 -0.46 -8.16 19.79
N GLY B 34 -1.08 -7.47 18.85
CA GLY B 34 -2.48 -7.70 18.56
C GLY B 34 -3.36 -6.53 18.95
N GLY B 35 -3.94 -5.86 17.96
CA GLY B 35 -4.80 -4.72 18.22
C GLY B 35 -4.64 -3.62 17.20
N GLU B 36 -4.56 -2.39 17.67
CA GLU B 36 -4.41 -1.23 16.78
C GLU B 36 -3.16 -1.39 15.91
N LEU B 37 -2.14 -2.03 16.45
CA LEU B 37 -0.89 -2.24 15.73
C LEU B 37 -1.12 -3.12 14.49
N MET B 38 -1.81 -4.23 14.68
CA MET B 38 -2.10 -5.15 13.59
C MET B 38 -3.15 -4.56 12.65
N LYS B 39 -4.20 -3.98 13.22
CA LYS B 39 -5.27 -3.38 12.44
C LYS B 39 -4.75 -2.19 11.64
N LEU B 40 -3.71 -1.54 12.16
CA LEU B 40 -3.12 -0.39 11.49
C LEU B 40 -2.75 -0.73 10.04
N CYS B 41 -2.16 -1.90 9.85
CA CYS B 41 -1.75 -2.34 8.52
C CYS B 41 -2.97 -2.78 7.70
N GLU B 42 -4.01 -3.23 8.39
CA GLU B 42 -5.22 -3.68 7.73
C GLU B 42 -5.76 -2.61 6.78
N GLU B 43 -5.43 -1.36 7.07
CA GLU B 43 -5.88 -0.23 6.26
C GLU B 43 -5.48 -0.44 4.80
N ALA B 44 -4.35 -1.08 4.58
CA ALA B 44 -3.86 -1.34 3.23
C ALA B 44 -4.94 -2.00 2.38
N ALA B 45 -5.65 -2.96 2.96
CA ALA B 45 -6.70 -3.67 2.26
C ALA B 45 -7.95 -2.81 2.12
N LYS B 46 -8.08 -1.82 3.00
CA LYS B 46 -9.22 -0.92 2.97
C LYS B 46 -9.07 0.13 1.89
N LYS B 47 -7.91 0.78 1.86
CA LYS B 47 -7.63 1.81 0.87
C LYS B 47 -7.64 1.23 -0.55
N ALA B 48 -7.03 0.06 -0.70
CA ALA B 48 -6.98 -0.61 -2.00
C ALA B 48 -8.38 -0.74 -2.60
N GLU B 49 -9.35 -1.08 -1.76
CA GLU B 49 -10.72 -1.24 -2.21
C GLU B 49 -11.33 0.11 -2.58
N GLU B 50 -10.91 1.16 -1.87
CA GLU B 50 -11.42 2.50 -2.11
C GLU B 50 -10.84 3.08 -3.40
N LEU B 51 -9.56 2.84 -3.63
CA LEU B 51 -8.88 3.33 -4.82
C LEU B 51 -9.32 2.56 -6.06
N PHE B 52 -9.21 1.24 -5.98
CA PHE B 52 -9.60 0.37 -7.09
C PHE B 52 -11.05 0.62 -7.50
N LYS B 53 -11.85 1.12 -6.55
CA LYS B 53 -13.25 1.40 -6.80
C LYS B 53 -13.42 2.28 -8.05
N LEU B 54 -12.75 3.43 -8.04
CA LEU B 54 -12.82 4.35 -9.16
C LEU B 54 -11.98 3.86 -10.34
N ALA B 55 -11.01 2.99 -10.04
CA ALA B 55 -10.14 2.43 -11.07
C ALA B 55 -10.97 1.80 -12.19
N GLU B 56 -12.13 1.29 -11.84
CA GLU B 56 -13.01 0.65 -12.83
C GLU B 56 -13.72 1.69 -13.67
N GLU B 57 -13.89 2.89 -13.13
CA GLU B 57 -14.56 3.98 -13.84
C GLU B 57 -13.78 4.37 -15.08
N ARG B 58 -12.47 4.53 -14.94
CA ARG B 58 -11.61 4.90 -16.05
C ARG B 58 -11.22 3.67 -16.88
N LEU B 59 -11.49 2.49 -16.33
CA LEU B 59 -11.18 1.25 -17.03
C LEU B 59 -12.44 0.41 -17.23
N LYS B 60 -12.89 -0.25 -16.16
CA LYS B 60 -14.09 -1.09 -16.23
C LYS B 60 -13.83 -2.34 -17.05
N LYS B 61 -14.88 -3.12 -17.26
CA LYS B 61 -14.77 -4.36 -18.03
C LYS B 61 -13.91 -5.38 -17.30
N LEU B 62 -13.79 -5.22 -15.99
CA LEU B 62 -13.00 -6.13 -15.17
C LEU B 62 -13.39 -7.59 -15.45
F1 HLT C . -0.91 -1.44 0.84
C2 HLT C . 0.07 -2.38 0.94
F2 HLT C . 0.25 -2.68 2.26
F3 HLT C . -0.33 -3.50 0.28
C1 HLT C . 1.42 -1.81 0.32
BR HLT C . 2.79 -3.08 0.50
CL HLT C . 1.14 -1.36 -1.37
HC1 HLT C . 1.70 -0.91 0.87
#